data_4LKG
#
_entry.id   4LKG
#
_cell.length_a   110.764
_cell.length_b   110.764
_cell.length_c   133.227
_cell.angle_alpha   90.00
_cell.angle_beta   90.00
_cell.angle_gamma   120.00
#
_symmetry.space_group_name_H-M   'P 3'
#
loop_
_entity.id
_entity.type
_entity.pdbx_description
1 polymer hemagglutinin
2 polymer hemagglutinin
3 branched 'N-acetyl-alpha-neuraminic acid-(2-3)-beta-D-galactopyranose-(1-4)-2-acetamido-2-deoxy-beta-D-glucopyranose'
4 branched 'N-acetyl-alpha-neuraminic acid-(2-3)-beta-D-galactopyranose'
5 non-polymer 2-acetamido-2-deoxy-beta-D-glucopyranose
#
loop_
_entity_poly.entity_id
_entity_poly.type
_entity_poly.pdbx_seq_one_letter_code
_entity_poly.pdbx_strand_id
1 'polypeptide(L)'
;DKICLGHHAVSNGTKVNTLTERGVEVVNATETVERTNIPRICSKGKRTVDLGQCGLLGTITGPPQCDQFLEFSADLIIER
REGSDVCYPGKFVNEEALRQILRESGGIDKEAMGFTYSGIRTNGATSSCRRSGSSFYAEMKWLLSNTDNAAFPQMTKSYK
NTRKNPALIVWGIHHSGSTAEQTKLYGSGNKLVTVGSSNYQQSFVPSPGARTQVNGQSGRIDFHWLMLNPNDTVTFSFNG
AFIAPDRASFLRGKSMGIQSGVQVDADCEGDCYYSGGTIISNLPFQNIDSRAVGKCPRYVKQRSLLLATGMKNVPE
;
A,C,E
2 'polypeptide(L)'
;GLFGAIAGFIENGWEGLIDGWYGFRHQNAQGEGTAADYKSTQSAIDQITGKLNRLIEKTNQQFELIDNEFTEVEKQIGNV
INWTRDSITEVWSYNAELLVAMENQHTIDLADSEMDKLYERVKRQLRENAEEDGTGCFEIFHKCDDDCMASIRNNTYDHS
KYREEAMQNR
;
B,D,F
#
# COMPACT_ATOMS: atom_id res chain seq x y z
N ASP A 1 -18.88 55.76 -57.43
CA ASP A 1 -18.07 56.94 -57.16
C ASP A 1 -16.77 56.59 -56.44
N LYS A 2 -16.81 55.52 -55.64
CA LYS A 2 -15.62 55.08 -54.91
C LYS A 2 -15.51 53.56 -54.79
N ILE A 3 -14.27 53.06 -54.84
CA ILE A 3 -14.00 51.64 -54.68
C ILE A 3 -12.97 51.42 -53.57
N CYS A 4 -13.20 50.40 -52.74
CA CYS A 4 -12.37 50.20 -51.55
C CYS A 4 -11.59 48.89 -51.58
N LEU A 5 -10.44 48.89 -50.92
CA LEU A 5 -9.60 47.70 -50.76
C LEU A 5 -9.67 47.21 -49.31
N GLY A 6 -9.92 45.92 -49.11
CA GLY A 6 -10.10 45.42 -47.76
C GLY A 6 -9.71 43.97 -47.52
N HIS A 7 -9.62 43.60 -46.26
CA HIS A 7 -9.27 42.24 -45.87
C HIS A 7 -10.30 41.70 -44.89
N HIS A 8 -10.44 40.38 -44.84
CA HIS A 8 -11.46 39.77 -44.00
C HIS A 8 -11.10 39.87 -42.53
N ALA A 9 -12.10 39.65 -41.68
CA ALA A 9 -11.89 39.70 -40.24
C ALA A 9 -12.98 38.89 -39.56
N VAL A 10 -12.77 38.56 -38.30
CA VAL A 10 -13.74 37.79 -37.55
C VAL A 10 -14.04 38.49 -36.23
N SER A 11 -15.08 38.02 -35.55
CA SER A 11 -15.44 38.56 -34.25
C SER A 11 -14.63 37.89 -33.17
N ASN A 12 -14.28 36.63 -33.40
CA ASN A 12 -13.53 35.84 -32.43
C ASN A 12 -12.24 35.27 -33.01
N GLY A 13 -11.19 36.09 -33.02
CA GLY A 13 -9.89 35.64 -33.45
C GLY A 13 -9.18 34.91 -32.33
N THR A 14 -8.04 34.30 -32.63
CA THR A 14 -7.27 33.59 -31.62
C THR A 14 -5.95 34.30 -31.33
N LYS A 15 -5.55 34.30 -30.07
CA LYS A 15 -4.34 35.00 -29.64
C LYS A 15 -3.07 34.17 -29.87
N VAL A 16 -2.07 34.81 -30.47
CA VAL A 16 -0.76 34.21 -30.67
C VAL A 16 0.33 35.18 -30.22
N ASN A 17 1.58 34.74 -30.29
CA ASN A 17 2.70 35.59 -29.89
C ASN A 17 3.63 35.89 -31.04
N THR A 18 4.28 37.05 -30.95
CA THR A 18 5.26 37.47 -31.96
C THR A 18 6.53 37.93 -31.26
N LEU A 19 7.48 38.40 -32.06
CA LEU A 19 8.72 38.97 -31.54
C LEU A 19 8.42 40.26 -30.80
N THR A 20 7.37 40.96 -31.25
CA THR A 20 7.12 42.32 -30.81
C THR A 20 5.98 42.44 -29.78
N GLU A 21 5.08 41.47 -29.76
CA GLU A 21 3.86 41.62 -28.97
C GLU A 21 3.37 40.29 -28.43
N ARG A 22 2.67 40.34 -27.30
CA ARG A 22 2.12 39.14 -26.69
C ARG A 22 0.60 39.13 -26.77
N GLY A 23 0.04 38.07 -27.34
CA GLY A 23 -1.40 37.89 -27.38
C GLY A 23 -2.11 38.70 -28.44
N VAL A 24 -1.40 39.06 -29.50
CA VAL A 24 -2.00 39.75 -30.64
C VAL A 24 -2.94 38.81 -31.38
N GLU A 25 -4.14 39.30 -31.68
CA GLU A 25 -5.20 38.47 -32.25
C GLU A 25 -5.05 38.31 -33.75
N VAL A 26 -5.15 37.06 -34.22
CA VAL A 26 -5.11 36.77 -35.65
C VAL A 26 -6.39 36.06 -36.05
N VAL A 27 -6.58 35.86 -37.35
CA VAL A 27 -7.79 35.21 -37.85
C VAL A 27 -7.85 33.73 -37.48
N ASN A 28 -6.85 32.97 -37.92
CA ASN A 28 -6.80 31.54 -37.65
C ASN A 28 -5.39 31.07 -37.27
N ALA A 29 -5.30 30.23 -36.24
CA ALA A 29 -4.02 29.67 -35.83
C ALA A 29 -4.12 28.16 -35.65
N THR A 30 -2.98 27.48 -35.68
CA THR A 30 -2.96 26.04 -35.46
C THR A 30 -1.97 25.63 -34.37
N GLU A 31 -2.24 24.50 -33.72
CA GLU A 31 -1.38 24.03 -32.64
C GLU A 31 -0.07 23.45 -33.19
N THR A 32 1.02 23.73 -32.48
CA THR A 32 2.34 23.28 -32.91
C THR A 32 2.95 22.28 -31.91
N VAL A 33 2.43 22.26 -30.69
CA VAL A 33 2.88 21.35 -29.65
C VAL A 33 1.84 20.27 -29.35
N GLU A 34 2.23 19.00 -29.51
CA GLU A 34 1.30 17.89 -29.35
C GLU A 34 1.09 17.48 -27.89
N ARG A 35 -0.16 17.19 -27.54
CA ARG A 35 -0.49 16.70 -26.20
C ARG A 35 -1.39 15.47 -26.27
N THR A 36 -1.80 15.10 -27.48
CA THR A 36 -2.74 14.00 -27.66
C THR A 36 -2.06 12.63 -27.58
N ASN A 37 -2.58 11.82 -26.66
CA ASN A 37 -2.06 10.49 -26.39
C ASN A 37 -2.73 9.44 -27.26
N ILE A 38 -2.24 8.21 -27.18
CA ILE A 38 -2.98 7.02 -27.58
C ILE A 38 -2.61 5.93 -26.57
N PRO A 39 -3.56 5.54 -25.72
CA PRO A 39 -3.29 4.73 -24.52
C PRO A 39 -2.97 3.27 -24.83
N ARG A 40 -2.35 3.01 -25.97
CA ARG A 40 -1.98 1.66 -26.37
C ARG A 40 -0.67 1.68 -27.15
N ILE A 41 -0.04 0.52 -27.30
CA ILE A 41 1.19 0.43 -28.09
C ILE A 41 0.83 0.07 -29.53
N CYS A 42 0.83 1.07 -30.41
CA CYS A 42 0.46 0.87 -31.79
C CYS A 42 1.51 0.04 -32.51
N SER A 43 1.21 -1.24 -32.69
CA SER A 43 2.22 -2.22 -33.11
C SER A 43 2.04 -2.73 -34.54
N LYS A 44 1.05 -2.20 -35.24
CA LYS A 44 0.76 -2.63 -36.61
C LYS A 44 1.97 -2.44 -37.52
N GLY A 45 2.35 -3.51 -38.21
CA GLY A 45 3.48 -3.47 -39.11
C GLY A 45 4.73 -4.06 -38.48
N LYS A 46 4.72 -4.20 -37.16
CA LYS A 46 5.89 -4.69 -36.44
C LYS A 46 5.59 -5.98 -35.69
N ARG A 47 6.57 -6.88 -35.68
CA ARG A 47 6.45 -8.11 -34.93
C ARG A 47 6.80 -7.88 -33.47
N THR A 48 5.78 -7.89 -32.62
CA THR A 48 5.93 -7.47 -31.23
C THR A 48 5.99 -8.62 -30.23
N VAL A 49 6.87 -8.48 -29.24
CA VAL A 49 6.97 -9.44 -28.14
C VAL A 49 6.69 -8.77 -26.80
N ASP A 50 5.60 -9.17 -26.16
CA ASP A 50 5.23 -8.66 -24.84
C ASP A 50 5.77 -9.59 -23.76
N LEU A 51 6.86 -9.19 -23.11
CA LEU A 51 7.55 -10.03 -22.16
C LEU A 51 6.75 -10.33 -20.89
N GLY A 52 5.86 -9.41 -20.52
CA GLY A 52 5.01 -9.60 -19.35
C GLY A 52 5.78 -9.96 -18.09
N GLN A 53 5.51 -11.15 -17.58
CA GLN A 53 6.14 -11.65 -16.37
C GLN A 53 7.65 -11.83 -16.52
N CYS A 54 8.09 -11.99 -17.76
CA CYS A 54 9.49 -12.27 -18.05
C CYS A 54 10.33 -11.01 -18.11
N GLY A 55 11.46 -11.04 -17.42
CA GLY A 55 12.42 -9.95 -17.47
C GLY A 55 13.33 -10.13 -18.67
N LEU A 56 13.72 -9.01 -19.30
CA LEU A 56 14.49 -9.06 -20.54
C LEU A 56 15.79 -9.86 -20.40
N LEU A 57 16.49 -9.68 -19.30
CA LEU A 57 17.74 -10.40 -19.09
C LEU A 57 17.48 -11.88 -18.80
N GLY A 58 16.24 -12.20 -18.43
CA GLY A 58 15.87 -13.56 -18.11
C GLY A 58 15.75 -14.44 -19.34
N THR A 59 15.64 -13.83 -20.51
CA THR A 59 15.53 -14.59 -21.74
C THR A 59 16.85 -15.29 -22.10
N ILE A 60 17.92 -14.89 -21.42
CA ILE A 60 19.25 -15.46 -21.66
C ILE A 60 19.55 -16.61 -20.70
N THR A 61 19.10 -16.46 -19.46
CA THR A 61 19.32 -17.47 -18.44
C THR A 61 18.15 -18.43 -18.31
N GLY A 62 16.95 -17.91 -18.56
CA GLY A 62 15.75 -18.73 -18.62
C GLY A 62 15.12 -19.18 -17.33
N PRO A 63 14.67 -18.23 -16.50
CA PRO A 63 13.85 -18.67 -15.37
C PRO A 63 12.47 -19.05 -15.90
N PRO A 64 11.67 -19.76 -15.10
CA PRO A 64 10.32 -20.21 -15.50
C PRO A 64 9.46 -19.12 -16.15
N GLN A 65 9.64 -17.86 -15.73
CA GLN A 65 8.91 -16.74 -16.35
C GLN A 65 9.23 -16.59 -17.83
N CYS A 66 10.42 -17.05 -18.22
CA CYS A 66 10.95 -16.78 -19.56
C CYS A 66 11.10 -18.00 -20.44
N ASP A 67 10.53 -19.14 -20.02
CA ASP A 67 10.52 -20.33 -20.86
C ASP A 67 9.83 -20.02 -22.17
N GLN A 68 8.89 -19.09 -22.10
CA GLN A 68 8.14 -18.60 -23.25
C GLN A 68 9.04 -17.98 -24.32
N PHE A 69 10.13 -17.34 -23.89
CA PHE A 69 10.91 -16.48 -24.80
C PHE A 69 12.40 -16.83 -24.90
N LEU A 70 12.76 -18.09 -24.69
CA LEU A 70 14.17 -18.47 -24.70
C LEU A 70 14.86 -18.24 -26.04
N GLU A 71 14.07 -18.09 -27.10
CA GLU A 71 14.61 -17.85 -28.43
C GLU A 71 13.70 -16.92 -29.23
N PHE A 72 13.25 -15.83 -28.62
CA PHE A 72 12.27 -14.94 -29.24
C PHE A 72 12.76 -14.25 -30.51
N SER A 73 11.83 -13.82 -31.35
CA SER A 73 12.15 -12.96 -32.49
C SER A 73 11.24 -11.74 -32.52
N ALA A 74 11.83 -10.54 -32.48
CA ALA A 74 11.04 -9.32 -32.40
C ALA A 74 11.56 -8.13 -33.21
N ASP A 75 10.62 -7.29 -33.65
CA ASP A 75 10.94 -5.96 -34.15
C ASP A 75 10.78 -4.98 -33.00
N LEU A 76 9.79 -5.24 -32.16
CA LEU A 76 9.48 -4.36 -31.05
C LEU A 76 9.42 -5.14 -29.74
N ILE A 77 10.36 -4.87 -28.85
CA ILE A 77 10.43 -5.56 -27.57
C ILE A 77 9.80 -4.70 -26.48
N ILE A 78 8.86 -5.28 -25.73
CA ILE A 78 8.18 -4.54 -24.67
C ILE A 78 8.46 -5.13 -23.28
N GLU A 79 9.05 -4.31 -22.42
CA GLU A 79 9.29 -4.70 -21.03
C GLU A 79 8.13 -4.27 -20.16
N ARG A 80 7.82 -5.09 -19.16
CA ARG A 80 6.76 -4.76 -18.21
C ARG A 80 7.34 -4.62 -16.81
N ARG A 81 6.63 -3.92 -15.93
CA ARG A 81 7.12 -3.68 -14.57
C ARG A 81 7.20 -4.97 -13.75
N GLU A 82 6.26 -5.89 -13.99
CA GLU A 82 6.22 -7.14 -13.24
C GLU A 82 7.26 -8.15 -13.73
N GLY A 83 8.09 -7.74 -14.68
CA GLY A 83 9.13 -8.60 -15.21
C GLY A 83 10.24 -8.86 -14.21
N SER A 84 10.77 -10.08 -14.23
CA SER A 84 11.89 -10.44 -13.38
C SER A 84 12.92 -11.25 -14.15
N ASP A 85 14.18 -10.88 -14.02
CA ASP A 85 15.27 -11.55 -14.72
C ASP A 85 15.73 -12.77 -13.94
N VAL A 86 15.01 -13.10 -12.88
CA VAL A 86 15.52 -14.00 -11.88
C VAL A 86 14.45 -14.88 -11.21
N CYS A 87 14.81 -16.11 -10.89
CA CYS A 87 14.00 -16.95 -10.02
C CYS A 87 14.70 -17.16 -8.68
N TYR A 88 15.91 -17.69 -8.72
CA TYR A 88 16.76 -17.72 -7.54
C TYR A 88 17.41 -16.34 -7.44
N PRO A 89 17.28 -15.69 -6.27
CA PRO A 89 17.70 -14.29 -6.07
C PRO A 89 19.13 -14.02 -6.55
N GLY A 90 19.35 -12.86 -7.16
CA GLY A 90 20.65 -12.47 -7.68
C GLY A 90 20.53 -11.30 -8.64
N LYS A 91 21.64 -10.59 -8.89
CA LYS A 91 21.66 -9.55 -9.90
C LYS A 91 22.46 -9.95 -11.12
N PHE A 92 22.46 -9.03 -12.07
CA PHE A 92 23.32 -9.09 -13.24
C PHE A 92 24.37 -8.00 -13.11
N VAL A 93 25.64 -8.35 -13.26
CA VAL A 93 26.70 -7.35 -13.29
C VAL A 93 26.69 -6.66 -14.65
N ASN A 94 26.73 -5.33 -14.63
CA ASN A 94 26.51 -4.51 -15.82
C ASN A 94 25.17 -4.84 -16.45
N GLU A 95 24.12 -4.81 -15.63
CA GLU A 95 22.79 -5.21 -16.07
C GLU A 95 22.23 -4.30 -17.17
N GLU A 96 22.22 -3.00 -16.93
CA GLU A 96 21.61 -2.06 -17.85
C GLU A 96 22.32 -2.01 -19.19
N ALA A 97 23.63 -2.27 -19.19
CA ALA A 97 24.37 -2.35 -20.44
C ALA A 97 23.84 -3.49 -21.27
N LEU A 98 23.75 -4.66 -20.65
CA LEU A 98 23.24 -5.86 -21.32
C LEU A 98 21.80 -5.68 -21.74
N ARG A 99 21.03 -4.99 -20.90
CA ARG A 99 19.64 -4.66 -21.23
C ARG A 99 19.56 -3.83 -22.49
N GLN A 100 20.49 -2.89 -22.64
CA GLN A 100 20.49 -1.99 -23.80
C GLN A 100 20.87 -2.74 -25.08
N ILE A 101 21.72 -3.75 -24.96
CA ILE A 101 22.10 -4.56 -26.12
C ILE A 101 20.93 -5.42 -26.60
N LEU A 102 20.22 -6.02 -25.65
CA LEU A 102 19.12 -6.93 -25.96
C LEU A 102 17.90 -6.23 -26.55
N ARG A 103 17.73 -4.95 -26.21
CA ARG A 103 16.60 -4.18 -26.70
C ARG A 103 16.63 -3.98 -28.21
N GLU A 104 17.83 -3.99 -28.78
CA GLU A 104 17.97 -3.77 -30.22
C GLU A 104 18.44 -5.03 -30.94
N SER A 105 18.52 -6.13 -30.20
CA SER A 105 19.09 -7.37 -30.73
C SER A 105 18.27 -7.98 -31.86
N GLY A 106 16.96 -7.68 -31.88
CA GLY A 106 16.08 -8.28 -32.86
C GLY A 106 15.55 -9.61 -32.38
N GLY A 107 16.16 -10.11 -31.30
CA GLY A 107 15.82 -11.40 -30.76
C GLY A 107 17.09 -12.19 -30.47
N ILE A 108 16.93 -13.39 -29.94
CA ILE A 108 18.08 -14.22 -29.62
C ILE A 108 17.95 -15.63 -30.16
N ASP A 109 18.99 -16.10 -30.82
CA ASP A 109 19.06 -17.46 -31.29
C ASP A 109 20.12 -18.16 -30.46
N LYS A 110 19.74 -19.22 -29.75
CA LYS A 110 20.68 -19.92 -28.88
C LYS A 110 21.37 -21.09 -29.59
N GLU A 111 22.52 -21.46 -29.05
CA GLU A 111 23.33 -22.55 -29.61
C GLU A 111 24.11 -23.23 -28.49
N ALA A 112 24.08 -24.56 -28.48
CA ALA A 112 24.70 -25.34 -27.41
C ALA A 112 26.21 -25.19 -27.40
N MET A 113 26.77 -25.06 -26.21
CA MET A 113 28.22 -24.94 -26.04
C MET A 113 28.84 -26.33 -25.84
N GLY A 114 28.00 -27.29 -25.49
CA GLY A 114 28.42 -28.68 -25.38
C GLY A 114 29.49 -28.95 -24.36
N PHE A 115 29.16 -28.80 -23.09
CA PHE A 115 30.07 -29.17 -22.02
C PHE A 115 29.68 -30.55 -21.46
N THR A 116 30.68 -31.36 -21.11
CA THR A 116 30.41 -32.67 -20.50
C THR A 116 31.09 -32.77 -19.14
N TYR A 117 30.32 -33.15 -18.12
CA TYR A 117 30.82 -33.15 -16.75
C TYR A 117 30.89 -34.56 -16.15
N SER A 118 32.10 -34.95 -15.75
CA SER A 118 32.33 -36.27 -15.16
C SER A 118 32.76 -36.17 -13.70
N GLY A 119 32.25 -37.08 -12.88
CA GLY A 119 32.62 -37.14 -11.48
C GLY A 119 31.89 -36.17 -10.57
N ILE A 120 30.94 -35.42 -11.14
CA ILE A 120 30.18 -34.45 -10.35
C ILE A 120 28.69 -34.52 -10.60
N ARG A 121 27.92 -33.97 -9.67
CA ARG A 121 26.49 -33.78 -9.88
C ARG A 121 26.32 -32.61 -10.85
N THR A 122 25.19 -32.58 -11.56
CA THR A 122 24.98 -31.59 -12.62
C THR A 122 23.57 -31.00 -12.52
N ASN A 123 22.69 -31.75 -11.88
CA ASN A 123 21.27 -31.44 -11.85
C ASN A 123 20.81 -30.72 -10.59
N GLY A 124 21.45 -29.60 -10.28
CA GLY A 124 21.07 -28.81 -9.13
C GLY A 124 19.74 -28.11 -9.34
N ALA A 125 18.97 -27.93 -8.27
CA ALA A 125 17.66 -27.32 -8.39
C ALA A 125 17.26 -26.58 -7.11
N THR A 126 16.14 -25.86 -7.18
CA THR A 126 15.69 -25.04 -6.07
C THR A 126 14.18 -24.84 -6.09
N SER A 127 13.61 -24.61 -4.92
CA SER A 127 12.17 -24.41 -4.78
C SER A 127 11.75 -23.06 -5.37
N SER A 128 12.74 -22.21 -5.64
CA SER A 128 12.49 -20.89 -6.20
C SER A 128 12.11 -20.97 -7.68
N CYS A 129 12.80 -21.82 -8.42
CA CYS A 129 12.48 -22.03 -9.83
C CYS A 129 11.50 -23.18 -9.98
N ARG A 130 10.22 -22.85 -10.12
CA ARG A 130 9.18 -23.86 -10.12
C ARG A 130 8.65 -24.19 -11.52
N ARG A 131 8.76 -25.46 -11.89
CA ARG A 131 8.10 -25.95 -13.09
C ARG A 131 7.17 -27.10 -12.72
N SER A 132 7.76 -28.23 -12.37
CA SER A 132 7.05 -29.31 -11.71
C SER A 132 7.75 -29.53 -10.39
N GLY A 133 7.56 -28.60 -9.46
CA GLY A 133 8.32 -28.62 -8.23
C GLY A 133 9.64 -27.92 -8.44
N SER A 134 10.65 -28.28 -7.65
CA SER A 134 11.96 -27.63 -7.72
C SER A 134 12.63 -27.82 -9.07
N SER A 135 13.29 -26.76 -9.54
CA SER A 135 14.04 -26.80 -10.79
C SER A 135 15.07 -25.68 -10.80
N PHE A 136 15.54 -25.34 -12.00
CA PHE A 136 16.57 -24.31 -12.13
C PHE A 136 16.42 -23.56 -13.46
N TYR A 137 17.35 -22.65 -13.73
CA TYR A 137 17.40 -21.91 -14.98
C TYR A 137 17.53 -22.87 -16.16
N ALA A 138 16.81 -22.60 -17.23
CA ALA A 138 16.73 -23.52 -18.36
C ALA A 138 17.97 -23.51 -19.24
N GLU A 139 18.82 -22.50 -19.05
CA GLU A 139 19.99 -22.32 -19.90
C GLU A 139 21.29 -22.58 -19.11
N MET A 140 21.15 -22.76 -17.81
CA MET A 140 22.30 -22.92 -16.93
C MET A 140 22.32 -24.30 -16.28
N LYS A 141 23.50 -24.69 -15.79
CA LYS A 141 23.67 -25.98 -15.11
C LYS A 141 24.25 -25.75 -13.72
N TRP A 142 23.53 -26.17 -12.69
CA TRP A 142 24.01 -25.97 -11.32
C TRP A 142 24.97 -27.10 -10.92
N LEU A 143 26.23 -26.94 -11.32
CA LEU A 143 27.26 -27.93 -11.03
C LEU A 143 27.44 -28.11 -9.54
N LEU A 144 27.31 -29.36 -9.09
CA LEU A 144 27.29 -29.66 -7.68
C LEU A 144 28.26 -30.80 -7.41
N SER A 145 28.86 -30.81 -6.22
CA SER A 145 29.72 -31.90 -5.82
C SER A 145 28.92 -33.20 -5.83
N ASN A 146 29.57 -34.29 -6.21
CA ASN A 146 28.89 -35.57 -6.41
C ASN A 146 28.05 -35.99 -5.22
N THR A 147 28.49 -35.63 -4.01
CA THR A 147 27.71 -35.82 -2.81
C THR A 147 28.00 -34.67 -1.85
N ASP A 148 27.45 -34.75 -0.64
CA ASP A 148 27.69 -33.73 0.37
C ASP A 148 29.17 -33.68 0.76
N ASN A 149 29.76 -32.49 0.65
CA ASN A 149 31.11 -32.20 1.11
C ASN A 149 32.25 -32.82 0.30
N ALA A 150 31.91 -33.72 -0.62
CA ALA A 150 32.89 -34.32 -1.51
C ALA A 150 33.61 -33.24 -2.32
N ALA A 151 34.92 -33.35 -2.42
CA ALA A 151 35.70 -32.34 -3.13
C ALA A 151 35.27 -32.17 -4.57
N PHE A 152 35.28 -30.92 -5.04
CA PHE A 152 34.91 -30.63 -6.41
C PHE A 152 36.16 -30.63 -7.28
N PRO A 153 36.28 -31.65 -8.15
CA PRO A 153 37.48 -31.82 -8.98
C PRO A 153 37.75 -30.61 -9.88
N GLN A 154 38.88 -29.95 -9.69
CA GLN A 154 39.24 -28.78 -10.48
C GLN A 154 39.09 -29.04 -11.98
N MET A 155 38.14 -28.35 -12.60
CA MET A 155 37.80 -28.59 -13.99
C MET A 155 38.11 -27.40 -14.89
N THR A 156 38.09 -27.65 -16.20
CA THR A 156 38.26 -26.61 -17.20
C THR A 156 37.36 -26.92 -18.39
N LYS A 157 36.64 -25.91 -18.86
CA LYS A 157 35.78 -26.06 -20.03
C LYS A 157 36.14 -25.05 -21.09
N SER A 158 35.67 -25.28 -22.30
CA SER A 158 36.05 -24.45 -23.44
C SER A 158 34.94 -24.41 -24.47
N TYR A 159 34.87 -23.31 -25.21
CA TYR A 159 33.87 -23.16 -26.25
C TYR A 159 34.29 -22.13 -27.28
N LYS A 160 34.34 -22.53 -28.54
CA LYS A 160 34.73 -21.63 -29.61
C LYS A 160 33.55 -21.21 -30.50
N ASN A 161 33.27 -19.92 -30.54
CA ASN A 161 32.27 -19.39 -31.45
C ASN A 161 32.79 -19.45 -32.88
N THR A 162 32.02 -20.06 -33.76
CA THR A 162 32.46 -20.25 -35.15
C THR A 162 31.57 -19.49 -36.12
N ARG A 163 30.65 -18.69 -35.60
CA ARG A 163 29.73 -17.94 -36.44
C ARG A 163 30.31 -16.56 -36.77
N LYS A 164 29.67 -15.86 -37.69
CA LYS A 164 30.20 -14.59 -38.18
C LYS A 164 29.90 -13.42 -37.25
N ASN A 165 28.89 -13.58 -36.41
CA ASN A 165 28.58 -12.59 -35.38
C ASN A 165 29.09 -13.06 -34.03
N PRO A 166 29.41 -12.10 -33.13
CA PRO A 166 29.94 -12.49 -31.81
C PRO A 166 28.90 -13.15 -30.90
N ALA A 167 29.38 -13.88 -29.90
CA ALA A 167 28.51 -14.69 -29.05
C ALA A 167 28.42 -14.18 -27.61
N LEU A 168 27.20 -13.97 -27.14
CA LEU A 168 26.97 -13.54 -25.76
C LEU A 168 27.04 -14.72 -24.81
N ILE A 169 28.11 -14.78 -24.02
CA ILE A 169 28.27 -15.82 -23.02
C ILE A 169 27.84 -15.31 -21.65
N VAL A 170 27.11 -16.14 -20.91
CA VAL A 170 26.64 -15.76 -19.59
C VAL A 170 26.87 -16.88 -18.58
N TRP A 171 27.57 -16.57 -17.49
CA TRP A 171 27.72 -17.52 -16.40
C TRP A 171 27.31 -16.90 -15.07
N GLY A 172 27.39 -17.70 -14.01
CA GLY A 172 26.97 -17.22 -12.70
C GLY A 172 27.83 -17.74 -11.57
N ILE A 173 27.97 -16.92 -10.53
CA ILE A 173 28.67 -17.32 -9.33
C ILE A 173 27.68 -17.48 -8.18
N HIS A 174 27.63 -18.67 -7.60
CA HIS A 174 26.71 -18.92 -6.50
C HIS A 174 27.32 -18.56 -5.16
N HIS A 175 26.74 -17.57 -4.50
CA HIS A 175 27.14 -17.18 -3.15
C HIS A 175 26.21 -17.87 -2.15
N SER A 176 26.77 -18.71 -1.29
CA SER A 176 25.97 -19.44 -0.33
C SER A 176 25.61 -18.60 0.88
N GLY A 177 24.60 -19.02 1.63
CA GLY A 177 24.14 -18.28 2.78
C GLY A 177 25.01 -18.50 4.01
N SER A 178 25.96 -19.42 3.91
CA SER A 178 26.84 -19.76 5.01
C SER A 178 28.02 -20.58 4.54
N THR A 179 29.04 -20.70 5.38
CA THR A 179 30.20 -21.51 5.06
C THR A 179 29.85 -22.99 5.22
N ALA A 180 28.82 -23.24 6.02
CA ALA A 180 28.35 -24.61 6.26
C ALA A 180 27.80 -25.25 4.99
N GLU A 181 26.87 -24.55 4.34
CA GLU A 181 26.24 -25.09 3.13
C GLU A 181 27.15 -24.95 1.91
N GLN A 182 28.11 -24.04 1.96
CA GLN A 182 29.05 -23.87 0.86
C GLN A 182 29.87 -25.13 0.65
N THR A 183 30.45 -25.64 1.74
CA THR A 183 31.24 -26.86 1.69
C THR A 183 30.32 -28.06 1.43
N LYS A 184 29.11 -27.99 1.98
CA LYS A 184 28.09 -29.02 1.78
C LYS A 184 27.76 -29.22 0.29
N LEU A 185 28.04 -28.21 -0.52
CA LEU A 185 27.71 -28.23 -1.94
C LEU A 185 28.93 -28.33 -2.86
N TYR A 186 30.08 -27.87 -2.37
CA TYR A 186 31.27 -27.81 -3.21
C TYR A 186 32.53 -28.29 -2.48
N GLY A 187 32.34 -28.82 -1.28
CA GLY A 187 33.46 -29.28 -0.49
C GLY A 187 34.15 -28.11 0.18
N SER A 188 35.03 -28.42 1.14
CA SER A 188 35.76 -27.39 1.86
C SER A 188 36.88 -26.79 1.03
N GLY A 189 37.58 -25.82 1.60
CA GLY A 189 38.63 -25.12 0.88
C GLY A 189 38.08 -23.99 0.03
N ASN A 190 38.93 -23.04 -0.32
CA ASN A 190 38.53 -21.89 -1.10
C ASN A 190 38.13 -22.26 -2.53
N LYS A 191 37.35 -21.39 -3.16
CA LYS A 191 36.88 -21.61 -4.53
C LYS A 191 37.24 -20.43 -5.41
N LEU A 192 37.50 -20.70 -6.69
CA LEU A 192 37.82 -19.66 -7.65
C LEU A 192 37.23 -19.98 -9.01
N VAL A 193 36.65 -18.97 -9.65
CA VAL A 193 36.11 -19.12 -10.99
C VAL A 193 36.70 -18.05 -11.90
N THR A 194 37.73 -18.42 -12.66
CA THR A 194 38.36 -17.50 -13.59
C THR A 194 37.82 -17.69 -15.01
N VAL A 195 37.77 -16.62 -15.78
CA VAL A 195 37.21 -16.66 -17.12
C VAL A 195 38.12 -15.93 -18.10
N GLY A 196 38.52 -16.61 -19.17
CA GLY A 196 39.45 -16.04 -20.11
C GLY A 196 39.04 -16.11 -21.56
N SER A 197 39.59 -15.19 -22.36
CA SER A 197 39.41 -15.20 -23.81
C SER A 197 40.41 -14.24 -24.44
N SER A 198 40.04 -13.65 -25.57
CA SER A 198 40.87 -12.61 -26.17
C SER A 198 40.56 -11.27 -25.49
N ASN A 199 39.39 -10.72 -25.79
CA ASN A 199 38.93 -9.48 -25.16
C ASN A 199 38.91 -9.56 -23.64
N TYR A 200 38.01 -10.38 -23.11
CA TYR A 200 37.78 -10.47 -21.67
C TYR A 200 39.01 -10.95 -20.90
N GLN A 201 39.03 -10.61 -19.61
CA GLN A 201 40.11 -10.98 -18.72
C GLN A 201 39.73 -10.59 -17.29
N GLN A 202 39.26 -11.57 -16.51
CA GLN A 202 38.90 -11.34 -15.12
C GLN A 202 38.85 -12.65 -14.32
N SER A 203 38.32 -12.58 -13.10
CA SER A 203 38.24 -13.73 -12.21
C SER A 203 37.16 -13.50 -11.13
N PHE A 204 36.75 -14.57 -10.45
CA PHE A 204 35.69 -14.47 -9.44
C PHE A 204 35.84 -15.42 -8.26
N VAL A 205 35.53 -14.91 -7.07
CA VAL A 205 35.54 -15.72 -5.85
C VAL A 205 34.21 -15.60 -5.14
N PRO A 206 33.61 -16.75 -4.77
CA PRO A 206 32.36 -16.72 -4.00
C PRO A 206 32.55 -16.06 -2.65
N SER A 207 31.42 -15.63 -2.11
CA SER A 207 31.32 -14.85 -0.89
C SER A 207 30.22 -15.46 -0.02
N PRO A 208 30.52 -16.56 0.69
CA PRO A 208 29.49 -17.14 1.57
C PRO A 208 29.21 -16.25 2.77
N GLY A 209 27.93 -16.09 3.13
CA GLY A 209 27.53 -15.27 4.26
C GLY A 209 26.03 -15.08 4.31
N ALA A 210 25.49 -14.80 5.49
CA ALA A 210 24.04 -14.69 5.65
C ALA A 210 23.48 -13.42 5.03
N ARG A 211 22.29 -13.54 4.46
CA ARG A 211 21.61 -12.39 3.87
C ARG A 211 20.11 -12.42 4.18
N THR A 212 19.37 -11.47 3.63
CA THR A 212 17.92 -11.45 3.79
C THR A 212 17.31 -12.63 3.08
N GLN A 213 16.08 -12.97 3.47
CA GLN A 213 15.39 -14.10 2.88
C GLN A 213 14.58 -13.61 1.69
N VAL A 214 15.26 -13.43 0.56
CA VAL A 214 14.62 -13.07 -0.70
C VAL A 214 14.21 -14.33 -1.45
N ASN A 215 12.91 -14.54 -1.59
CA ASN A 215 12.35 -15.69 -2.28
C ASN A 215 12.70 -17.02 -1.61
N GLY A 216 12.79 -17.00 -0.29
CA GLY A 216 13.04 -18.20 0.49
C GLY A 216 14.51 -18.52 0.70
N GLN A 217 15.38 -17.82 -0.03
CA GLN A 217 16.80 -18.13 0.00
C GLN A 217 17.66 -17.04 0.66
N SER A 218 18.77 -17.47 1.25
CA SER A 218 19.73 -16.55 1.86
C SER A 218 20.86 -16.29 0.89
N GLY A 219 21.12 -17.26 0.02
CA GLY A 219 22.19 -17.17 -0.95
C GLY A 219 21.80 -16.39 -2.18
N ARG A 220 22.79 -16.02 -2.98
CA ARG A 220 22.57 -15.24 -4.18
C ARG A 220 23.34 -15.82 -5.36
N ILE A 221 22.99 -15.40 -6.57
CA ILE A 221 23.73 -15.81 -7.75
C ILE A 221 24.15 -14.61 -8.58
N ASP A 222 25.45 -14.34 -8.59
CA ASP A 222 26.02 -13.25 -9.37
C ASP A 222 26.13 -13.65 -10.84
N PHE A 223 25.27 -13.10 -11.68
CA PHE A 223 25.32 -13.36 -13.11
C PHE A 223 26.26 -12.40 -13.82
N HIS A 224 27.24 -12.94 -14.50
CA HIS A 224 28.17 -12.12 -15.27
C HIS A 224 28.07 -12.49 -16.74
N TRP A 225 28.49 -11.58 -17.62
CA TRP A 225 28.45 -11.85 -19.05
C TRP A 225 29.67 -11.30 -19.76
N LEU A 226 29.84 -11.68 -21.02
CA LEU A 226 30.90 -11.15 -21.87
C LEU A 226 30.53 -11.41 -23.32
N MET A 227 31.20 -10.73 -24.23
CA MET A 227 30.95 -10.92 -25.65
C MET A 227 32.12 -11.67 -26.28
N LEU A 228 31.84 -12.87 -26.79
CA LEU A 228 32.88 -13.72 -27.37
C LEU A 228 32.99 -13.49 -28.88
N ASN A 229 34.18 -13.14 -29.34
CA ASN A 229 34.39 -12.82 -30.75
C ASN A 229 34.43 -14.06 -31.65
N PRO A 230 34.16 -13.88 -32.94
CA PRO A 230 34.33 -14.95 -33.93
C PRO A 230 35.73 -15.56 -33.82
N ASN A 231 35.83 -16.89 -33.95
CA ASN A 231 37.09 -17.62 -33.81
C ASN A 231 37.69 -17.64 -32.41
N ASP A 232 37.16 -16.83 -31.50
CA ASP A 232 37.68 -16.76 -30.14
C ASP A 232 37.18 -17.96 -29.34
N THR A 233 37.66 -18.11 -28.10
CA THR A 233 37.29 -19.28 -27.30
C THR A 233 37.24 -19.00 -25.78
N VAL A 234 36.05 -19.06 -25.20
CA VAL A 234 35.90 -18.88 -23.76
C VAL A 234 36.59 -20.01 -23.02
N THR A 235 37.03 -19.75 -21.79
CA THR A 235 37.60 -20.81 -20.96
C THR A 235 37.20 -20.68 -19.50
N PHE A 236 36.52 -21.69 -18.98
CA PHE A 236 36.03 -21.67 -17.60
C PHE A 236 36.80 -22.60 -16.67
N SER A 237 37.64 -22.02 -15.83
CA SER A 237 38.36 -22.77 -14.81
C SER A 237 37.67 -22.58 -13.47
N PHE A 238 37.37 -23.68 -12.79
CA PHE A 238 36.58 -23.61 -11.57
C PHE A 238 36.67 -24.87 -10.72
N ASN A 239 36.19 -24.78 -9.48
CA ASN A 239 36.19 -25.90 -8.55
C ASN A 239 35.06 -25.78 -7.54
N GLY A 240 33.99 -25.10 -7.94
CA GLY A 240 32.83 -24.89 -7.09
C GLY A 240 32.17 -23.54 -7.29
N ALA A 241 30.98 -23.39 -6.71
CA ALA A 241 30.22 -22.14 -6.75
C ALA A 241 30.01 -21.61 -8.16
N PHE A 242 30.03 -22.50 -9.15
CA PHE A 242 29.94 -22.12 -10.55
C PHE A 242 28.60 -22.53 -11.16
N ILE A 243 27.91 -21.57 -11.74
CA ILE A 243 26.66 -21.85 -12.42
C ILE A 243 26.94 -21.86 -13.92
N ALA A 244 27.30 -23.02 -14.43
CA ALA A 244 27.72 -23.14 -15.82
C ALA A 244 26.55 -22.92 -16.77
N PRO A 245 26.86 -22.41 -17.97
CA PRO A 245 25.84 -22.27 -19.02
C PRO A 245 25.78 -23.49 -19.92
N ASP A 246 24.64 -23.70 -20.57
CA ASP A 246 24.52 -24.79 -21.52
C ASP A 246 24.52 -24.24 -22.94
N ARG A 247 24.04 -23.01 -23.08
CA ARG A 247 23.83 -22.42 -24.39
C ARG A 247 24.30 -20.97 -24.48
N ALA A 248 24.91 -20.62 -25.61
CA ALA A 248 25.34 -19.27 -25.88
C ALA A 248 24.32 -18.57 -26.75
N SER A 249 24.17 -17.26 -26.57
CA SER A 249 23.15 -16.51 -27.27
C SER A 249 23.75 -15.73 -28.44
N PHE A 250 22.95 -15.57 -29.49
CA PHE A 250 23.36 -14.85 -30.69
C PHE A 250 22.26 -13.88 -31.06
N LEU A 251 22.65 -12.67 -31.46
CA LEU A 251 21.68 -11.65 -31.80
C LEU A 251 21.19 -11.82 -33.23
N ARG A 252 19.87 -11.80 -33.40
CA ARG A 252 19.26 -12.06 -34.69
C ARG A 252 19.44 -10.89 -35.65
N GLY A 253 18.81 -9.76 -35.35
CA GLY A 253 18.87 -8.64 -36.25
C GLY A 253 18.82 -7.28 -35.58
N LYS A 254 17.71 -6.58 -35.78
CA LYS A 254 17.57 -5.24 -35.26
C LYS A 254 16.17 -5.04 -34.69
N SER A 255 16.11 -4.45 -33.51
CA SER A 255 14.82 -4.15 -32.88
C SER A 255 14.91 -2.89 -32.07
N MET A 256 13.85 -2.61 -31.33
CA MET A 256 13.82 -1.44 -30.46
C MET A 256 12.96 -1.74 -29.25
N GLY A 257 13.56 -1.60 -28.07
CA GLY A 257 12.89 -1.91 -26.83
C GLY A 257 12.30 -0.70 -26.15
N ILE A 258 11.13 -0.87 -25.56
CA ILE A 258 10.48 0.18 -24.80
C ILE A 258 9.99 -0.37 -23.47
N GLN A 259 9.56 0.52 -22.59
CA GLN A 259 8.98 0.13 -21.31
C GLN A 259 7.62 0.78 -21.15
N SER A 260 6.57 -0.03 -21.12
CA SER A 260 5.22 0.50 -21.10
C SER A 260 4.29 -0.25 -20.17
N GLY A 261 3.19 0.40 -19.81
CA GLY A 261 2.18 -0.20 -18.96
C GLY A 261 0.80 -0.16 -19.59
N VAL A 262 0.76 -0.15 -20.91
CA VAL A 262 -0.51 -0.14 -21.65
C VAL A 262 -0.54 -1.26 -22.68
N GLN A 263 -1.75 -1.73 -22.99
CA GLN A 263 -1.91 -2.88 -23.87
C GLN A 263 -1.42 -2.63 -25.29
N VAL A 264 -1.10 -3.71 -25.99
CA VAL A 264 -0.64 -3.65 -27.38
C VAL A 264 -1.85 -3.42 -28.30
N ASP A 265 -1.57 -3.08 -29.55
CA ASP A 265 -2.63 -2.86 -30.54
C ASP A 265 -2.05 -3.01 -31.94
N ALA A 266 -2.35 -4.14 -32.57
CA ALA A 266 -1.81 -4.44 -33.89
C ALA A 266 -2.65 -3.83 -35.00
N ASP A 267 -3.54 -2.91 -34.63
CA ASP A 267 -4.41 -2.27 -35.60
C ASP A 267 -3.98 -0.84 -35.94
N CYS A 268 -3.40 -0.16 -34.96
CA CYS A 268 -2.90 1.20 -35.22
C CYS A 268 -1.41 1.16 -35.53
N GLU A 269 -0.98 2.05 -36.41
CA GLU A 269 0.42 2.15 -36.79
C GLU A 269 1.10 3.22 -35.95
N GLY A 270 2.32 2.95 -35.51
CA GLY A 270 3.03 3.86 -34.62
C GLY A 270 4.53 3.91 -34.83
N ASP A 271 5.18 4.92 -34.27
CA ASP A 271 6.60 5.12 -34.44
C ASP A 271 7.27 5.75 -33.21
N CYS A 272 6.51 6.57 -32.50
CA CYS A 272 6.99 7.19 -31.28
C CYS A 272 6.30 6.53 -30.09
N TYR A 273 7.09 5.96 -29.18
CA TYR A 273 6.52 5.27 -28.03
C TYR A 273 6.97 5.88 -26.71
N TYR A 274 6.15 5.67 -25.68
CA TYR A 274 6.53 6.00 -24.32
C TYR A 274 5.73 5.12 -23.37
N SER A 275 5.93 5.30 -22.07
CA SER A 275 5.33 4.39 -21.08
C SER A 275 3.81 4.36 -21.14
N GLY A 276 3.20 5.46 -21.58
CA GLY A 276 1.76 5.59 -21.57
C GLY A 276 1.06 5.32 -22.88
N GLY A 277 1.82 4.88 -23.88
CA GLY A 277 1.24 4.56 -25.17
C GLY A 277 2.06 5.04 -26.35
N THR A 278 1.35 5.52 -27.38
CA THR A 278 1.99 5.92 -28.62
C THR A 278 1.66 7.37 -28.97
N ILE A 279 2.65 8.11 -29.46
CA ILE A 279 2.46 9.47 -29.91
C ILE A 279 2.46 9.51 -31.44
N ILE A 280 1.28 9.63 -32.03
CA ILE A 280 1.15 9.75 -33.48
C ILE A 280 0.76 11.17 -33.85
N SER A 281 1.72 11.93 -34.35
CA SER A 281 1.49 13.35 -34.60
C SER A 281 2.29 13.83 -35.81
N ASN A 282 1.83 14.92 -36.41
CA ASN A 282 2.59 15.57 -37.47
C ASN A 282 3.30 16.80 -36.93
N LEU A 283 2.87 17.26 -35.77
CA LEU A 283 3.41 18.47 -35.15
C LEU A 283 4.88 18.28 -34.82
N PRO A 284 5.67 19.36 -34.92
CA PRO A 284 7.11 19.29 -34.66
C PRO A 284 7.48 19.04 -33.20
N PHE A 285 6.61 19.42 -32.27
CA PHE A 285 6.94 19.29 -30.84
C PHE A 285 5.87 18.55 -30.05
N GLN A 286 6.30 17.98 -28.92
CA GLN A 286 5.39 17.30 -28.01
C GLN A 286 5.67 17.70 -26.57
N ASN A 287 4.65 17.56 -25.72
CA ASN A 287 4.75 17.92 -24.30
C ASN A 287 4.19 16.78 -23.44
N ILE A 288 4.38 15.55 -23.93
CA ILE A 288 3.84 14.39 -23.25
C ILE A 288 4.86 13.71 -22.34
N ASP A 289 5.95 13.24 -22.92
CA ASP A 289 6.98 12.52 -22.18
C ASP A 289 8.37 12.81 -22.75
N SER A 290 9.24 13.35 -21.92
CA SER A 290 10.59 13.72 -22.35
C SER A 290 11.44 12.52 -22.73
N ARG A 291 11.07 11.34 -22.22
CA ARG A 291 11.85 10.13 -22.45
C ARG A 291 11.24 9.25 -23.55
N ALA A 292 10.49 9.87 -24.44
CA ALA A 292 9.85 9.15 -25.54
C ALA A 292 10.90 8.62 -26.50
N VAL A 293 10.64 7.45 -27.08
CA VAL A 293 11.60 6.80 -27.96
C VAL A 293 11.03 6.47 -29.33
N GLY A 294 11.94 6.24 -30.28
CA GLY A 294 11.58 6.01 -31.66
C GLY A 294 11.81 7.28 -32.45
N LYS A 295 11.02 7.47 -33.51
CA LYS A 295 11.07 8.71 -34.26
C LYS A 295 9.98 9.66 -33.75
N CYS A 296 10.39 10.63 -32.95
CA CYS A 296 9.43 11.44 -32.19
C CYS A 296 9.57 12.94 -32.43
N PRO A 297 8.49 13.68 -32.15
CA PRO A 297 8.58 15.14 -32.09
C PRO A 297 9.52 15.54 -30.97
N ARG A 298 10.12 16.71 -31.08
CA ARG A 298 11.04 17.20 -30.06
C ARG A 298 10.28 17.57 -28.78
N TYR A 299 10.79 17.14 -27.63
CA TYR A 299 10.15 17.47 -26.37
C TYR A 299 10.43 18.91 -25.96
N VAL A 300 9.37 19.65 -25.62
CA VAL A 300 9.50 21.02 -25.16
C VAL A 300 8.71 21.21 -23.87
N LYS A 301 9.12 22.19 -23.06
CA LYS A 301 8.49 22.49 -21.78
C LYS A 301 7.08 23.02 -21.91
N GLN A 302 6.84 23.82 -22.95
CA GLN A 302 5.58 24.53 -23.13
C GLN A 302 4.41 23.59 -23.40
N ARG A 303 3.24 23.97 -22.89
CA ARG A 303 2.02 23.19 -23.07
C ARG A 303 1.41 23.49 -24.43
N SER A 304 1.60 24.72 -24.89
CA SER A 304 1.04 25.15 -26.17
C SER A 304 1.84 26.28 -26.81
N LEU A 305 2.02 26.19 -28.12
CA LEU A 305 2.66 27.24 -28.90
C LEU A 305 1.90 27.37 -30.21
N LEU A 306 1.21 28.49 -30.40
CA LEU A 306 0.32 28.65 -31.54
C LEU A 306 0.95 29.38 -32.71
N LEU A 307 0.97 28.69 -33.86
CA LEU A 307 1.48 29.25 -35.10
C LEU A 307 0.31 29.86 -35.88
N ALA A 308 0.38 31.17 -36.13
CA ALA A 308 -0.67 31.86 -36.86
C ALA A 308 -0.74 31.36 -38.31
N THR A 309 -1.95 31.08 -38.77
CA THR A 309 -2.15 30.73 -40.18
C THR A 309 -3.04 31.74 -40.90
N GLY A 310 -3.32 32.85 -40.22
CA GLY A 310 -4.10 33.93 -40.78
C GLY A 310 -3.48 35.28 -40.47
N MET A 311 -4.13 36.34 -40.94
CA MET A 311 -3.61 37.69 -40.78
C MET A 311 -4.03 38.30 -39.45
N LYS A 312 -3.47 39.47 -39.14
CA LYS A 312 -3.84 40.22 -37.95
C LYS A 312 -5.33 40.56 -38.04
N ASN A 313 -6.06 40.25 -36.96
CA ASN A 313 -7.51 40.41 -36.95
C ASN A 313 -7.96 41.76 -36.39
N VAL A 314 -8.59 42.56 -37.26
CA VAL A 314 -9.12 43.86 -36.87
C VAL A 314 -10.64 43.89 -37.06
N PRO A 315 -11.39 43.65 -35.97
CA PRO A 315 -12.86 43.52 -36.03
C PRO A 315 -13.57 44.77 -36.53
N GLU A 316 -14.86 44.64 -36.81
CA GLU A 316 -15.66 45.72 -37.34
C GLU A 316 -16.50 46.38 -36.24
N GLY B 1 1.80 44.80 -37.95
CA GLY B 1 2.56 44.47 -39.14
C GLY B 1 3.45 45.61 -39.60
N LEU B 2 4.42 45.28 -40.45
CA LEU B 2 5.43 46.23 -40.88
C LEU B 2 5.07 47.04 -42.13
N PHE B 3 3.88 46.82 -42.68
CA PHE B 3 3.54 47.43 -43.96
C PHE B 3 2.34 48.38 -43.91
N GLY B 4 1.91 48.72 -42.69
CA GLY B 4 0.92 49.77 -42.49
C GLY B 4 -0.46 49.55 -43.07
N ALA B 5 -0.70 48.37 -43.64
CA ALA B 5 -2.01 48.07 -44.22
C ALA B 5 -2.99 47.63 -43.15
N ILE B 6 -2.86 46.37 -42.74
CA ILE B 6 -3.69 45.84 -41.67
C ILE B 6 -3.36 46.60 -40.38
N ALA B 7 -4.42 47.11 -39.74
CA ALA B 7 -4.29 47.99 -38.58
C ALA B 7 -3.53 49.27 -38.94
N GLY B 8 -3.92 49.87 -40.05
CA GLY B 8 -3.29 51.09 -40.52
C GLY B 8 -4.30 52.02 -41.18
N PHE B 9 -4.14 52.27 -42.48
CA PHE B 9 -5.07 53.13 -43.20
C PHE B 9 -6.44 52.47 -43.31
N ILE B 10 -6.48 51.22 -43.76
CA ILE B 10 -7.70 50.44 -43.69
C ILE B 10 -7.99 50.27 -42.22
N GLU B 11 -8.88 51.11 -41.73
CA GLU B 11 -9.18 51.25 -40.32
C GLU B 11 -9.54 49.91 -39.67
N ASN B 12 -10.09 49.00 -40.47
CA ASN B 12 -10.44 47.66 -39.98
C ASN B 12 -10.66 46.64 -41.09
N GLY B 13 -11.09 45.46 -40.67
CA GLY B 13 -11.37 44.39 -41.60
C GLY B 13 -12.85 44.17 -41.81
N TRP B 14 -13.19 43.35 -42.80
CA TRP B 14 -14.58 43.12 -43.15
C TRP B 14 -15.03 41.72 -42.77
N GLU B 15 -15.89 41.63 -41.77
CA GLU B 15 -16.41 40.34 -41.34
C GLU B 15 -17.34 39.72 -42.39
N GLY B 16 -17.77 40.54 -43.34
CA GLY B 16 -18.64 40.08 -44.41
C GLY B 16 -17.89 39.46 -45.57
N LEU B 17 -16.56 39.59 -45.55
CA LEU B 17 -15.74 39.03 -46.63
C LEU B 17 -15.43 37.56 -46.37
N ILE B 18 -16.41 36.69 -46.66
CA ILE B 18 -16.26 35.26 -46.43
C ILE B 18 -15.78 34.55 -47.69
N ASP B 19 -15.84 35.24 -48.82
CA ASP B 19 -15.42 34.68 -50.11
C ASP B 19 -13.92 34.38 -50.15
N GLY B 20 -13.13 35.29 -49.60
CA GLY B 20 -11.69 35.15 -49.63
C GLY B 20 -11.01 36.01 -48.58
N TRP B 21 -9.70 36.18 -48.70
CA TRP B 21 -8.93 36.92 -47.72
C TRP B 21 -8.95 38.42 -48.02
N TYR B 22 -8.75 38.78 -49.29
CA TYR B 22 -8.79 40.16 -49.71
C TYR B 22 -9.93 40.37 -50.70
N GLY B 23 -10.42 41.60 -50.79
CA GLY B 23 -11.53 41.89 -51.69
C GLY B 23 -11.80 43.37 -51.92
N PHE B 24 -12.72 43.65 -52.83
CA PHE B 24 -13.11 45.02 -53.15
C PHE B 24 -14.51 45.35 -52.62
N ARG B 25 -14.71 46.61 -52.27
CA ARG B 25 -16.02 47.10 -51.89
C ARG B 25 -16.25 48.46 -52.52
N HIS B 26 -17.22 48.54 -53.44
CA HIS B 26 -17.44 49.72 -54.25
C HIS B 26 -18.81 50.32 -53.97
N GLN B 27 -18.96 51.62 -54.24
CA GLN B 27 -20.26 52.27 -54.12
C GLN B 27 -20.52 53.18 -55.31
N ASN B 28 -21.55 52.86 -56.09
CA ASN B 28 -21.84 53.62 -57.29
C ASN B 28 -23.32 53.99 -57.46
N ALA B 29 -23.74 54.13 -58.71
CA ALA B 29 -25.11 54.46 -59.04
C ALA B 29 -26.04 53.31 -58.68
N GLN B 30 -25.73 52.11 -59.17
CA GLN B 30 -26.57 50.94 -58.96
C GLN B 30 -26.54 50.45 -57.51
N GLY B 31 -25.64 50.99 -56.70
CA GLY B 31 -25.59 50.66 -55.29
C GLY B 31 -24.22 50.36 -54.75
N GLU B 32 -24.11 49.24 -54.03
CA GLU B 32 -22.86 48.85 -53.40
C GLU B 32 -22.66 47.33 -53.45
N GLY B 33 -21.45 46.91 -53.77
CA GLY B 33 -21.12 45.50 -53.82
C GLY B 33 -19.84 45.17 -53.09
N THR B 34 -19.62 43.88 -52.84
CA THR B 34 -18.42 43.40 -52.19
C THR B 34 -18.01 42.04 -52.74
N ALA B 35 -16.85 41.98 -53.39
CA ALA B 35 -16.37 40.73 -53.98
C ALA B 35 -14.88 40.53 -53.70
N ALA B 36 -14.49 39.28 -53.46
CA ALA B 36 -13.12 38.98 -53.09
C ALA B 36 -12.20 38.74 -54.27
N ASP B 37 -10.92 39.05 -54.08
CA ASP B 37 -9.89 38.82 -55.09
C ASP B 37 -9.22 37.47 -54.86
N TYR B 38 -9.49 36.53 -55.77
CA TYR B 38 -8.94 35.18 -55.68
C TYR B 38 -7.41 35.15 -55.74
N LYS B 39 -6.84 35.90 -56.69
CA LYS B 39 -5.41 35.85 -56.95
C LYS B 39 -4.56 36.18 -55.73
N SER B 40 -4.94 37.23 -55.00
CA SER B 40 -4.19 37.66 -53.84
C SER B 40 -4.49 36.76 -52.64
N THR B 41 -5.73 36.32 -52.53
CA THR B 41 -6.13 35.39 -51.48
C THR B 41 -5.32 34.10 -51.57
N GLN B 42 -5.17 33.59 -52.79
CA GLN B 42 -4.42 32.36 -53.01
C GLN B 42 -2.94 32.57 -52.73
N SER B 43 -2.42 33.74 -53.10
CA SER B 43 -1.02 34.07 -52.89
C SER B 43 -0.64 33.97 -51.42
N ALA B 44 -1.48 34.55 -50.55
CA ALA B 44 -1.26 34.53 -49.12
C ALA B 44 -1.42 33.12 -48.56
N ILE B 45 -2.46 32.42 -49.02
CA ILE B 45 -2.72 31.04 -48.60
C ILE B 45 -1.58 30.10 -48.97
N ASP B 46 -1.05 30.26 -50.17
CA ASP B 46 0.05 29.41 -50.65
C ASP B 46 1.30 29.57 -49.81
N GLN B 47 1.51 30.77 -49.29
CA GLN B 47 2.69 31.07 -48.48
C GLN B 47 2.53 30.60 -47.04
N ILE B 48 1.29 30.59 -46.55
CA ILE B 48 1.00 30.06 -45.23
C ILE B 48 1.10 28.53 -45.25
N THR B 49 0.64 27.92 -46.34
CA THR B 49 0.76 26.48 -46.54
C THR B 49 2.22 26.08 -46.67
N GLY B 50 3.00 26.94 -47.32
CA GLY B 50 4.42 26.72 -47.49
C GLY B 50 5.13 26.69 -46.15
N LYS B 51 4.64 27.50 -45.22
CA LYS B 51 5.14 27.47 -43.85
C LYS B 51 4.74 26.17 -43.18
N LEU B 52 3.53 25.71 -43.47
CA LEU B 52 2.99 24.51 -42.85
C LEU B 52 3.75 23.24 -43.26
N ASN B 53 3.96 23.09 -44.56
CA ASN B 53 4.63 21.90 -45.09
C ASN B 53 6.04 21.72 -44.52
N ARG B 54 6.75 22.83 -44.35
CA ARG B 54 8.12 22.82 -43.88
C ARG B 54 8.18 22.63 -42.37
N LEU B 55 7.16 23.09 -41.67
CA LEU B 55 7.13 22.98 -40.21
C LEU B 55 6.51 21.67 -39.72
N ILE B 56 5.74 21.02 -40.59
CA ILE B 56 5.28 19.67 -40.28
C ILE B 56 6.40 18.75 -40.78
N GLU B 57 7.42 18.63 -39.94
CA GLU B 57 8.68 18.00 -40.30
C GLU B 57 8.84 16.68 -39.55
N LYS B 58 9.32 15.67 -40.25
CA LYS B 58 9.58 14.38 -39.63
C LYS B 58 11.07 14.07 -39.71
N THR B 59 11.68 13.78 -38.56
CA THR B 59 13.07 13.37 -38.55
C THR B 59 13.15 11.85 -38.62
N ASN B 60 14.07 11.34 -39.44
CA ASN B 60 14.27 9.90 -39.56
C ASN B 60 15.22 9.43 -38.47
N GLN B 61 15.55 10.33 -37.56
CA GLN B 61 16.46 10.03 -36.47
C GLN B 61 15.76 9.28 -35.35
N GLN B 62 16.23 8.06 -35.08
CA GLN B 62 15.65 7.24 -34.03
C GLN B 62 16.47 7.32 -32.76
N PHE B 63 15.80 7.58 -31.65
CA PHE B 63 16.45 7.59 -30.35
C PHE B 63 15.92 6.44 -29.50
N GLU B 64 16.83 5.72 -28.84
CA GLU B 64 16.44 4.62 -27.97
C GLU B 64 16.70 4.93 -26.50
N LEU B 65 16.38 3.97 -25.64
CA LEU B 65 16.51 4.13 -24.19
C LEU B 65 17.96 4.16 -23.73
N ILE B 66 18.28 5.13 -22.88
CA ILE B 66 19.54 5.11 -22.15
C ILE B 66 19.23 5.14 -20.65
N ASP B 67 17.96 5.38 -20.34
CA ASP B 67 17.44 5.34 -18.98
C ASP B 67 16.78 4.00 -18.71
N ASN B 68 16.30 3.84 -17.49
CA ASN B 68 15.46 2.70 -17.12
C ASN B 68 14.43 3.17 -16.09
N GLU B 69 13.16 2.89 -16.37
CA GLU B 69 12.05 3.37 -15.57
C GLU B 69 11.71 2.43 -14.41
N PHE B 70 12.02 1.15 -14.59
CA PHE B 70 11.65 0.13 -13.61
C PHE B 70 12.78 -0.21 -12.64
N THR B 71 14.02 -0.08 -13.11
CA THR B 71 15.18 -0.32 -12.26
C THR B 71 16.20 0.79 -12.47
N GLU B 72 16.19 1.76 -11.56
CA GLU B 72 17.00 2.98 -11.70
C GLU B 72 18.49 2.68 -11.91
N VAL B 73 19.09 3.38 -12.86
CA VAL B 73 20.50 3.18 -13.19
C VAL B 73 21.40 3.72 -12.08
N GLU B 74 22.70 3.58 -12.24
CA GLU B 74 23.65 4.06 -11.24
C GLU B 74 23.57 5.57 -11.12
N LYS B 75 23.64 6.05 -9.88
CA LYS B 75 23.36 7.46 -9.56
C LYS B 75 24.17 8.47 -10.37
N GLN B 76 25.45 8.23 -10.55
CA GLN B 76 26.30 9.21 -11.25
C GLN B 76 25.97 9.27 -12.74
N ILE B 77 25.92 8.12 -13.39
CA ILE B 77 25.60 8.07 -14.81
C ILE B 77 24.16 8.52 -15.06
N GLY B 78 23.30 8.36 -14.06
CA GLY B 78 21.91 8.76 -14.18
C GLY B 78 21.77 10.26 -14.08
N ASN B 79 22.59 10.87 -13.23
CA ASN B 79 22.59 12.32 -13.08
C ASN B 79 23.16 13.04 -14.29
N VAL B 80 24.14 12.43 -14.96
CA VAL B 80 24.70 12.98 -16.18
C VAL B 80 23.67 12.91 -17.31
N ILE B 81 23.01 11.77 -17.43
CA ILE B 81 21.93 11.57 -18.39
C ILE B 81 20.78 12.54 -18.15
N ASN B 82 20.35 12.69 -16.90
CA ASN B 82 19.29 13.62 -16.53
C ASN B 82 19.69 15.07 -16.79
N TRP B 83 20.97 15.37 -16.57
CA TRP B 83 21.51 16.71 -16.80
C TRP B 83 21.59 17.00 -18.30
N THR B 84 22.01 16.02 -19.09
CA THR B 84 22.12 16.20 -20.52
C THR B 84 20.76 16.42 -21.17
N ARG B 85 19.79 15.58 -20.81
CA ARG B 85 18.44 15.68 -21.36
C ARG B 85 17.81 17.01 -21.00
N ASP B 86 18.00 17.43 -19.75
CA ASP B 86 17.44 18.69 -19.27
C ASP B 86 17.98 19.88 -20.04
N SER B 87 19.28 19.84 -20.33
CA SER B 87 19.94 20.92 -21.07
C SER B 87 19.48 20.99 -22.53
N ILE B 88 19.07 19.85 -23.06
CA ILE B 88 18.61 19.76 -24.45
C ILE B 88 17.14 20.13 -24.56
N THR B 89 16.36 19.73 -23.57
CA THR B 89 14.96 20.14 -23.46
C THR B 89 14.86 21.66 -23.41
N GLU B 90 15.76 22.28 -22.67
CA GLU B 90 15.88 23.73 -22.62
C GLU B 90 16.14 24.33 -24.00
N VAL B 91 16.94 23.65 -24.81
CA VAL B 91 17.29 24.14 -26.15
C VAL B 91 16.11 24.08 -27.11
N TRP B 92 15.43 22.94 -27.16
CA TRP B 92 14.28 22.78 -28.02
C TRP B 92 13.07 23.59 -27.56
N SER B 93 12.97 23.82 -26.26
CA SER B 93 11.91 24.67 -25.72
C SER B 93 12.14 26.12 -26.14
N TYR B 94 13.40 26.52 -26.21
CA TYR B 94 13.77 27.83 -26.71
C TYR B 94 13.53 27.93 -28.21
N ASN B 95 14.06 26.97 -28.96
CA ASN B 95 13.92 26.94 -30.41
C ASN B 95 12.47 27.00 -30.85
N ALA B 96 11.61 26.23 -30.18
CA ALA B 96 10.20 26.19 -30.51
C ALA B 96 9.53 27.53 -30.23
N GLU B 97 9.85 28.10 -29.07
CA GLU B 97 9.33 29.40 -28.66
C GLU B 97 9.71 30.50 -29.65
N LEU B 98 10.97 30.49 -30.08
CA LEU B 98 11.48 31.48 -31.00
C LEU B 98 10.94 31.28 -32.41
N LEU B 99 10.91 30.02 -32.84
CA LEU B 99 10.46 29.66 -34.19
C LEU B 99 9.06 30.17 -34.47
N VAL B 100 8.15 29.89 -33.54
CA VAL B 100 6.76 30.27 -33.70
C VAL B 100 6.58 31.79 -33.64
N ALA B 101 7.23 32.44 -32.69
CA ALA B 101 7.12 33.89 -32.54
C ALA B 101 7.67 34.61 -33.77
N MET B 102 8.67 33.99 -34.41
CA MET B 102 9.31 34.55 -35.57
C MET B 102 8.45 34.37 -36.82
N GLU B 103 7.94 33.16 -37.00
CA GLU B 103 7.05 32.87 -38.12
C GLU B 103 5.75 33.66 -38.01
N ASN B 104 5.20 33.75 -36.80
CA ASN B 104 3.99 34.55 -36.58
C ASN B 104 4.23 36.00 -36.97
N GLN B 105 5.38 36.53 -36.60
CA GLN B 105 5.75 37.89 -36.93
C GLN B 105 5.84 38.04 -38.44
N HIS B 106 6.35 37.00 -39.10
CA HIS B 106 6.50 37.04 -40.54
C HIS B 106 5.16 36.87 -41.24
N THR B 107 4.30 36.01 -40.70
CA THR B 107 2.98 35.77 -41.29
C THR B 107 2.12 37.02 -41.30
N ILE B 108 2.06 37.70 -40.17
CA ILE B 108 1.34 38.96 -40.07
C ILE B 108 1.86 39.97 -41.08
N ASP B 109 3.17 40.21 -41.08
CA ASP B 109 3.80 41.16 -41.99
C ASP B 109 3.59 40.78 -43.45
N LEU B 110 3.58 39.49 -43.74
CA LEU B 110 3.39 38.99 -45.09
C LEU B 110 2.02 39.32 -45.65
N ALA B 111 0.98 38.99 -44.89
CA ALA B 111 -0.40 39.24 -45.31
C ALA B 111 -0.64 40.74 -45.37
N ASP B 112 0.03 41.46 -44.49
CA ASP B 112 -0.03 42.92 -44.44
C ASP B 112 0.48 43.52 -45.75
N SER B 113 1.55 42.94 -46.29
CA SER B 113 2.14 43.45 -47.52
C SER B 113 1.36 43.04 -48.78
N GLU B 114 0.72 41.88 -48.74
CA GLU B 114 -0.07 41.41 -49.88
C GLU B 114 -1.27 42.31 -50.11
N MET B 115 -1.82 42.85 -49.02
CA MET B 115 -2.91 43.80 -49.13
C MET B 115 -2.41 45.09 -49.75
N ASP B 116 -1.31 45.61 -49.22
CA ASP B 116 -0.74 46.85 -49.68
C ASP B 116 -0.39 46.77 -51.16
N LYS B 117 0.22 45.66 -51.56
CA LYS B 117 0.54 45.40 -52.96
C LYS B 117 -0.67 45.59 -53.86
N LEU B 118 -1.77 44.94 -53.46
CA LEU B 118 -3.02 45.00 -54.22
C LEU B 118 -3.54 46.44 -54.31
N TYR B 119 -3.44 47.17 -53.21
CA TYR B 119 -3.86 48.57 -53.17
C TYR B 119 -3.01 49.39 -54.13
N GLU B 120 -1.72 49.07 -54.21
CA GLU B 120 -0.82 49.78 -55.11
C GLU B 120 -1.12 49.44 -56.56
N ARG B 121 -1.60 48.21 -56.78
CA ARG B 121 -1.86 47.74 -58.14
C ARG B 121 -3.08 48.43 -58.75
N VAL B 122 -4.15 48.54 -57.97
CA VAL B 122 -5.34 49.27 -58.39
C VAL B 122 -4.99 50.73 -58.65
N LYS B 123 -4.16 51.28 -57.79
CA LYS B 123 -3.69 52.66 -57.94
C LYS B 123 -3.00 52.88 -59.28
N ARG B 124 -2.22 51.89 -59.73
CA ARG B 124 -1.52 52.00 -61.00
C ARG B 124 -2.48 51.90 -62.19
N GLN B 125 -3.61 51.21 -61.99
CA GLN B 125 -4.61 51.04 -63.05
C GLN B 125 -5.36 52.34 -63.35
N LEU B 126 -5.86 52.98 -62.30
CA LEU B 126 -6.71 54.16 -62.44
C LEU B 126 -5.91 55.38 -62.88
N ARG B 127 -4.63 55.40 -62.51
CA ARG B 127 -3.72 56.47 -62.88
C ARG B 127 -4.21 57.86 -62.48
N GLU B 128 -4.78 58.59 -63.44
CA GLU B 128 -5.19 59.97 -63.21
C GLU B 128 -6.69 60.12 -62.93
N ASN B 129 -7.43 59.03 -63.05
CA ASN B 129 -8.88 59.10 -62.95
C ASN B 129 -9.42 59.12 -61.51
N ALA B 130 -8.57 58.80 -60.54
CA ALA B 130 -9.02 58.74 -59.14
C ALA B 130 -7.99 59.31 -58.18
N GLU B 131 -8.38 59.42 -56.90
CA GLU B 131 -7.51 59.93 -55.86
C GLU B 131 -7.72 59.17 -54.54
N GLU B 132 -6.71 59.20 -53.68
CA GLU B 132 -6.74 58.44 -52.42
C GLU B 132 -7.60 59.11 -51.35
N ASP B 133 -8.53 58.33 -50.78
CA ASP B 133 -9.40 58.84 -49.72
C ASP B 133 -8.67 58.82 -48.38
N GLY B 134 -7.59 58.06 -48.30
CA GLY B 134 -6.81 57.94 -47.08
C GLY B 134 -7.27 56.82 -46.17
N THR B 135 -8.27 56.07 -46.60
CA THR B 135 -8.79 54.98 -45.80
C THR B 135 -8.73 53.66 -46.56
N GLY B 136 -7.98 53.65 -47.66
CA GLY B 136 -7.84 52.45 -48.47
C GLY B 136 -8.80 52.40 -49.64
N CYS B 137 -9.47 53.53 -49.91
CA CYS B 137 -10.39 53.59 -51.04
C CYS B 137 -9.97 54.64 -52.07
N PHE B 138 -10.44 54.46 -53.29
CA PHE B 138 -10.17 55.42 -54.35
C PHE B 138 -11.45 56.13 -54.75
N GLU B 139 -11.42 57.46 -54.72
CA GLU B 139 -12.55 58.25 -55.21
C GLU B 139 -12.44 58.47 -56.71
N ILE B 140 -13.30 57.78 -57.46
CA ILE B 140 -13.27 57.83 -58.92
C ILE B 140 -13.95 59.09 -59.43
N PHE B 141 -13.23 59.91 -60.19
CA PHE B 141 -13.82 61.14 -60.69
C PHE B 141 -14.50 61.01 -62.05
N HIS B 142 -15.03 59.82 -62.31
CA HIS B 142 -16.00 59.64 -63.38
C HIS B 142 -17.12 58.75 -62.85
N LYS B 143 -18.03 58.35 -63.72
CA LYS B 143 -19.12 57.46 -63.31
C LYS B 143 -18.77 56.00 -63.56
N CYS B 144 -18.90 55.18 -62.53
CA CYS B 144 -18.46 53.80 -62.60
C CYS B 144 -19.57 52.81 -62.32
N ASP B 145 -20.23 52.36 -63.37
CA ASP B 145 -21.29 51.35 -63.27
C ASP B 145 -20.68 50.01 -62.85
N ASP B 146 -21.54 49.03 -62.58
CA ASP B 146 -21.10 47.73 -62.10
C ASP B 146 -20.11 47.03 -63.05
N ASP B 147 -20.27 47.27 -64.35
CA ASP B 147 -19.36 46.70 -65.34
C ASP B 147 -18.02 47.44 -65.33
N CYS B 148 -18.07 48.71 -64.95
CA CYS B 148 -16.87 49.50 -64.78
C CYS B 148 -16.10 49.02 -63.57
N MET B 149 -16.80 48.79 -62.46
CA MET B 149 -16.18 48.24 -61.25
C MET B 149 -15.54 46.89 -61.54
N ALA B 150 -16.29 46.03 -62.22
CA ALA B 150 -15.80 44.70 -62.59
C ALA B 150 -14.51 44.77 -63.41
N SER B 151 -14.44 45.75 -64.32
CA SER B 151 -13.26 45.92 -65.17
C SER B 151 -12.03 46.29 -64.34
N ILE B 152 -12.26 46.97 -63.23
CA ILE B 152 -11.19 47.31 -62.31
C ILE B 152 -10.78 46.07 -61.53
N ARG B 153 -11.78 45.33 -61.05
CA ARG B 153 -11.53 44.12 -60.26
C ARG B 153 -10.84 43.03 -61.06
N ASN B 154 -11.23 42.85 -62.33
CA ASN B 154 -10.62 41.81 -63.15
C ASN B 154 -9.50 42.33 -64.05
N ASN B 155 -8.99 43.50 -63.70
CA ASN B 155 -7.74 44.04 -64.28
C ASN B 155 -7.81 44.44 -65.76
N THR B 156 -9.01 44.68 -66.26
CA THR B 156 -9.19 45.03 -67.68
C THR B 156 -9.58 46.48 -67.88
N TYR B 157 -9.74 47.22 -66.78
CA TYR B 157 -10.10 48.64 -66.81
C TYR B 157 -9.12 49.47 -67.63
N ASP B 158 -9.65 50.19 -68.62
CA ASP B 158 -8.85 51.12 -69.41
C ASP B 158 -9.08 52.54 -68.92
N HIS B 159 -8.00 53.25 -68.64
CA HIS B 159 -8.10 54.56 -68.01
C HIS B 159 -8.20 55.69 -69.03
N SER B 160 -7.75 55.44 -70.25
CA SER B 160 -7.81 56.44 -71.31
C SER B 160 -9.25 56.80 -71.66
N LYS B 161 -10.11 55.78 -71.64
CA LYS B 161 -11.53 55.92 -71.93
C LYS B 161 -12.21 56.98 -71.06
N TYR B 162 -11.74 57.11 -69.81
CA TYR B 162 -12.35 58.03 -68.86
C TYR B 162 -11.41 59.16 -68.46
N ARG B 163 -10.21 59.17 -69.03
CA ARG B 163 -9.18 60.12 -68.65
C ARG B 163 -9.63 61.57 -68.81
N GLU B 164 -10.08 61.92 -70.02
CA GLU B 164 -10.50 63.28 -70.34
C GLU B 164 -11.57 63.76 -69.37
N GLU B 165 -12.59 62.93 -69.15
CA GLU B 165 -13.70 63.26 -68.26
C GLU B 165 -13.27 63.36 -66.80
N ALA B 166 -12.50 62.38 -66.34
CA ALA B 166 -12.07 62.33 -64.95
C ALA B 166 -11.17 63.52 -64.57
N MET B 167 -10.28 63.88 -65.49
CA MET B 167 -9.40 65.03 -65.28
C MET B 167 -10.19 66.32 -65.30
N GLN B 168 -11.29 66.31 -66.05
CA GLN B 168 -12.15 67.48 -66.17
C GLN B 168 -12.78 67.81 -64.84
N ASN B 169 -13.20 66.77 -64.11
CA ASN B 169 -13.69 66.94 -62.74
C ASN B 169 -12.53 67.17 -61.78
N ARG B 170 -11.77 68.23 -62.03
CA ARG B 170 -10.58 68.55 -61.23
C ARG B 170 -10.97 68.88 -59.80
N ASP C 1 -23.06 11.28 -28.31
CA ASP C 1 -24.42 10.85 -28.64
C ASP C 1 -24.84 9.62 -27.83
N LYS C 2 -23.87 8.80 -27.43
CA LYS C 2 -24.17 7.61 -26.64
C LYS C 2 -23.08 7.30 -25.61
N ILE C 3 -23.50 6.78 -24.46
CA ILE C 3 -22.58 6.38 -23.40
C ILE C 3 -22.87 4.93 -22.98
N CYS C 4 -21.81 4.16 -22.78
CA CYS C 4 -21.96 2.73 -22.53
C CYS C 4 -21.49 2.29 -21.15
N LEU C 5 -22.08 1.21 -20.64
CA LEU C 5 -21.70 0.61 -19.36
C LEU C 5 -21.02 -0.73 -19.63
N GLY C 6 -19.85 -0.96 -19.02
CA GLY C 6 -19.11 -2.17 -19.30
C GLY C 6 -18.21 -2.69 -18.18
N HIS C 7 -17.77 -3.93 -18.35
CA HIS C 7 -16.91 -4.57 -17.37
C HIS C 7 -15.66 -5.12 -18.05
N HIS C 8 -14.57 -5.24 -17.30
CA HIS C 8 -13.32 -5.67 -17.89
C HIS C 8 -13.34 -7.14 -18.27
N ALA C 9 -12.39 -7.54 -19.10
CA ALA C 9 -12.27 -8.93 -19.51
C ALA C 9 -10.85 -9.20 -19.97
N VAL C 10 -10.50 -10.47 -20.06
CA VAL C 10 -9.17 -10.86 -20.47
C VAL C 10 -9.25 -11.84 -21.62
N SER C 11 -8.10 -12.11 -22.24
CA SER C 11 -8.04 -13.08 -23.33
C SER C 11 -7.84 -14.48 -22.74
N ASN C 12 -7.17 -14.53 -21.60
CA ASN C 12 -6.87 -15.80 -20.95
C ASN C 12 -7.38 -15.86 -19.51
N GLY C 13 -8.66 -16.18 -19.35
CA GLY C 13 -9.23 -16.35 -18.03
C GLY C 13 -8.93 -17.75 -17.51
N THR C 14 -9.26 -17.98 -16.25
CA THR C 14 -9.03 -19.28 -15.64
C THR C 14 -10.35 -19.99 -15.36
N LYS C 15 -10.37 -21.31 -15.55
CA LYS C 15 -11.58 -22.11 -15.37
C LYS C 15 -11.81 -22.49 -13.91
N VAL C 16 -13.03 -22.27 -13.45
CA VAL C 16 -13.44 -22.69 -12.12
C VAL C 16 -14.78 -23.42 -12.20
N ASN C 17 -15.26 -23.92 -11.06
CA ASN C 17 -16.53 -24.63 -11.03
C ASN C 17 -17.58 -23.92 -10.20
N THR C 18 -18.84 -24.11 -10.56
CA THR C 18 -19.97 -23.57 -9.82
C THR C 18 -20.99 -24.65 -9.53
N LEU C 19 -22.09 -24.26 -8.91
CA LEU C 19 -23.21 -25.16 -8.66
C LEU C 19 -23.85 -25.57 -9.98
N THR C 20 -23.79 -24.68 -10.95
CA THR C 20 -24.56 -24.82 -12.18
C THR C 20 -23.74 -25.28 -13.38
N GLU C 21 -22.43 -25.07 -13.34
CA GLU C 21 -21.62 -25.27 -14.54
C GLU C 21 -20.20 -25.71 -14.19
N ARG C 22 -19.58 -26.46 -15.10
CA ARG C 22 -18.22 -26.93 -14.92
C ARG C 22 -17.26 -26.24 -15.89
N GLY C 23 -16.21 -25.63 -15.35
CA GLY C 23 -15.18 -25.03 -16.16
C GLY C 23 -15.52 -23.69 -16.77
N VAL C 24 -16.45 -22.97 -16.14
CA VAL C 24 -16.81 -21.62 -16.57
C VAL C 24 -15.63 -20.67 -16.30
N GLU C 25 -15.29 -19.86 -17.30
CA GLU C 25 -14.11 -19.02 -17.24
C GLU C 25 -14.36 -17.73 -16.48
N VAL C 26 -13.46 -17.40 -15.56
CA VAL C 26 -13.53 -16.14 -14.83
C VAL C 26 -12.26 -15.34 -15.05
N VAL C 27 -12.24 -14.11 -14.56
CA VAL C 27 -11.08 -13.24 -14.76
C VAL C 27 -9.88 -13.71 -13.95
N ASN C 28 -10.02 -13.79 -12.63
CA ASN C 28 -8.94 -14.23 -11.76
C ASN C 28 -9.41 -15.18 -10.66
N ALA C 29 -8.65 -16.24 -10.44
CA ALA C 29 -8.97 -17.19 -9.38
C ALA C 29 -7.74 -17.49 -8.52
N THR C 30 -7.96 -17.99 -7.31
CA THR C 30 -6.84 -18.35 -6.44
C THR C 30 -6.96 -19.79 -5.92
N GLU C 31 -5.84 -20.40 -5.61
CA GLU C 31 -5.83 -21.78 -5.13
C GLU C 31 -6.32 -21.86 -3.68
N THR C 32 -7.09 -22.91 -3.40
CA THR C 32 -7.66 -23.09 -2.07
C THR C 32 -7.13 -24.36 -1.39
N VAL C 33 -6.55 -25.26 -2.18
CA VAL C 33 -5.96 -26.51 -1.67
C VAL C 33 -4.44 -26.48 -1.76
N GLU C 34 -3.77 -26.61 -0.61
CA GLU C 34 -2.31 -26.51 -0.55
C GLU C 34 -1.61 -27.81 -0.97
N ARG C 35 -0.52 -27.66 -1.72
CA ARG C 35 0.30 -28.81 -2.10
C ARG C 35 1.79 -28.53 -1.86
N THR C 36 2.10 -27.30 -1.45
CA THR C 36 3.48 -26.88 -1.28
C THR C 36 4.09 -27.37 0.03
N ASN C 37 5.20 -28.09 -0.12
CA ASN C 37 5.91 -28.70 0.99
C ASN C 37 6.96 -27.75 1.55
N ILE C 38 7.57 -28.16 2.66
CA ILE C 38 8.87 -27.63 3.10
C ILE C 38 9.64 -28.82 3.68
N PRO C 39 10.70 -29.26 2.99
CA PRO C 39 11.35 -30.54 3.26
C PRO C 39 12.19 -30.56 4.54
N ARG C 40 11.77 -29.79 5.54
CA ARG C 40 12.47 -29.74 6.82
C ARG C 40 11.49 -29.45 7.96
N ILE C 41 11.90 -29.78 9.18
CA ILE C 41 11.04 -29.55 10.34
C ILE C 41 11.26 -28.14 10.87
N CYS C 42 10.34 -27.24 10.54
CA CYS C 42 10.48 -25.85 10.95
C CYS C 42 10.30 -25.70 12.45
N SER C 43 11.41 -25.56 13.17
CA SER C 43 11.41 -25.69 14.62
C SER C 43 11.65 -24.38 15.36
N LYS C 44 11.74 -23.28 14.61
CA LYS C 44 11.99 -21.97 15.21
C LYS C 44 10.91 -21.60 16.22
N GLY C 45 11.34 -21.24 17.43
CA GLY C 45 10.43 -20.88 18.49
C GLY C 45 10.18 -22.01 19.45
N LYS C 46 10.55 -23.22 19.06
CA LYS C 46 10.30 -24.40 19.89
C LYS C 46 11.58 -25.11 20.26
N ARG C 47 11.64 -25.62 21.49
CA ARG C 47 12.81 -26.38 21.92
C ARG C 47 12.67 -27.82 21.45
N THR C 48 13.50 -28.20 20.50
CA THR C 48 13.34 -29.48 19.81
C THR C 48 14.35 -30.54 20.22
N VAL C 49 13.88 -31.77 20.35
CA VAL C 49 14.72 -32.91 20.65
C VAL C 49 14.66 -33.96 19.53
N ASP C 50 15.78 -34.14 18.84
CA ASP C 50 15.87 -35.13 17.77
C ASP C 50 16.43 -36.43 18.32
N LEU C 51 15.56 -37.41 18.53
CA LEU C 51 15.92 -38.65 19.20
C LEU C 51 16.89 -39.53 18.41
N GLY C 52 16.85 -39.40 17.08
CA GLY C 52 17.75 -40.14 16.21
C GLY C 52 17.77 -41.64 16.47
N GLN C 53 18.93 -42.13 16.89
CA GLN C 53 19.13 -43.55 17.19
C GLN C 53 18.27 -44.02 18.35
N CYS C 54 17.87 -43.08 19.21
CA CYS C 54 17.15 -43.41 20.44
C CYS C 54 15.65 -43.55 20.18
N GLY C 55 15.08 -44.64 20.69
CA GLY C 55 13.65 -44.84 20.63
C GLY C 55 12.98 -44.14 21.78
N LEU C 56 11.78 -43.61 21.56
CA LEU C 56 11.09 -42.79 22.55
C LEU C 56 10.88 -43.51 23.88
N LEU C 57 10.50 -44.78 23.83
CA LEU C 57 10.30 -45.56 25.05
C LEU C 57 11.62 -45.89 25.73
N GLY C 58 12.72 -45.76 24.99
CA GLY C 58 14.03 -46.04 25.51
C GLY C 58 14.54 -44.98 26.46
N THR C 59 13.92 -43.80 26.42
CA THR C 59 14.33 -42.73 27.31
C THR C 59 13.95 -43.01 28.76
N ILE C 60 13.09 -44.01 28.95
CA ILE C 60 12.64 -44.36 30.29
C ILE C 60 13.48 -45.49 30.88
N THR C 61 13.90 -46.42 30.03
CA THR C 61 14.69 -47.56 30.47
C THR C 61 16.19 -47.31 30.27
N GLY C 62 16.51 -46.55 29.24
CA GLY C 62 17.87 -46.09 29.01
C GLY C 62 18.85 -47.08 28.41
N PRO C 63 18.59 -47.55 27.18
CA PRO C 63 19.67 -48.30 26.52
C PRO C 63 20.72 -47.31 26.04
N PRO C 64 21.92 -47.79 25.68
CA PRO C 64 23.03 -46.94 25.24
C PRO C 64 22.63 -45.89 24.20
N GLN C 65 21.67 -46.20 23.34
CA GLN C 65 21.18 -45.24 22.35
C GLN C 65 20.59 -44.00 23.01
N CYS C 66 20.09 -44.16 24.24
CA CYS C 66 19.30 -43.13 24.90
C CYS C 66 19.96 -42.50 26.13
N ASP C 67 21.24 -42.79 26.34
CA ASP C 67 21.99 -42.16 27.43
C ASP C 67 21.94 -40.65 27.25
N GLN C 68 21.85 -40.24 26.00
CA GLN C 68 21.75 -38.85 25.61
C GLN C 68 20.52 -38.16 26.20
N PHE C 69 19.43 -38.90 26.33
CA PHE C 69 18.12 -38.30 26.62
C PHE C 69 17.41 -38.82 27.87
N LEU C 70 18.16 -39.32 28.85
CA LEU C 70 17.54 -39.93 30.04
C LEU C 70 16.68 -38.95 30.84
N GLU C 71 16.88 -37.66 30.62
CA GLU C 71 16.09 -36.63 31.30
C GLU C 71 15.84 -35.44 30.38
N PHE C 72 15.42 -35.69 29.15
CA PHE C 72 15.27 -34.63 28.15
C PHE C 72 14.19 -33.60 28.48
N SER C 73 14.30 -32.40 27.89
CA SER C 73 13.23 -31.40 27.97
C SER C 73 12.89 -30.88 26.57
N ALA C 74 11.63 -31.01 26.17
CA ALA C 74 11.24 -30.64 24.82
C ALA C 74 9.86 -29.99 24.68
N ASP C 75 9.75 -29.12 23.69
CA ASP C 75 8.46 -28.64 23.20
C ASP C 75 8.05 -29.52 22.03
N LEU C 76 9.04 -29.92 21.24
CA LEU C 76 8.78 -30.71 20.04
C LEU C 76 9.66 -31.96 20.03
N ILE C 77 9.02 -33.11 20.15
CA ILE C 77 9.73 -34.39 20.16
C ILE C 77 9.69 -35.03 18.79
N ILE C 78 10.87 -35.40 18.27
CA ILE C 78 10.95 -36.01 16.96
C ILE C 78 11.46 -37.46 17.02
N GLU C 79 10.65 -38.38 16.55
CA GLU C 79 11.05 -39.78 16.44
C GLU C 79 11.63 -40.06 15.07
N ARG C 80 12.64 -40.93 15.02
CA ARG C 80 13.23 -41.33 13.75
C ARG C 80 13.03 -42.83 13.53
N ARG C 81 13.13 -43.27 12.27
CA ARG C 81 12.90 -44.67 11.96
C ARG C 81 13.96 -45.60 12.55
N GLU C 82 15.19 -45.12 12.63
CA GLU C 82 16.30 -45.91 13.15
C GLU C 82 16.30 -46.00 14.68
N GLY C 83 15.29 -45.42 15.31
CA GLY C 83 15.17 -45.44 16.75
C GLY C 83 14.85 -46.83 17.28
N SER C 84 15.41 -47.15 18.43
CA SER C 84 15.12 -48.42 19.09
C SER C 84 14.93 -48.21 20.59
N ASP C 85 13.87 -48.79 21.13
CA ASP C 85 13.56 -48.68 22.55
C ASP C 85 14.33 -49.69 23.36
N VAL C 86 15.23 -50.40 22.71
CA VAL C 86 15.77 -51.64 23.26
C VAL C 86 17.23 -51.91 22.89
N CYS C 87 17.98 -52.48 23.81
CA CYS C 87 19.29 -53.04 23.50
C CYS C 87 19.25 -54.56 23.61
N TYR C 88 18.88 -55.06 24.78
CA TYR C 88 18.57 -56.49 24.92
C TYR C 88 17.15 -56.68 24.40
N PRO C 89 16.97 -57.61 23.45
CA PRO C 89 15.69 -57.83 22.76
C PRO C 89 14.50 -57.94 23.70
N GLY C 90 13.37 -57.33 23.31
CA GLY C 90 12.15 -57.34 24.10
C GLY C 90 11.18 -56.28 23.60
N LYS C 91 9.90 -56.42 23.96
CA LYS C 91 8.90 -55.39 23.66
C LYS C 91 8.47 -54.64 24.90
N PHE C 92 7.61 -53.66 24.67
CA PHE C 92 6.88 -52.96 25.69
C PHE C 92 5.41 -53.37 25.63
N VAL C 93 4.84 -53.78 26.76
CA VAL C 93 3.41 -54.07 26.81
C VAL C 93 2.64 -52.75 26.84
N ASN C 94 1.62 -52.64 25.99
CA ASN C 94 0.93 -51.38 25.75
C ASN C 94 1.91 -50.31 25.31
N GLU C 95 2.71 -50.63 24.29
CA GLU C 95 3.76 -49.74 23.85
C GLU C 95 3.25 -48.41 23.29
N GLU C 96 2.31 -48.49 22.36
CA GLU C 96 1.83 -47.30 21.67
C GLU C 96 1.08 -46.36 22.59
N ALA C 97 0.46 -46.92 23.63
CA ALA C 97 -0.20 -46.10 24.62
C ALA C 97 0.84 -45.24 25.34
N LEU C 98 1.89 -45.90 25.82
CA LEU C 98 2.97 -45.22 26.51
C LEU C 98 3.68 -44.24 25.59
N ARG C 99 3.81 -44.62 24.31
CA ARG C 99 4.39 -43.74 23.31
C ARG C 99 3.58 -42.46 23.17
N GLN C 100 2.26 -42.59 23.24
CA GLN C 100 1.38 -41.44 23.08
C GLN C 100 1.44 -40.50 24.29
N ILE C 101 1.67 -41.06 25.47
CA ILE C 101 1.83 -40.25 26.68
C ILE C 101 3.12 -39.45 26.64
N LEU C 102 4.21 -40.10 26.24
CA LEU C 102 5.53 -39.47 26.21
C LEU C 102 5.67 -38.38 25.16
N ARG C 103 4.88 -38.47 24.09
CA ARG C 103 4.94 -37.49 23.01
C ARG C 103 4.48 -36.11 23.46
N GLU C 104 3.61 -36.07 24.47
CA GLU C 104 3.08 -34.80 24.96
C GLU C 104 3.60 -34.46 26.36
N SER C 105 4.51 -35.28 26.86
CA SER C 105 4.97 -35.16 28.23
C SER C 105 5.73 -33.87 28.51
N GLY C 106 6.34 -33.30 27.47
CA GLY C 106 7.16 -32.12 27.63
C GLY C 106 8.58 -32.50 27.98
N GLY C 107 8.77 -33.77 28.31
CA GLY C 107 10.06 -34.29 28.74
C GLY C 107 9.89 -35.13 29.98
N ILE C 108 11.00 -35.69 30.46
CA ILE C 108 10.95 -36.54 31.64
C ILE C 108 11.98 -36.14 32.68
N ASP C 109 11.53 -36.00 33.91
CA ASP C 109 12.43 -35.76 35.04
C ASP C 109 12.42 -37.02 35.89
N LYS C 110 13.60 -37.63 36.06
CA LYS C 110 13.70 -38.88 36.82
C LYS C 110 13.98 -38.64 38.30
N GLU C 111 13.65 -39.63 39.11
CA GLU C 111 13.83 -39.56 40.56
C GLU C 111 14.07 -40.97 41.11
N ALA C 112 15.08 -41.10 41.96
CA ALA C 112 15.47 -42.41 42.49
C ALA C 112 14.40 -43.01 43.39
N MET C 113 14.16 -44.32 43.22
CA MET C 113 13.19 -45.03 44.03
C MET C 113 13.86 -45.61 45.27
N GLY C 114 15.18 -45.70 45.22
CA GLY C 114 15.98 -46.11 46.36
C GLY C 114 15.70 -47.50 46.88
N PHE C 115 16.03 -48.52 46.08
CA PHE C 115 15.93 -49.90 46.53
C PHE C 115 17.31 -50.39 46.97
N THR C 116 17.35 -51.20 48.03
CA THR C 116 18.60 -51.80 48.48
C THR C 116 18.51 -53.33 48.50
N TYR C 117 19.48 -53.98 47.87
CA TYR C 117 19.42 -55.43 47.70
C TYR C 117 20.53 -56.16 48.44
N SER C 118 20.14 -57.05 49.35
CA SER C 118 21.08 -57.82 50.15
C SER C 118 21.01 -59.31 49.81
N GLY C 119 22.18 -59.95 49.78
CA GLY C 119 22.25 -61.39 49.55
C GLY C 119 22.16 -61.81 48.10
N ILE C 120 22.09 -60.84 47.19
CA ILE C 120 22.00 -61.15 45.76
C ILE C 120 22.96 -60.32 44.91
N ARG C 121 23.21 -60.80 43.70
CA ARG C 121 23.93 -60.02 42.71
C ARG C 121 22.99 -58.93 42.19
N THR C 122 23.55 -57.84 41.70
CA THR C 122 22.75 -56.68 41.30
C THR C 122 23.22 -56.14 39.94
N ASN C 123 24.47 -56.46 39.61
CA ASN C 123 25.15 -55.89 38.47
C ASN C 123 25.13 -56.77 37.23
N GLY C 124 23.94 -57.19 36.81
CA GLY C 124 23.81 -58.00 35.61
C GLY C 124 24.09 -57.19 34.35
N ALA C 125 24.65 -57.84 33.34
CA ALA C 125 25.02 -57.14 32.11
C ALA C 125 24.96 -58.05 30.89
N THR C 126 25.11 -57.46 29.72
CA THR C 126 25.00 -58.21 28.47
C THR C 126 25.81 -57.57 27.34
N SER C 127 26.22 -58.38 26.38
CA SER C 127 27.01 -57.90 25.25
C SER C 127 26.16 -57.05 24.30
N SER C 128 24.85 -57.10 24.50
CA SER C 128 23.91 -56.35 23.67
C SER C 128 23.93 -54.86 24.02
N CYS C 129 24.00 -54.55 25.31
CA CYS C 129 24.09 -53.17 25.77
C CYS C 129 25.55 -52.76 25.92
N ARG C 130 26.08 -52.10 24.92
CA ARG C 130 27.50 -51.78 24.89
C ARG C 130 27.82 -50.34 25.29
N ARG C 131 28.63 -50.19 26.32
CA ARG C 131 29.19 -48.89 26.65
C ARG C 131 30.72 -48.98 26.65
N SER C 132 31.25 -49.65 27.66
CA SER C 132 32.63 -50.09 27.65
C SER C 132 32.59 -51.59 27.76
N GLY C 133 32.19 -52.26 26.69
CA GLY C 133 31.96 -53.69 26.74
C GLY C 133 30.55 -53.95 27.24
N SER C 134 30.34 -55.11 27.85
CA SER C 134 29.01 -55.50 28.30
C SER C 134 28.46 -54.56 29.38
N SER C 135 27.17 -54.28 29.28
CA SER C 135 26.48 -53.44 30.26
C SER C 135 24.99 -53.71 30.22
N PHE C 136 24.20 -52.78 30.74
CA PHE C 136 22.75 -52.95 30.80
C PHE C 136 22.03 -51.60 30.71
N TYR C 137 20.70 -51.64 30.82
CA TYR C 137 19.89 -50.42 30.82
C TYR C 137 20.30 -49.52 31.97
N ALA C 138 20.37 -48.22 31.71
CA ALA C 138 20.88 -47.26 32.68
C ALA C 138 19.92 -46.96 33.83
N GLU C 139 18.66 -47.35 33.66
CA GLU C 139 17.62 -47.04 34.63
C GLU C 139 17.14 -48.28 35.35
N MET C 140 17.62 -49.44 34.91
CA MET C 140 17.18 -50.72 35.44
C MET C 140 18.32 -51.48 36.11
N LYS C 141 17.95 -52.43 36.97
CA LYS C 141 18.93 -53.26 37.66
C LYS C 141 18.64 -54.73 37.38
N TRP C 142 19.61 -55.44 36.80
CA TRP C 142 19.42 -56.86 36.49
C TRP C 142 19.72 -57.73 37.72
N LEU C 143 18.73 -57.85 38.59
CA LEU C 143 18.87 -58.63 39.81
C LEU C 143 19.17 -60.09 39.50
N LEU C 144 20.25 -60.58 40.06
CA LEU C 144 20.77 -61.89 39.73
C LEU C 144 21.05 -62.64 41.02
N SER C 145 20.90 -63.96 40.98
CA SER C 145 21.25 -64.80 42.12
C SER C 145 22.72 -64.61 42.44
N ASN C 146 23.06 -64.64 43.73
CA ASN C 146 24.41 -64.34 44.19
C ASN C 146 25.49 -65.13 43.48
N THR C 147 25.16 -66.36 43.09
CA THR C 147 26.03 -67.17 42.24
C THR C 147 25.16 -68.03 41.33
N ASP C 148 25.80 -68.92 40.58
CA ASP C 148 25.08 -69.82 39.70
C ASP C 148 24.16 -70.76 40.50
N ASN C 149 22.88 -70.76 40.13
CA ASN C 149 21.89 -71.70 40.67
C ASN C 149 21.47 -71.48 42.12
N ALA C 150 22.19 -70.61 42.83
CA ALA C 150 21.85 -70.25 44.20
C ALA C 150 20.43 -69.68 44.26
N ALA C 151 19.66 -70.12 45.24
CA ALA C 151 18.26 -69.70 45.35
C ALA C 151 18.14 -68.18 45.49
N PHE C 152 17.11 -67.62 44.85
CA PHE C 152 16.88 -66.19 44.92
C PHE C 152 15.92 -65.90 46.07
N PRO C 153 16.43 -65.27 47.13
CA PRO C 153 15.64 -65.02 48.34
C PRO C 153 14.41 -64.17 48.06
N GLN C 154 13.21 -64.73 48.29
CA GLN C 154 11.97 -64.01 48.06
C GLN C 154 11.98 -62.62 48.69
N MET C 155 11.94 -61.60 47.84
CA MET C 155 12.08 -60.22 48.29
C MET C 155 10.83 -59.39 48.05
N THR C 156 10.78 -58.23 48.68
CA THR C 156 9.70 -57.27 48.48
C THR C 156 10.28 -55.87 48.52
N LYS C 157 9.89 -55.03 47.57
CA LYS C 157 10.34 -53.64 47.54
C LYS C 157 9.15 -52.71 47.50
N SER C 158 9.40 -51.44 47.79
CA SER C 158 8.32 -50.48 47.91
C SER C 158 8.79 -49.07 47.54
N TYR C 159 7.88 -48.26 47.03
CA TYR C 159 8.22 -46.90 46.67
C TYR C 159 6.98 -46.01 46.64
N LYS C 160 7.01 -44.93 47.42
CA LYS C 160 5.89 -44.01 47.46
C LYS C 160 6.16 -42.69 46.75
N ASN C 161 5.37 -42.40 45.72
CA ASN C 161 5.42 -41.11 45.06
C ASN C 161 4.86 -40.03 45.97
N THR C 162 5.65 -38.98 46.20
CA THR C 162 5.25 -37.91 47.11
C THR C 162 5.08 -36.59 46.39
N ARG C 163 5.16 -36.61 45.07
CA ARG C 163 5.02 -35.39 44.29
C ARG C 163 3.57 -35.17 43.89
N LYS C 164 3.27 -33.99 43.34
CA LYS C 164 1.88 -33.62 43.04
C LYS C 164 1.38 -34.22 41.74
N ASN C 165 2.31 -34.61 40.86
CA ASN C 165 1.96 -35.30 39.63
C ASN C 165 2.24 -36.79 39.76
N PRO C 166 1.49 -37.63 39.02
CA PRO C 166 1.68 -39.09 39.14
C PRO C 166 3.01 -39.57 38.56
N ALA C 167 3.44 -40.76 38.97
CA ALA C 167 4.76 -41.28 38.62
C ALA C 167 4.71 -42.50 37.71
N LEU C 168 5.43 -42.41 36.59
CA LEU C 168 5.52 -43.52 35.65
C LEU C 168 6.54 -44.55 36.11
N ILE C 169 6.05 -45.71 36.56
CA ILE C 169 6.91 -46.79 36.98
C ILE C 169 7.06 -47.80 35.86
N VAL C 170 8.28 -48.28 35.65
CA VAL C 170 8.55 -49.25 34.60
C VAL C 170 9.42 -50.38 35.11
N TRP C 171 8.96 -51.61 34.96
CA TRP C 171 9.78 -52.78 35.27
C TRP C 171 9.81 -53.75 34.12
N GLY C 172 10.56 -54.84 34.29
CA GLY C 172 10.72 -55.80 33.23
C GLY C 172 10.77 -57.23 33.72
N ILE C 173 10.27 -58.15 32.89
CA ILE C 173 10.35 -59.57 33.18
C ILE C 173 11.32 -60.23 32.20
N HIS C 174 12.34 -60.87 32.73
CA HIS C 174 13.33 -61.55 31.88
C HIS C 174 12.92 -62.98 31.55
N HIS C 175 12.68 -63.23 30.27
CA HIS C 175 12.39 -64.58 29.80
C HIS C 175 13.68 -65.18 29.26
N SER C 176 14.12 -66.29 29.86
CA SER C 176 15.37 -66.92 29.46
C SER C 176 15.19 -67.78 28.21
N GLY C 177 16.29 -68.09 27.55
CA GLY C 177 16.25 -68.89 26.33
C GLY C 177 16.09 -70.38 26.59
N SER C 178 16.16 -70.76 27.86
CA SER C 178 16.06 -72.17 28.25
C SER C 178 15.83 -72.29 29.75
N THR C 179 15.42 -73.48 30.19
CA THR C 179 15.23 -73.74 31.61
C THR C 179 16.59 -73.91 32.28
N ALA C 180 17.59 -74.24 31.48
CA ALA C 180 18.94 -74.44 31.98
C ALA C 180 19.54 -73.14 32.49
N GLU C 181 19.49 -72.09 31.67
CA GLU C 181 20.05 -70.79 32.06
C GLU C 181 19.15 -70.04 33.02
N GLN C 182 17.87 -70.37 33.03
CA GLN C 182 16.93 -69.72 33.94
C GLN C 182 17.32 -70.00 35.39
N THR C 183 17.53 -71.27 35.70
CA THR C 183 17.94 -71.68 37.04
C THR C 183 19.37 -71.20 37.32
N LYS C 184 20.19 -71.21 36.27
CA LYS C 184 21.56 -70.74 36.34
C LYS C 184 21.64 -69.28 36.80
N LEU C 185 20.55 -68.55 36.63
CA LEU C 185 20.52 -67.12 36.95
C LEU C 185 19.64 -66.79 38.17
N TYR C 186 18.66 -67.63 38.43
CA TYR C 186 17.70 -67.33 39.50
C TYR C 186 17.39 -68.56 40.37
N GLY C 187 18.13 -69.63 40.15
CA GLY C 187 17.90 -70.85 40.90
C GLY C 187 16.72 -71.62 40.33
N SER C 188 16.57 -72.87 40.76
CA SER C 188 15.48 -73.70 40.31
C SER C 188 14.16 -73.32 40.96
N GLY C 189 13.09 -74.02 40.58
CA GLY C 189 11.76 -73.70 41.08
C GLY C 189 11.12 -72.59 40.29
N ASN C 190 9.79 -72.51 40.35
CA ASN C 190 9.03 -71.51 39.63
C ASN C 190 9.30 -70.09 40.13
N LYS C 191 9.02 -69.11 39.29
CA LYS C 191 9.23 -67.70 39.62
C LYS C 191 7.95 -66.90 39.40
N LEU C 192 7.75 -65.87 40.22
CA LEU C 192 6.58 -65.02 40.11
C LEU C 192 6.95 -63.58 40.44
N VAL C 193 6.45 -62.65 39.62
CA VAL C 193 6.64 -61.23 39.86
C VAL C 193 5.29 -60.53 39.89
N THR C 194 4.77 -60.29 41.09
CA THR C 194 3.50 -59.59 41.25
C THR C 194 3.73 -58.11 41.55
N VAL C 195 2.82 -57.26 41.09
CA VAL C 195 2.95 -55.81 41.24
C VAL C 195 1.63 -55.22 41.73
N GLY C 196 1.69 -54.47 42.83
CA GLY C 196 0.49 -53.92 43.42
C GLY C 196 0.53 -52.44 43.73
N SER C 197 -0.64 -51.84 43.79
CA SER C 197 -0.80 -50.46 44.21
C SER C 197 -2.28 -50.17 44.46
N SER C 198 -2.70 -48.93 44.26
CA SER C 198 -4.12 -48.61 44.34
C SER C 198 -4.79 -48.95 43.02
N ASN C 199 -4.51 -48.15 41.98
CA ASN C 199 -5.03 -48.40 40.65
C ASN C 199 -4.66 -49.79 40.13
N TYR C 200 -3.38 -49.99 39.86
CA TYR C 200 -2.89 -51.22 39.24
C TYR C 200 -3.17 -52.47 40.08
N GLN C 201 -3.19 -53.61 39.40
CA GLN C 201 -3.45 -54.90 40.03
C GLN C 201 -3.22 -56.00 38.99
N GLN C 202 -2.04 -56.63 39.04
CA GLN C 202 -1.72 -57.73 38.14
C GLN C 202 -0.57 -58.58 38.67
N SER C 203 -0.05 -59.48 37.82
CA SER C 203 1.03 -60.38 38.19
C SER C 203 1.75 -60.90 36.94
N PHE C 204 2.94 -61.47 37.11
CA PHE C 204 3.73 -61.96 35.97
C PHE C 204 4.56 -63.21 36.26
N VAL C 205 4.61 -64.11 35.28
CA VAL C 205 5.44 -65.30 35.37
C VAL C 205 6.33 -65.42 34.14
N PRO C 206 7.63 -65.68 34.36
CA PRO C 206 8.55 -65.84 33.23
C PRO C 206 8.22 -67.07 32.40
N SER C 207 8.74 -67.04 31.19
CA SER C 207 8.41 -68.01 30.19
C SER C 207 9.73 -68.45 29.52
N PRO C 208 10.50 -69.32 30.20
CA PRO C 208 11.76 -69.79 29.58
C PRO C 208 11.50 -70.68 28.36
N GLY C 209 12.27 -70.48 27.29
CA GLY C 209 12.12 -71.25 26.06
C GLY C 209 12.94 -70.68 24.93
N ALA C 210 13.29 -71.51 23.96
CA ALA C 210 14.16 -71.07 22.87
C ALA C 210 13.46 -70.14 21.89
N ARG C 211 14.19 -69.15 21.39
CA ARG C 211 13.66 -68.21 20.41
C ARG C 211 14.69 -67.90 19.34
N THR C 212 14.35 -67.00 18.42
CA THR C 212 15.28 -66.57 17.40
C THR C 212 16.43 -65.82 18.03
N GLN C 213 17.53 -65.73 17.30
CA GLN C 213 18.71 -65.03 17.79
C GLN C 213 18.63 -63.56 17.37
N VAL C 214 17.86 -62.79 18.12
CA VAL C 214 17.77 -61.34 17.93
C VAL C 214 18.82 -60.63 18.77
N ASN C 215 19.77 -60.01 18.09
CA ASN C 215 20.86 -59.28 18.74
C ASN C 215 21.76 -60.17 19.59
N GLY C 216 21.93 -61.42 19.16
CA GLY C 216 22.81 -62.37 19.81
C GLY C 216 22.15 -63.18 20.91
N GLN C 217 20.93 -62.79 21.28
CA GLN C 217 20.26 -63.41 22.42
C GLN C 217 19.04 -64.23 22.03
N SER C 218 18.77 -65.26 22.82
CA SER C 218 17.59 -66.10 22.63
C SER C 218 16.48 -65.63 23.57
N GLY C 219 16.89 -65.06 24.70
CA GLY C 219 15.96 -64.59 25.70
C GLY C 219 15.39 -63.23 25.40
N ARG C 220 14.32 -62.86 26.10
CA ARG C 220 13.65 -61.58 25.88
C ARG C 220 13.38 -60.90 27.21
N ILE C 221 13.06 -59.61 27.15
CA ILE C 221 12.67 -58.87 28.34
C ILE C 221 11.34 -58.14 28.14
N ASP C 222 10.31 -58.62 28.82
CA ASP C 222 8.99 -58.02 28.77
C ASP C 222 8.94 -56.78 29.65
N PHE C 223 8.92 -55.61 29.02
CA PHE C 223 8.81 -54.36 29.76
C PHE C 223 7.36 -53.97 30.00
N HIS C 224 7.01 -53.80 31.27
CA HIS C 224 5.66 -53.39 31.63
C HIS C 224 5.73 -52.05 32.35
N TRP C 225 4.61 -51.32 32.35
CA TRP C 225 4.57 -50.04 33.03
C TRP C 225 3.24 -49.82 33.73
N LEU C 226 3.19 -48.78 34.57
CA LEU C 226 1.96 -48.37 35.22
C LEU C 226 2.10 -46.93 35.69
N MET C 227 1.00 -46.30 36.03
CA MET C 227 1.04 -44.93 36.51
C MET C 227 0.74 -44.90 38.01
N LEU C 228 1.72 -44.46 38.79
CA LEU C 228 1.58 -44.43 40.24
C LEU C 228 1.05 -43.08 40.71
N ASN C 229 -0.07 -43.10 41.44
CA ASN C 229 -0.70 -41.86 41.90
C ASN C 229 0.04 -41.21 43.07
N PRO C 230 -0.17 -39.90 43.25
CA PRO C 230 0.33 -39.19 44.43
C PRO C 230 -0.08 -39.92 45.71
N ASN C 231 0.82 -39.99 46.69
CA ASN C 231 0.59 -40.68 47.96
C ASN C 231 0.48 -42.22 47.86
N ASP C 232 0.39 -42.74 46.63
CA ASP C 232 0.26 -44.17 46.42
C ASP C 232 1.63 -44.84 46.58
N THR C 233 1.68 -46.16 46.54
CA THR C 233 2.93 -46.88 46.77
C THR C 233 3.04 -48.20 45.99
N VAL C 234 3.97 -48.27 45.03
CA VAL C 234 4.18 -49.50 44.29
C VAL C 234 4.72 -50.58 45.21
N THR C 235 4.49 -51.84 44.87
CA THR C 235 5.06 -52.94 45.63
C THR C 235 5.50 -54.10 44.73
N PHE C 236 6.79 -54.42 44.77
CA PHE C 236 7.35 -55.47 43.92
C PHE C 236 7.73 -56.72 44.70
N SER C 237 6.92 -57.76 44.55
CA SER C 237 7.21 -59.05 45.15
C SER C 237 7.76 -59.99 44.07
N PHE C 238 8.90 -60.61 44.34
CA PHE C 238 9.60 -61.40 43.32
C PHE C 238 10.64 -62.34 43.90
N ASN C 239 11.11 -63.27 43.06
CA ASN C 239 12.13 -64.24 43.46
C ASN C 239 12.94 -64.71 42.25
N GLY C 240 13.03 -63.83 41.25
CA GLY C 240 13.78 -64.12 40.04
C GLY C 240 13.17 -63.51 38.79
N ALA C 241 13.91 -63.56 37.69
CA ALA C 241 13.46 -63.08 36.38
C ALA C 241 12.92 -61.64 36.42
N PHE C 242 13.39 -60.86 37.38
CA PHE C 242 12.90 -59.50 37.60
C PHE C 242 13.95 -58.47 37.23
N ILE C 243 13.57 -57.55 36.35
CA ILE C 243 14.44 -56.45 35.96
C ILE C 243 13.98 -55.21 36.70
N ALA C 244 14.53 -55.01 37.88
CA ALA C 244 14.09 -53.92 38.75
C ALA C 244 14.48 -52.56 38.19
N PRO C 245 13.68 -51.54 38.49
CA PRO C 245 14.02 -50.17 38.11
C PRO C 245 14.80 -49.47 39.21
N ASP C 246 15.57 -48.44 38.84
CA ASP C 246 16.28 -47.64 39.82
C ASP C 246 15.60 -46.29 39.99
N ARG C 247 14.97 -45.83 38.91
CA ARG C 247 14.41 -44.49 38.88
C ARG C 247 13.01 -44.44 38.27
N ALA C 248 12.15 -43.62 38.87
CA ALA C 248 10.81 -43.41 38.35
C ALA C 248 10.78 -42.12 37.53
N SER C 249 9.93 -42.09 36.52
CA SER C 249 9.88 -40.95 35.62
C SER C 249 8.69 -40.04 35.94
N PHE C 250 8.89 -38.75 35.70
CA PHE C 250 7.86 -37.75 35.93
C PHE C 250 7.75 -36.86 34.71
N LEU C 251 6.53 -36.52 34.32
CA LEU C 251 6.32 -35.71 33.13
C LEU C 251 6.49 -34.24 33.45
N ARG C 252 7.29 -33.56 32.63
CA ARG C 252 7.62 -32.16 32.88
C ARG C 252 6.46 -31.23 32.59
N GLY C 253 6.07 -31.12 31.33
CA GLY C 253 5.02 -30.19 30.96
C GLY C 253 4.16 -30.63 29.80
N LYS C 254 4.31 -29.93 28.68
CA LYS C 254 3.50 -30.19 27.50
C LYS C 254 4.35 -30.13 26.25
N SER C 255 4.16 -31.12 25.37
CA SER C 255 4.88 -31.15 24.11
C SER C 255 4.02 -31.79 23.03
N MET C 256 4.63 -32.01 21.88
CA MET C 256 3.95 -32.64 20.77
C MET C 256 4.95 -33.44 19.96
N GLY C 257 4.68 -34.74 19.83
CA GLY C 257 5.58 -35.64 19.14
C GLY C 257 5.17 -35.88 17.70
N ILE C 258 6.16 -35.98 16.83
CA ILE C 258 5.92 -36.29 15.42
C ILE C 258 6.90 -37.37 14.97
N GLN C 259 6.69 -37.89 13.77
CA GLN C 259 7.59 -38.87 13.19
C GLN C 259 8.00 -38.40 11.81
N SER C 260 9.28 -38.10 11.64
CA SER C 260 9.74 -37.52 10.38
C SER C 260 11.07 -38.08 9.92
N GLY C 261 11.36 -37.88 8.64
CA GLY C 261 12.61 -38.33 8.04
C GLY C 261 13.33 -37.21 7.33
N VAL C 262 13.10 -35.98 7.79
CA VAL C 262 13.76 -34.80 7.23
C VAL C 262 14.43 -33.98 8.32
N GLN C 263 15.49 -33.26 7.95
CA GLN C 263 16.30 -32.52 8.91
C GLN C 263 15.52 -31.40 9.61
N VAL C 264 16.01 -31.00 10.78
CA VAL C 264 15.40 -29.92 11.54
C VAL C 264 15.81 -28.58 10.94
N ASP C 265 15.16 -27.51 11.37
CA ASP C 265 15.47 -26.17 10.88
C ASP C 265 14.96 -25.14 11.88
N ALA C 266 15.88 -24.57 12.66
CA ALA C 266 15.49 -23.62 13.71
C ALA C 266 15.36 -22.20 13.16
N ASP C 267 15.33 -22.08 11.84
CA ASP C 267 15.21 -20.78 11.20
C ASP C 267 13.80 -20.50 10.69
N CYS C 268 13.10 -21.53 10.24
CA CYS C 268 11.73 -21.35 9.78
C CYS C 268 10.74 -21.67 10.90
N GLU C 269 9.64 -20.94 10.91
CA GLU C 269 8.61 -21.15 11.92
C GLU C 269 7.54 -22.07 11.36
N GLY C 270 7.04 -22.99 12.19
CA GLY C 270 6.07 -23.97 11.73
C GLY C 270 5.04 -24.37 12.78
N ASP C 271 3.98 -25.02 12.32
CA ASP C 271 2.88 -25.42 13.19
C ASP C 271 2.22 -26.73 12.76
N CYS C 272 2.23 -26.98 11.46
CA CYS C 272 1.69 -28.22 10.92
C CYS C 272 2.84 -29.11 10.46
N TYR C 273 2.94 -30.31 11.02
CA TYR C 273 4.03 -31.21 10.68
C TYR C 273 3.56 -32.52 10.09
N TYR C 274 4.43 -33.15 9.31
CA TYR C 274 4.19 -34.50 8.83
C TYR C 274 5.54 -35.14 8.52
N SER C 275 5.52 -36.39 8.05
CA SER C 275 6.76 -37.15 7.90
C SER C 275 7.74 -36.49 6.93
N GLY C 276 7.23 -35.72 5.98
CA GLY C 276 8.06 -35.15 4.94
C GLY C 276 8.45 -33.70 5.14
N GLY C 277 8.10 -33.15 6.29
CA GLY C 277 8.47 -31.78 6.61
C GLY C 277 7.37 -30.97 7.27
N THR C 278 7.27 -29.71 6.87
CA THR C 278 6.33 -28.78 7.48
C THR C 278 5.39 -28.18 6.44
N ILE C 279 4.12 -28.05 6.80
CA ILE C 279 3.14 -27.40 5.94
C ILE C 279 2.81 -26.02 6.47
N ILE C 280 3.36 -24.99 5.83
CA ILE C 280 3.08 -23.60 6.21
C ILE C 280 2.20 -22.96 5.15
N SER C 281 0.92 -22.80 5.47
CA SER C 281 -0.04 -22.32 4.49
C SER C 281 -1.13 -21.49 5.14
N ASN C 282 -1.78 -20.63 4.36
CA ASN C 282 -2.94 -19.90 4.82
C ASN C 282 -4.22 -20.53 4.28
N LEU C 283 -4.05 -21.37 3.26
CA LEU C 283 -5.19 -22.01 2.60
C LEU C 283 -5.91 -22.94 3.58
N PRO C 284 -7.25 -23.03 3.44
CA PRO C 284 -8.07 -23.86 4.33
C PRO C 284 -7.85 -25.36 4.19
N PHE C 285 -7.39 -25.82 3.02
CA PHE C 285 -7.23 -27.26 2.79
C PHE C 285 -5.85 -27.63 2.29
N GLN C 286 -5.48 -28.89 2.53
CA GLN C 286 -4.22 -29.44 2.04
C GLN C 286 -4.42 -30.82 1.41
N ASN C 287 -3.50 -31.20 0.53
CA ASN C 287 -3.58 -32.49 -0.16
C ASN C 287 -2.22 -33.17 -0.10
N ILE C 288 -1.50 -32.95 1.00
CA ILE C 288 -0.16 -33.48 1.17
C ILE C 288 -0.14 -34.79 1.94
N ASP C 289 -0.60 -34.74 3.19
CA ASP C 289 -0.58 -35.91 4.06
C ASP C 289 -1.78 -35.91 4.99
N SER C 290 -2.58 -36.97 4.91
CA SER C 290 -3.80 -37.07 5.72
C SER C 290 -3.51 -37.19 7.21
N ARG C 291 -2.29 -37.63 7.54
CA ARG C 291 -1.94 -37.87 8.94
C ARG C 291 -1.11 -36.73 9.53
N ALA C 292 -1.25 -35.55 8.95
CA ALA C 292 -0.52 -34.37 9.40
C ALA C 292 -0.97 -33.99 10.80
N VAL C 293 -0.03 -33.48 11.60
CA VAL C 293 -0.33 -33.13 12.99
C VAL C 293 0.02 -31.70 13.34
N GLY C 294 -0.56 -31.21 14.43
CA GLY C 294 -0.42 -29.84 14.85
C GLY C 294 -1.66 -29.07 14.47
N LYS C 295 -1.51 -27.77 14.22
CA LYS C 295 -2.61 -26.96 13.72
C LYS C 295 -2.52 -26.90 12.19
N CYS C 296 -3.36 -27.68 11.52
CA CYS C 296 -3.20 -27.90 10.08
C CYS C 296 -4.47 -27.56 9.28
N PRO C 297 -4.28 -27.30 7.98
CA PRO C 297 -5.42 -27.23 7.05
C PRO C 297 -6.10 -28.58 7.01
N ARG C 298 -7.39 -28.60 6.66
CA ARG C 298 -8.13 -29.84 6.58
C ARG C 298 -7.69 -30.65 5.36
N TYR C 299 -7.47 -31.95 5.56
CA TYR C 299 -7.08 -32.81 4.45
C TYR C 299 -8.26 -33.13 3.54
N VAL C 300 -8.07 -32.93 2.25
CA VAL C 300 -9.08 -33.25 1.25
C VAL C 300 -8.48 -34.09 0.13
N LYS C 301 -9.33 -34.88 -0.53
CA LYS C 301 -8.91 -35.78 -1.61
C LYS C 301 -8.43 -35.02 -2.84
N GLN C 302 -9.07 -33.89 -3.12
CA GLN C 302 -8.83 -33.16 -4.36
C GLN C 302 -7.44 -32.55 -4.44
N ARG C 303 -6.88 -32.52 -5.64
CA ARG C 303 -5.56 -31.94 -5.87
C ARG C 303 -5.64 -30.43 -5.96
N SER C 304 -6.78 -29.95 -6.47
CA SER C 304 -6.99 -28.52 -6.64
C SER C 304 -8.46 -28.12 -6.63
N LEU C 305 -8.75 -27.01 -5.97
CA LEU C 305 -10.08 -26.44 -5.95
C LEU C 305 -9.95 -24.93 -6.05
N LEU C 306 -10.38 -24.37 -7.17
CA LEU C 306 -10.15 -22.95 -7.44
C LEU C 306 -11.33 -22.06 -7.06
N LEU C 307 -11.04 -21.10 -6.19
CA LEU C 307 -12.01 -20.10 -5.75
C LEU C 307 -11.87 -18.86 -6.62
N ALA C 308 -12.93 -18.51 -7.33
CA ALA C 308 -12.91 -17.35 -8.22
C ALA C 308 -12.77 -16.06 -7.42
N THR C 309 -11.88 -15.18 -7.86
CA THR C 309 -11.75 -13.87 -7.23
C THR C 309 -12.08 -12.75 -8.22
N GLY C 310 -12.61 -13.15 -9.38
CA GLY C 310 -13.02 -12.20 -10.40
C GLY C 310 -14.37 -12.58 -11.00
N MET C 311 -14.84 -11.77 -11.94
CA MET C 311 -16.14 -11.96 -12.54
C MET C 311 -16.08 -12.93 -13.71
N LYS C 312 -17.26 -13.31 -14.22
CA LYS C 312 -17.36 -14.16 -15.39
C LYS C 312 -16.68 -13.47 -16.56
N ASN C 313 -15.79 -14.18 -17.24
CA ASN C 313 -14.98 -13.59 -18.30
C ASN C 313 -15.59 -13.77 -19.69
N VAL C 314 -15.96 -12.66 -20.31
CA VAL C 314 -16.52 -12.65 -21.66
C VAL C 314 -15.61 -11.86 -22.60
N PRO C 315 -14.74 -12.57 -23.35
CA PRO C 315 -13.72 -11.96 -24.21
C PRO C 315 -14.31 -11.08 -25.31
N GLU C 316 -13.44 -10.32 -25.97
CA GLU C 316 -13.83 -9.38 -27.01
C GLU C 316 -13.59 -9.99 -28.40
N GLY D 1 -24.41 -15.96 -14.79
CA GLY D 1 -24.88 -15.22 -13.64
C GLY D 1 -26.38 -15.03 -13.63
N LEU D 2 -26.92 -14.68 -12.46
CA LEU D 2 -28.37 -14.59 -12.28
C LEU D 2 -28.98 -13.22 -12.57
N PHE D 3 -28.15 -12.27 -13.01
CA PHE D 3 -28.64 -10.90 -13.16
C PHE D 3 -28.58 -10.37 -14.60
N GLY D 4 -28.32 -11.26 -15.55
CA GLY D 4 -28.42 -10.94 -16.96
C GLY D 4 -27.49 -9.88 -17.52
N ALA D 5 -26.57 -9.38 -16.69
CA ALA D 5 -25.64 -8.37 -17.14
C ALA D 5 -24.47 -9.00 -17.89
N ILE D 6 -23.53 -9.56 -17.14
CA ILE D 6 -22.40 -10.26 -17.72
C ILE D 6 -22.93 -11.47 -18.48
N ALA D 7 -22.52 -11.58 -19.74
CA ALA D 7 -23.02 -12.58 -20.66
C ALA D 7 -24.53 -12.43 -20.87
N GLY D 8 -24.95 -11.19 -21.11
CA GLY D 8 -26.35 -10.88 -21.33
C GLY D 8 -26.53 -9.78 -22.36
N PHE D 9 -27.06 -8.64 -21.93
CA PHE D 9 -27.24 -7.52 -22.86
C PHE D 9 -25.91 -6.94 -23.29
N ILE D 10 -25.04 -6.65 -22.31
CA ILE D 10 -23.66 -6.32 -22.63
C ILE D 10 -23.07 -7.56 -23.24
N GLU D 11 -23.02 -7.55 -24.58
CA GLU D 11 -22.68 -8.70 -25.38
C GLU D 11 -21.33 -9.30 -24.97
N ASN D 12 -20.45 -8.44 -24.44
CA ASN D 12 -19.14 -8.88 -23.97
C ASN D 12 -18.45 -7.90 -23.05
N GLY D 13 -17.21 -8.22 -22.72
CA GLY D 13 -16.41 -7.39 -21.84
C GLY D 13 -15.34 -6.64 -22.59
N TRP D 14 -14.70 -5.69 -21.91
CA TRP D 14 -13.71 -4.83 -22.54
C TRP D 14 -12.30 -5.15 -22.06
N GLU D 15 -11.49 -5.71 -22.95
CA GLU D 15 -10.12 -6.05 -22.60
C GLU D 15 -9.28 -4.79 -22.40
N GLY D 16 -9.79 -3.66 -22.88
CA GLY D 16 -9.11 -2.39 -22.75
C GLY D 16 -9.34 -1.71 -21.41
N LEU D 17 -10.28 -2.24 -20.64
CA LEU D 17 -10.59 -1.66 -19.34
C LEU D 17 -9.64 -2.17 -18.26
N ILE D 18 -8.43 -1.60 -18.23
CA ILE D 18 -7.41 -2.03 -17.28
C ILE D 18 -7.43 -1.15 -16.02
N ASP D 19 -8.12 -0.02 -16.10
CA ASP D 19 -8.23 0.91 -14.99
C ASP D 19 -8.96 0.32 -13.79
N GLY D 20 -10.05 -0.40 -14.06
CA GLY D 20 -10.86 -0.97 -13.01
C GLY D 20 -11.73 -2.11 -13.53
N TRP D 21 -12.71 -2.50 -12.72
CA TRP D 21 -13.58 -3.62 -13.06
C TRP D 21 -14.74 -3.17 -13.96
N TYR D 22 -15.37 -2.07 -13.59
CA TYR D 22 -16.46 -1.52 -14.38
C TYR D 22 -16.09 -0.14 -14.90
N GLY D 23 -16.70 0.27 -16.01
CA GLY D 23 -16.38 1.56 -16.59
C GLY D 23 -17.36 2.05 -17.66
N PHE D 24 -17.15 3.29 -18.10
CA PHE D 24 -17.99 3.88 -19.13
C PHE D 24 -17.25 3.99 -20.46
N ARG D 25 -17.99 3.89 -21.56
CA ARG D 25 -17.44 4.13 -22.88
C ARG D 25 -18.44 4.94 -23.69
N HIS D 26 -18.05 6.17 -24.03
CA HIS D 26 -18.95 7.12 -24.67
C HIS D 26 -18.48 7.49 -26.07
N GLN D 27 -19.39 7.92 -26.92
CA GLN D 27 -19.03 8.40 -28.25
C GLN D 27 -19.77 9.69 -28.58
N ASN D 28 -19.02 10.78 -28.76
CA ASN D 28 -19.63 12.08 -29.02
C ASN D 28 -19.00 12.86 -30.15
N ALA D 29 -19.08 14.18 -30.06
CA ALA D 29 -18.52 15.07 -31.07
C ALA D 29 -16.99 15.00 -31.06
N GLN D 30 -16.40 15.18 -29.88
CA GLN D 30 -14.94 15.20 -29.74
C GLN D 30 -14.31 13.81 -29.93
N GLY D 31 -15.14 12.78 -29.99
CA GLY D 31 -14.65 11.44 -30.28
C GLY D 31 -15.20 10.36 -29.36
N GLU D 32 -14.29 9.55 -28.83
CA GLU D 32 -14.67 8.43 -27.97
C GLU D 32 -13.68 8.23 -26.84
N GLY D 33 -14.20 7.99 -25.64
CA GLY D 33 -13.38 7.76 -24.47
C GLY D 33 -13.81 6.53 -23.69
N THR D 34 -12.93 6.09 -22.79
CA THR D 34 -13.21 4.95 -21.92
C THR D 34 -12.56 5.14 -20.56
N ALA D 35 -13.38 5.26 -19.52
CA ALA D 35 -12.88 5.48 -18.16
C ALA D 35 -13.62 4.61 -17.15
N ALA D 36 -12.89 4.08 -16.18
CA ALA D 36 -13.46 3.16 -15.20
C ALA D 36 -14.11 3.85 -14.00
N ASP D 37 -15.12 3.19 -13.44
CA ASP D 37 -15.80 3.66 -12.25
C ASP D 37 -15.17 3.05 -10.99
N TYR D 38 -14.47 3.88 -10.22
CA TYR D 38 -13.80 3.43 -9.00
C TYR D 38 -14.77 2.88 -7.96
N LYS D 39 -15.86 3.60 -7.71
CA LYS D 39 -16.81 3.24 -6.65
C LYS D 39 -17.35 1.82 -6.76
N SER D 40 -17.76 1.44 -7.97
CA SER D 40 -18.33 0.13 -8.19
C SER D 40 -17.25 -0.95 -8.23
N THR D 41 -16.09 -0.59 -8.80
CA THR D 41 -14.94 -1.48 -8.84
C THR D 41 -14.51 -1.87 -7.43
N GLN D 42 -14.46 -0.89 -6.54
CA GLN D 42 -14.07 -1.11 -5.16
C GLN D 42 -15.12 -1.94 -4.42
N SER D 43 -16.39 -1.68 -4.72
CA SER D 43 -17.49 -2.40 -4.09
C SER D 43 -17.38 -3.90 -4.32
N ALA D 44 -17.11 -4.28 -5.56
CA ALA D 44 -16.96 -5.68 -5.93
C ALA D 44 -15.69 -6.28 -5.32
N ILE D 45 -14.60 -5.52 -5.37
CA ILE D 45 -13.32 -5.94 -4.81
C ILE D 45 -13.42 -6.18 -3.30
N ASP D 46 -14.10 -5.28 -2.61
CA ASP D 46 -14.25 -5.37 -1.16
C ASP D 46 -15.01 -6.62 -0.75
N GLN D 47 -15.94 -7.05 -1.59
CA GLN D 47 -16.76 -8.22 -1.31
C GLN D 47 -16.03 -9.52 -1.63
N ILE D 48 -15.14 -9.47 -2.61
CA ILE D 48 -14.31 -10.62 -2.95
C ILE D 48 -13.23 -10.80 -1.88
N THR D 49 -12.70 -9.69 -1.37
CA THR D 49 -11.74 -9.71 -0.28
C THR D 49 -12.40 -10.23 0.99
N GLY D 50 -13.67 -9.85 1.18
CA GLY D 50 -14.44 -10.29 2.32
C GLY D 50 -14.62 -11.79 2.32
N LYS D 51 -14.72 -12.37 1.12
CA LYS D 51 -14.76 -13.81 0.98
C LYS D 51 -13.40 -14.41 1.32
N LEU D 52 -12.35 -13.71 0.93
CA LEU D 52 -10.98 -14.18 1.14
C LEU D 52 -10.60 -14.25 2.61
N ASN D 53 -10.89 -13.17 3.34
CA ASN D 53 -10.52 -13.09 4.75
C ASN D 53 -11.17 -14.18 5.59
N ARG D 54 -12.41 -14.50 5.24
CA ARG D 54 -13.20 -15.48 5.98
C ARG D 54 -12.81 -16.91 5.60
N LEU D 55 -12.38 -17.09 4.35
CA LEU D 55 -11.97 -18.42 3.88
C LEU D 55 -10.51 -18.75 4.16
N ILE D 56 -9.70 -17.73 4.40
CA ILE D 56 -8.34 -17.96 4.88
C ILE D 56 -8.46 -18.05 6.40
N GLU D 57 -8.86 -19.24 6.84
CA GLU D 57 -9.27 -19.48 8.22
C GLU D 57 -8.24 -20.37 8.90
N LYS D 58 -7.93 -20.04 10.15
CA LYS D 58 -7.02 -20.86 10.93
C LYS D 58 -7.75 -21.41 12.15
N THR D 59 -7.70 -22.72 12.32
CA THR D 59 -8.28 -23.34 13.50
C THR D 59 -7.21 -23.48 14.57
N ASN D 60 -7.58 -23.15 15.81
CA ASN D 60 -6.66 -23.28 16.94
C ASN D 60 -6.71 -24.70 17.48
N GLN D 61 -7.41 -25.57 16.76
CA GLN D 61 -7.55 -26.96 17.16
C GLN D 61 -6.33 -27.78 16.78
N GLN D 62 -5.67 -28.34 17.78
CA GLN D 62 -4.49 -29.15 17.57
C GLN D 62 -4.83 -30.64 17.58
N PHE D 63 -4.37 -31.35 16.56
CA PHE D 63 -4.54 -32.79 16.50
C PHE D 63 -3.20 -33.48 16.59
N GLU D 64 -3.12 -34.52 17.41
CA GLU D 64 -1.88 -35.27 17.56
C GLU D 64 -1.99 -36.69 16.99
N LEU D 65 -0.89 -37.43 17.09
CA LEU D 65 -0.82 -38.78 16.54
C LEU D 65 -1.68 -39.78 17.30
N ILE D 66 -2.44 -40.59 16.56
CA ILE D 66 -3.10 -41.76 17.13
C ILE D 66 -2.63 -42.99 16.36
N ASP D 67 -1.95 -42.73 15.25
CA ASP D 67 -1.31 -43.77 14.45
C ASP D 67 0.16 -43.89 14.80
N ASN D 68 0.83 -44.83 14.13
CA ASN D 68 2.27 -44.97 14.18
C ASN D 68 2.78 -45.42 12.83
N GLU D 69 3.74 -44.69 12.28
CA GLU D 69 4.25 -44.93 10.93
C GLU D 69 5.39 -45.94 10.90
N PHE D 70 6.11 -46.04 12.02
CA PHE D 70 7.29 -46.89 12.08
C PHE D 70 7.01 -48.27 12.68
N THR D 71 6.04 -48.33 13.59
CA THR D 71 5.65 -49.60 14.20
C THR D 71 4.13 -49.70 14.22
N GLU D 72 3.57 -50.42 13.24
CA GLU D 72 2.13 -50.47 13.03
C GLU D 72 1.37 -50.91 14.28
N VAL D 73 0.28 -50.21 14.58
CA VAL D 73 -0.53 -50.50 15.74
C VAL D 73 -1.31 -51.79 15.55
N GLU D 74 -2.06 -52.19 16.58
CA GLU D 74 -2.83 -53.43 16.51
C GLU D 74 -3.89 -53.35 15.43
N LYS D 75 -4.05 -54.46 14.69
CA LYS D 75 -4.86 -54.48 13.47
C LYS D 75 -6.29 -53.96 13.63
N GLN D 76 -6.96 -54.33 14.71
CA GLN D 76 -8.36 -53.93 14.87
C GLN D 76 -8.50 -52.45 15.17
N ILE D 77 -7.72 -51.96 16.12
CA ILE D 77 -7.75 -50.54 16.46
C ILE D 77 -7.22 -49.68 15.31
N GLY D 78 -6.35 -50.26 14.49
CA GLY D 78 -5.79 -49.56 13.36
C GLY D 78 -6.81 -49.42 12.24
N ASN D 79 -7.62 -50.45 12.07
CA ASN D 79 -8.67 -50.45 11.06
C ASN D 79 -9.81 -49.49 11.41
N VAL D 80 -10.09 -49.34 12.70
CA VAL D 80 -11.10 -48.39 13.16
C VAL D 80 -10.61 -46.96 12.94
N ILE D 81 -9.36 -46.71 13.29
CA ILE D 81 -8.71 -45.43 13.06
C ILE D 81 -8.65 -45.07 11.58
N ASN D 82 -8.24 -46.03 10.76
CA ASN D 82 -8.20 -45.84 9.31
C ASN D 82 -9.58 -45.62 8.72
N TRP D 83 -10.57 -46.30 9.28
CA TRP D 83 -11.96 -46.15 8.84
C TRP D 83 -12.53 -44.79 9.25
N THR D 84 -12.21 -44.35 10.47
CA THR D 84 -12.69 -43.06 10.95
C THR D 84 -12.12 -41.91 10.14
N ARG D 85 -10.80 -41.94 9.93
CA ARG D 85 -10.13 -40.89 9.18
C ARG D 85 -10.64 -40.82 7.75
N ASP D 86 -10.83 -41.97 7.14
CA ASP D 86 -11.31 -42.04 5.76
C ASP D 86 -12.71 -41.42 5.64
N SER D 87 -13.56 -41.69 6.62
CA SER D 87 -14.92 -41.18 6.61
C SER D 87 -14.95 -39.67 6.79
N ILE D 88 -13.95 -39.13 7.48
CA ILE D 88 -13.87 -37.70 7.75
C ILE D 88 -13.23 -36.96 6.57
N THR D 89 -12.24 -37.59 5.95
CA THR D 89 -11.63 -37.08 4.73
C THR D 89 -12.69 -36.93 3.64
N GLU D 90 -13.59 -37.91 3.56
CA GLU D 90 -14.74 -37.83 2.66
C GLU D 90 -15.62 -36.62 2.95
N VAL D 91 -15.79 -36.28 4.22
CA VAL D 91 -16.62 -35.15 4.63
C VAL D 91 -16.02 -33.80 4.24
N TRP D 92 -14.74 -33.61 4.56
CA TRP D 92 -14.03 -32.37 4.23
C TRP D 92 -13.78 -32.22 2.72
N SER D 93 -13.63 -33.34 2.02
CA SER D 93 -13.50 -33.32 0.58
C SER D 93 -14.80 -32.85 -0.06
N TYR D 94 -15.92 -33.26 0.54
CA TYR D 94 -17.23 -32.82 0.10
C TYR D 94 -17.45 -31.35 0.42
N ASN D 95 -17.20 -30.98 1.67
CA ASN D 95 -17.38 -29.61 2.13
C ASN D 95 -16.58 -28.63 1.30
N ALA D 96 -15.33 -28.98 1.00
CA ALA D 96 -14.47 -28.11 0.21
C ALA D 96 -14.98 -27.96 -1.20
N GLU D 97 -15.39 -29.08 -1.80
CA GLU D 97 -15.94 -29.10 -3.15
C GLU D 97 -17.20 -28.23 -3.26
N LEU D 98 -18.06 -28.34 -2.26
CA LEU D 98 -19.32 -27.60 -2.23
C LEU D 98 -19.10 -26.12 -1.94
N LEU D 99 -18.23 -25.86 -0.97
CA LEU D 99 -17.94 -24.49 -0.53
C LEU D 99 -17.48 -23.62 -1.68
N VAL D 100 -16.51 -24.13 -2.44
CA VAL D 100 -15.94 -23.39 -3.55
C VAL D 100 -16.94 -23.20 -4.68
N ALA D 101 -17.65 -24.26 -5.03
CA ALA D 101 -18.63 -24.19 -6.11
C ALA D 101 -19.75 -23.22 -5.77
N MET D 102 -20.05 -23.11 -4.48
CA MET D 102 -21.11 -22.23 -3.99
C MET D 102 -20.67 -20.78 -3.98
N GLU D 103 -19.48 -20.53 -3.45
CA GLU D 103 -18.90 -19.19 -3.44
C GLU D 103 -18.65 -18.69 -4.85
N ASN D 104 -18.14 -19.56 -5.72
CA ASN D 104 -17.90 -19.19 -7.12
C ASN D 104 -19.21 -18.77 -7.78
N GLN D 105 -20.28 -19.52 -7.48
CA GLN D 105 -21.59 -19.22 -8.04
C GLN D 105 -22.04 -17.86 -7.52
N HIS D 106 -21.72 -17.58 -6.26
CA HIS D 106 -22.11 -16.33 -5.64
C HIS D 106 -21.29 -15.17 -6.16
N THR D 107 -19.99 -15.41 -6.35
CA THR D 107 -19.07 -14.37 -6.84
C THR D 107 -19.46 -13.88 -8.23
N ILE D 108 -19.71 -14.81 -9.14
CA ILE D 108 -20.18 -14.49 -10.48
C ILE D 108 -21.46 -13.66 -10.43
N ASP D 109 -22.47 -14.16 -9.73
CA ASP D 109 -23.75 -13.48 -9.61
C ASP D 109 -23.62 -12.11 -8.96
N LEU D 110 -22.70 -11.99 -8.01
CA LEU D 110 -22.47 -10.74 -7.30
C LEU D 110 -21.94 -9.63 -8.21
N ALA D 111 -20.89 -9.95 -8.97
CA ALA D 111 -20.28 -8.98 -9.88
C ALA D 111 -21.26 -8.67 -11.00
N ASP D 112 -22.05 -9.66 -11.37
CA ASP D 112 -23.09 -9.52 -12.37
C ASP D 112 -24.12 -8.46 -11.95
N SER D 113 -24.48 -8.46 -10.66
CA SER D 113 -25.48 -7.53 -10.16
C SER D 113 -24.91 -6.13 -9.94
N GLU D 114 -23.61 -6.03 -9.62
CA GLU D 114 -22.99 -4.73 -9.40
C GLU D 114 -22.93 -3.93 -10.69
N MET D 115 -22.77 -4.64 -11.81
CA MET D 115 -22.81 -4.00 -13.12
C MET D 115 -24.21 -3.50 -13.41
N ASP D 116 -25.19 -4.38 -13.22
CA ASP D 116 -26.59 -4.05 -13.50
C ASP D 116 -27.02 -2.85 -12.67
N LYS D 117 -26.66 -2.84 -11.39
CA LYS D 117 -26.96 -1.73 -10.48
C LYS D 117 -26.49 -0.42 -11.08
N LEU D 118 -25.23 -0.39 -11.52
CA LEU D 118 -24.62 0.79 -12.11
C LEU D 118 -25.38 1.25 -13.35
N TYR D 119 -25.77 0.29 -14.18
CA TYR D 119 -26.54 0.58 -15.38
C TYR D 119 -27.88 1.20 -15.02
N GLU D 120 -28.49 0.72 -13.93
CA GLU D 120 -29.76 1.24 -13.47
C GLU D 120 -29.58 2.64 -12.91
N ARG D 121 -28.42 2.91 -12.34
CA ARG D 121 -28.15 4.19 -11.70
C ARG D 121 -28.02 5.32 -12.72
N VAL D 122 -27.26 5.06 -13.78
CA VAL D 122 -27.13 6.00 -14.89
C VAL D 122 -28.49 6.25 -15.53
N LYS D 123 -29.26 5.17 -15.68
CA LYS D 123 -30.61 5.27 -16.22
C LYS D 123 -31.48 6.24 -15.41
N ARG D 124 -31.31 6.23 -14.09
CA ARG D 124 -32.08 7.12 -13.21
C ARG D 124 -31.63 8.58 -13.35
N GLN D 125 -30.36 8.77 -13.72
CA GLN D 125 -29.81 10.13 -13.87
C GLN D 125 -30.35 10.84 -15.10
N LEU D 126 -30.31 10.15 -16.24
CA LEU D 126 -30.68 10.74 -17.52
C LEU D 126 -32.18 10.95 -17.65
N ARG D 127 -32.94 10.11 -16.95
CA ARG D 127 -34.39 10.20 -16.91
C ARG D 127 -35.04 10.19 -18.29
N GLU D 128 -35.40 11.36 -18.79
CA GLU D 128 -36.12 11.46 -20.06
C GLU D 128 -35.23 11.83 -21.25
N ASN D 129 -33.97 12.10 -20.97
CA ASN D 129 -33.07 12.60 -22.00
C ASN D 129 -32.47 11.53 -22.90
N ALA D 130 -32.58 10.27 -22.49
CA ALA D 130 -31.99 9.17 -23.26
C ALA D 130 -32.88 7.93 -23.32
N GLU D 131 -32.47 6.97 -24.12
CA GLU D 131 -33.21 5.71 -24.26
C GLU D 131 -32.25 4.51 -24.39
N GLU D 132 -32.75 3.31 -24.06
CA GLU D 132 -31.92 2.11 -24.05
C GLU D 132 -31.66 1.55 -25.44
N ASP D 133 -30.39 1.32 -25.75
CA ASP D 133 -30.01 0.76 -27.04
C ASP D 133 -30.20 -0.76 -27.06
N GLY D 134 -30.31 -1.34 -25.88
CA GLY D 134 -30.48 -2.77 -25.74
C GLY D 134 -29.17 -3.54 -25.63
N THR D 135 -28.06 -2.82 -25.64
CA THR D 135 -26.75 -3.46 -25.56
C THR D 135 -25.95 -2.94 -24.37
N GLY D 136 -26.63 -2.24 -23.47
CA GLY D 136 -25.99 -1.69 -22.29
C GLY D 136 -25.57 -0.24 -22.46
N CYS D 137 -26.03 0.39 -23.54
CA CYS D 137 -25.71 1.79 -23.78
C CYS D 137 -26.97 2.67 -23.81
N PHE D 138 -26.77 3.96 -23.55
CA PHE D 138 -27.86 4.92 -23.60
C PHE D 138 -27.64 5.88 -24.76
N GLU D 139 -28.65 5.98 -25.63
CA GLU D 139 -28.61 6.96 -26.71
C GLU D 139 -29.14 8.30 -26.23
N ILE D 140 -28.22 9.26 -26.05
CA ILE D 140 -28.55 10.57 -25.54
C ILE D 140 -29.16 11.44 -26.63
N PHE D 141 -30.38 11.93 -26.41
CA PHE D 141 -31.01 12.76 -27.43
C PHE D 141 -30.75 14.26 -27.29
N HIS D 142 -29.57 14.58 -26.76
CA HIS D 142 -29.02 15.92 -26.88
C HIS D 142 -27.54 15.80 -27.23
N LYS D 143 -26.82 16.91 -27.24
CA LYS D 143 -25.39 16.87 -27.53
C LYS D 143 -24.57 16.80 -26.24
N CYS D 144 -23.68 15.83 -26.18
CA CYS D 144 -22.95 15.56 -24.95
C CYS D 144 -21.44 15.66 -25.14
N ASP D 145 -20.89 16.83 -24.88
CA ASP D 145 -19.45 17.04 -24.95
C ASP D 145 -18.75 16.27 -23.83
N ASP D 146 -17.42 16.27 -23.86
CA ASP D 146 -16.64 15.52 -22.88
C ASP D 146 -16.94 15.91 -21.43
N ASP D 147 -17.25 17.18 -21.21
CA ASP D 147 -17.60 17.65 -19.86
C ASP D 147 -19.00 17.18 -19.48
N CYS D 148 -19.85 16.99 -20.48
CA CYS D 148 -21.18 16.44 -20.27
C CYS D 148 -21.07 14.97 -19.89
N MET D 149 -20.23 14.23 -20.61
CA MET D 149 -19.99 12.83 -20.30
C MET D 149 -19.45 12.68 -18.88
N ALA D 150 -18.46 13.51 -18.55
CA ALA D 150 -17.85 13.50 -17.22
C ALA D 150 -18.88 13.74 -16.12
N SER D 151 -19.84 14.64 -16.38
CA SER D 151 -20.88 14.97 -15.40
C SER D 151 -21.77 13.76 -15.14
N ILE D 152 -21.93 12.92 -16.16
CA ILE D 152 -22.69 11.68 -16.01
C ILE D 152 -21.88 10.68 -15.21
N ARG D 153 -20.59 10.56 -15.56
CA ARG D 153 -19.70 9.62 -14.90
C ARG D 153 -19.48 9.95 -13.42
N ASN D 154 -19.34 11.23 -13.10
CA ASN D 154 -19.11 11.62 -11.71
C ASN D 154 -20.38 12.06 -10.98
N ASN D 155 -21.52 11.65 -11.53
CA ASN D 155 -22.82 11.73 -10.87
C ASN D 155 -23.36 13.15 -10.62
N THR D 156 -22.88 14.12 -11.40
CA THR D 156 -23.28 15.52 -11.22
C THR D 156 -24.17 16.02 -12.36
N TYR D 157 -24.40 15.16 -13.35
CA TYR D 157 -25.24 15.48 -14.50
C TYR D 157 -26.65 15.93 -14.10
N ASP D 158 -27.03 17.11 -14.55
CA ASP D 158 -28.39 17.61 -14.36
C ASP D 158 -29.20 17.41 -15.64
N HIS D 159 -30.37 16.80 -15.49
CA HIS D 159 -31.15 16.41 -16.64
C HIS D 159 -32.13 17.50 -17.08
N SER D 160 -32.46 18.40 -16.17
CA SER D 160 -33.38 19.50 -16.47
C SER D 160 -32.79 20.43 -17.54
N LYS D 161 -31.48 20.65 -17.43
CA LYS D 161 -30.74 21.49 -18.35
C LYS D 161 -30.92 21.10 -19.81
N TYR D 162 -31.09 19.79 -20.06
CA TYR D 162 -31.20 19.28 -21.41
C TYR D 162 -32.56 18.63 -21.67
N ARG D 163 -33.43 18.68 -20.68
CA ARG D 163 -34.75 18.02 -20.77
C ARG D 163 -35.56 18.51 -21.97
N GLU D 164 -35.77 19.82 -22.05
CA GLU D 164 -36.57 20.44 -23.10
C GLU D 164 -36.08 20.03 -24.48
N GLU D 165 -34.76 20.14 -24.67
CA GLU D 165 -34.13 19.83 -25.95
C GLU D 165 -34.20 18.35 -26.28
N ALA D 166 -33.87 17.50 -25.30
CA ALA D 166 -33.84 16.06 -25.50
C ALA D 166 -35.21 15.49 -25.82
N MET D 167 -36.24 16.00 -25.13
CA MET D 167 -37.61 15.58 -25.38
C MET D 167 -38.07 16.06 -26.75
N GLN D 168 -37.50 17.19 -27.19
CA GLN D 168 -37.86 17.77 -28.47
C GLN D 168 -37.44 16.84 -29.60
N ASN D 169 -36.26 16.24 -29.45
CA ASN D 169 -35.82 15.21 -30.40
C ASN D 169 -36.54 13.90 -30.14
N ARG D 170 -37.86 13.93 -30.24
CA ARG D 170 -38.70 12.76 -29.97
C ARG D 170 -38.43 11.66 -30.98
N ASP E 1 -38.25 62.65 -12.13
CA ASP E 1 -38.35 63.81 -11.26
C ASP E 1 -37.57 63.60 -9.96
N LYS E 2 -37.46 62.34 -9.53
CA LYS E 2 -36.71 62.03 -8.32
C LYS E 2 -35.94 60.70 -8.42
N ILE E 3 -34.78 60.67 -7.77
CA ILE E 3 -33.95 59.46 -7.72
C ILE E 3 -33.60 59.13 -6.27
N CYS E 4 -33.68 57.84 -5.92
CA CYS E 4 -33.53 57.42 -4.53
C CYS E 4 -32.30 56.54 -4.29
N LEU E 5 -31.77 56.62 -3.08
CA LEU E 5 -30.65 55.78 -2.65
C LEU E 5 -31.15 54.74 -1.64
N GLY E 6 -30.81 53.47 -1.85
CA GLY E 6 -31.33 52.43 -0.98
C GLY E 6 -30.44 51.21 -0.80
N HIS E 7 -30.77 50.41 0.20
CA HIS E 7 -30.05 49.17 0.49
C HIS E 7 -31.01 47.99 0.54
N HIS E 8 -30.50 46.79 0.28
CA HIS E 8 -31.36 45.62 0.21
C HIS E 8 -31.84 45.22 1.59
N ALA E 9 -32.88 44.37 1.62
CA ALA E 9 -33.43 43.88 2.87
C ALA E 9 -34.17 42.58 2.61
N VAL E 10 -34.43 41.84 3.68
CA VAL E 10 -35.12 40.57 3.56
C VAL E 10 -36.30 40.55 4.51
N SER E 11 -37.16 39.54 4.36
CA SER E 11 -38.31 39.37 5.22
C SER E 11 -37.90 38.58 6.46
N ASN E 12 -36.91 37.71 6.28
CA ASN E 12 -36.43 36.85 7.36
C ASN E 12 -34.93 36.99 7.60
N GLY E 13 -34.56 38.01 8.36
CA GLY E 13 -33.16 38.18 8.72
C GLY E 13 -32.83 37.30 9.92
N THR E 14 -31.55 37.25 10.27
CA THR E 14 -31.11 36.46 11.40
C THR E 14 -30.62 37.35 12.54
N LYS E 15 -30.92 36.95 13.78
CA LYS E 15 -30.56 37.73 14.96
C LYS E 15 -29.11 37.51 15.39
N VAL E 16 -28.40 38.60 15.64
CA VAL E 16 -27.05 38.55 16.18
C VAL E 16 -26.92 39.55 17.33
N ASN E 17 -25.75 39.57 17.97
CA ASN E 17 -25.53 40.47 19.09
C ASN E 17 -24.45 41.49 18.81
N THR E 18 -24.57 42.65 19.46
CA THR E 18 -23.59 43.71 19.34
C THR E 18 -23.20 44.21 20.73
N LEU E 19 -22.34 45.22 20.75
CA LEU E 19 -21.94 45.87 21.99
C LEU E 19 -23.14 46.59 22.60
N THR E 20 -24.03 47.06 21.73
CA THR E 20 -25.09 47.97 22.15
C THR E 20 -26.46 47.31 22.28
N GLU E 21 -26.67 46.19 21.60
CA GLU E 21 -28.01 45.62 21.50
C GLU E 21 -28.00 44.11 21.40
N ARG E 22 -29.07 43.48 21.87
CA ARG E 22 -29.19 42.03 21.83
C ARG E 22 -30.27 41.60 20.85
N GLY E 23 -29.89 40.75 19.90
CA GLY E 23 -30.85 40.17 18.97
C GLY E 23 -31.27 41.10 17.85
N VAL E 24 -30.42 42.07 17.50
CA VAL E 24 -30.67 42.95 16.36
C VAL E 24 -30.55 42.16 15.05
N GLU E 25 -31.53 42.34 14.18
CA GLU E 25 -31.64 41.55 12.96
C GLU E 25 -30.74 42.06 11.85
N VAL E 26 -30.00 41.16 11.22
CA VAL E 26 -29.17 41.51 10.08
C VAL E 26 -29.58 40.68 8.87
N VAL E 27 -29.00 40.99 7.72
CA VAL E 27 -29.35 40.28 6.49
C VAL E 27 -28.84 38.83 6.50
N ASN E 28 -27.53 38.66 6.63
CA ASN E 28 -26.93 37.32 6.65
C ASN E 28 -25.83 37.19 7.71
N ALA E 29 -25.85 36.08 8.44
CA ALA E 29 -24.83 35.82 9.44
C ALA E 29 -24.27 34.40 9.28
N THR E 30 -23.07 34.17 9.83
CA THR E 30 -22.46 32.84 9.78
C THR E 30 -22.06 32.35 11.16
N GLU E 31 -22.02 31.03 11.33
CA GLU E 31 -21.66 30.44 12.62
C GLU E 31 -20.16 30.56 12.88
N THR E 32 -19.82 30.84 14.13
CA THR E 32 -18.42 31.01 14.52
C THR E 32 -17.96 29.93 15.52
N VAL E 33 -18.92 29.26 16.15
CA VAL E 33 -18.63 28.17 17.09
C VAL E 33 -19.01 26.81 16.52
N GLU E 34 -18.04 25.91 16.41
CA GLU E 34 -18.26 24.61 15.80
C GLU E 34 -18.91 23.60 16.75
N ARG E 35 -19.85 22.82 16.22
CA ARG E 35 -20.48 21.75 16.98
C ARG E 35 -20.52 20.44 16.19
N THR E 36 -20.07 20.50 14.93
CA THR E 36 -20.15 19.35 14.05
C THR E 36 -19.03 18.34 14.30
N ASN E 37 -19.46 17.11 14.58
CA ASN E 37 -18.56 16.01 14.89
C ASN E 37 -18.13 15.27 13.63
N ILE E 38 -17.21 14.32 13.79
CA ILE E 38 -17.00 13.24 12.84
C ILE E 38 -16.67 11.99 13.67
N PRO E 39 -17.60 11.02 13.70
CA PRO E 39 -17.56 9.91 14.66
C PRO E 39 -16.47 8.87 14.38
N ARG E 40 -15.36 9.31 13.82
CA ARG E 40 -14.24 8.42 13.52
C ARG E 40 -12.92 9.16 13.71
N ILE E 41 -11.82 8.42 13.78
CA ILE E 41 -10.50 9.03 13.88
C ILE E 41 -9.91 9.21 12.49
N CYS E 42 -9.99 10.43 11.97
CA CYS E 42 -9.51 10.72 10.62
C CYS E 42 -8.00 10.61 10.56
N SER E 43 -7.50 9.49 10.04
CA SER E 43 -6.10 9.13 10.16
C SER E 43 -5.31 9.23 8.85
N LYS E 44 -5.97 9.68 7.80
CA LYS E 44 -5.33 9.78 6.48
C LYS E 44 -4.10 10.68 6.53
N GLY E 45 -2.98 10.15 6.03
CA GLY E 45 -1.73 10.90 6.03
C GLY E 45 -0.82 10.52 7.19
N LYS E 46 -1.38 9.85 8.19
CA LYS E 46 -0.61 9.48 9.38
C LYS E 46 -0.57 7.98 9.58
N ARG E 47 0.57 7.48 10.04
CA ARG E 47 0.72 6.06 10.33
C ARG E 47 0.17 5.78 11.72
N THR E 48 -0.96 5.09 11.78
CA THR E 48 -1.71 4.95 13.03
C THR E 48 -1.58 3.57 13.65
N VAL E 49 -1.46 3.55 14.98
CA VAL E 49 -1.44 2.31 15.73
C VAL E 49 -2.59 2.24 16.73
N ASP E 50 -3.50 1.29 16.50
CA ASP E 50 -4.65 1.10 17.39
C ASP E 50 -4.32 0.01 18.40
N LEU E 51 -4.02 0.43 19.63
CA LEU E 51 -3.54 -0.49 20.66
C LEU E 51 -4.57 -1.51 21.12
N GLY E 52 -5.85 -1.14 21.03
CA GLY E 52 -6.94 -2.03 21.40
C GLY E 52 -6.80 -2.64 22.78
N GLN E 53 -6.66 -3.96 22.82
CA GLN E 53 -6.53 -4.69 24.08
C GLN E 53 -5.25 -4.33 24.83
N CYS E 54 -4.26 -3.81 24.10
CA CYS E 54 -2.96 -3.53 24.68
C CYS E 54 -2.91 -2.17 25.34
N GLY E 55 -2.40 -2.14 26.56
CA GLY E 55 -2.20 -0.88 27.27
C GLY E 55 -0.87 -0.27 26.85
N LEU E 56 -0.82 1.06 26.78
CA LEU E 56 0.36 1.76 26.27
C LEU E 56 1.65 1.43 27.03
N LEU E 57 1.56 1.32 28.34
CA LEU E 57 2.73 0.98 29.15
C LEU E 57 3.11 -0.48 28.98
N GLY E 58 2.18 -1.28 28.46
CA GLY E 58 2.41 -2.70 28.26
C GLY E 58 3.32 -2.98 27.09
N THR E 59 3.51 -2.00 26.23
CA THR E 59 4.36 -2.18 25.06
C THR E 59 5.84 -2.24 25.48
N ILE E 60 6.12 -1.85 26.71
CA ILE E 60 7.48 -1.85 27.22
C ILE E 60 7.81 -3.14 27.97
N THR E 61 6.81 -3.68 28.67
CA THR E 61 7.00 -4.89 29.45
C THR E 61 6.53 -6.12 28.69
N GLY E 62 5.52 -5.93 27.86
CA GLY E 62 5.05 -6.96 26.95
C GLY E 62 4.21 -8.07 27.52
N PRO E 63 3.01 -7.74 28.05
CA PRO E 63 2.10 -8.84 28.35
C PRO E 63 1.51 -9.36 27.04
N PRO E 64 0.88 -10.54 27.08
CA PRO E 64 0.29 -11.15 25.87
C PRO E 64 -0.55 -10.20 25.02
N GLN E 65 -1.24 -9.25 25.66
CA GLN E 65 -2.03 -8.26 24.93
C GLN E 65 -1.16 -7.42 23.99
N CYS E 66 0.13 -7.30 24.33
CA CYS E 66 1.01 -6.35 23.66
C CYS E 66 2.14 -7.00 22.84
N ASP E 67 2.06 -8.31 22.66
CA ASP E 67 3.02 -9.01 21.79
C ASP E 67 2.98 -8.40 20.40
N GLN E 68 1.80 -7.89 20.05
CA GLN E 68 1.56 -7.24 18.77
C GLN E 68 2.43 -6.00 18.58
N PHE E 69 2.71 -5.29 19.67
CA PHE E 69 3.30 -3.95 19.58
C PHE E 69 4.62 -3.75 20.33
N LEU E 70 5.40 -4.81 20.53
CA LEU E 70 6.63 -4.72 21.31
C LEU E 70 7.65 -3.76 20.72
N GLU E 71 7.50 -3.44 19.43
CA GLU E 71 8.40 -2.52 18.76
C GLU E 71 7.65 -1.66 17.73
N PHE E 72 6.51 -1.11 18.12
CA PHE E 72 5.65 -0.40 17.18
C PHE E 72 6.28 0.88 16.59
N SER E 73 5.77 1.31 15.45
CA SER E 73 6.14 2.61 14.88
C SER E 73 4.89 3.41 14.53
N ALA E 74 4.74 4.61 15.10
CA ALA E 74 3.51 5.38 14.88
C ALA E 74 3.70 6.90 14.76
N ASP E 75 2.82 7.52 13.98
CA ASP E 75 2.64 8.96 14.01
C ASP E 75 1.50 9.29 14.95
N LEU E 76 0.50 8.42 14.98
CA LEU E 76 -0.67 8.62 15.81
C LEU E 76 -0.97 7.40 16.66
N ILE E 77 -0.82 7.55 17.97
CA ILE E 77 -1.04 6.46 18.90
C ILE E 77 -2.42 6.55 19.51
N ILE E 78 -3.18 5.47 19.43
CA ILE E 78 -4.53 5.45 19.97
C ILE E 78 -4.69 4.46 21.13
N GLU E 79 -5.06 4.99 22.30
CA GLU E 79 -5.35 4.15 23.46
C GLU E 79 -6.83 3.81 23.50
N ARG E 80 -7.15 2.60 23.95
CA ARG E 80 -8.53 2.18 24.12
C ARG E 80 -8.83 1.90 25.59
N ARG E 81 -10.11 1.92 25.96
CA ARG E 81 -10.50 1.71 27.35
C ARG E 81 -10.19 0.29 27.82
N GLU E 82 -10.33 -0.68 26.93
CA GLU E 82 -10.11 -2.09 27.29
C GLU E 82 -8.62 -2.44 27.37
N GLY E 83 -7.76 -1.44 27.20
CA GLY E 83 -6.33 -1.65 27.27
C GLY E 83 -5.85 -1.94 28.68
N SER E 84 -4.86 -2.82 28.78
CA SER E 84 -4.26 -3.14 30.07
C SER E 84 -2.74 -3.22 29.96
N ASP E 85 -2.05 -2.58 30.88
CA ASP E 85 -0.60 -2.55 30.88
C ASP E 85 -0.04 -3.78 31.56
N VAL E 86 -0.92 -4.71 31.90
CA VAL E 86 -0.57 -5.75 32.84
C VAL E 86 -1.25 -7.09 32.58
N CYS E 87 -0.53 -8.18 32.85
CA CYS E 87 -1.14 -9.51 32.90
C CYS E 87 -1.15 -10.02 34.33
N TYR E 88 0.02 -10.10 34.95
CA TYR E 88 0.11 -10.36 36.38
C TYR E 88 -0.14 -9.02 37.07
N PRO E 89 -1.10 -8.98 38.01
CA PRO E 89 -1.55 -7.74 38.66
C PRO E 89 -0.40 -6.88 39.19
N GLY E 90 -0.50 -5.56 39.03
CA GLY E 90 0.51 -4.61 39.47
C GLY E 90 0.31 -3.25 38.84
N LYS E 91 0.90 -2.22 39.44
CA LYS E 91 0.89 -0.89 38.82
C LYS E 91 2.24 -0.49 38.28
N PHE E 92 2.25 0.69 37.68
CA PHE E 92 3.46 1.39 37.29
C PHE E 92 3.65 2.60 38.19
N VAL E 93 4.82 2.72 38.79
CA VAL E 93 5.14 3.92 39.56
C VAL E 93 5.43 5.07 38.61
N ASN E 94 4.81 6.22 38.87
CA ASN E 94 4.81 7.34 37.94
C ASN E 94 4.27 6.93 36.59
N GLU E 95 3.10 6.29 36.60
CA GLU E 95 2.52 5.73 35.38
C GLU E 95 2.19 6.79 34.33
N GLU E 96 1.45 7.82 34.74
CA GLU E 96 0.96 8.83 33.80
C GLU E 96 2.10 9.64 33.20
N ALA E 97 3.19 9.80 33.94
CA ALA E 97 4.36 10.47 33.41
C ALA E 97 4.92 9.66 32.25
N LEU E 98 5.12 8.37 32.49
CA LEU E 98 5.64 7.47 31.46
C LEU E 98 4.67 7.36 30.30
N ARG E 99 3.38 7.40 30.60
CA ARG E 99 2.35 7.38 29.56
C ARG E 99 2.47 8.60 28.66
N GLN E 100 2.79 9.75 29.26
CA GLN E 100 2.91 10.98 28.49
C GLN E 100 4.15 10.99 27.59
N ILE E 101 5.22 10.33 28.05
CA ILE E 101 6.42 10.21 27.25
C ILE E 101 6.19 9.33 26.02
N LEU E 102 5.53 8.20 26.24
CA LEU E 102 5.30 7.21 25.18
C LEU E 102 4.33 7.69 24.11
N ARG E 103 3.43 8.61 24.47
CA ARG E 103 2.45 9.13 23.53
C ARG E 103 3.10 9.92 22.41
N GLU E 104 4.26 10.51 22.67
CA GLU E 104 4.93 11.34 21.68
C GLU E 104 6.22 10.70 21.19
N SER E 105 6.47 9.47 21.63
CA SER E 105 7.73 8.79 21.36
C SER E 105 7.95 8.49 19.88
N GLY E 106 6.86 8.37 19.13
CA GLY E 106 6.94 7.99 17.74
C GLY E 106 6.97 6.49 17.57
N GLY E 107 7.16 5.80 18.70
CA GLY E 107 7.27 4.35 18.72
C GLY E 107 8.46 3.94 19.57
N ILE E 108 8.67 2.63 19.70
CA ILE E 108 9.77 2.13 20.51
C ILE E 108 10.61 1.09 19.78
N ASP E 109 11.92 1.29 19.83
CA ASP E 109 12.85 0.33 19.27
C ASP E 109 13.58 -0.29 20.45
N LYS E 110 13.47 -1.61 20.60
CA LYS E 110 14.10 -2.28 21.73
C LYS E 110 15.50 -2.79 21.41
N GLU E 111 16.29 -2.99 22.46
CA GLU E 111 17.67 -3.45 22.34
C GLU E 111 18.04 -4.28 23.57
N ALA E 112 18.65 -5.43 23.34
CA ALA E 112 19.00 -6.35 24.41
C ALA E 112 20.05 -5.79 25.36
N MET E 113 19.83 -5.99 26.66
CA MET E 113 20.76 -5.51 27.68
C MET E 113 21.79 -6.59 27.99
N GLY E 114 21.48 -7.83 27.59
CA GLY E 114 22.39 -8.94 27.70
C GLY E 114 22.85 -9.27 29.10
N PHE E 115 21.93 -9.78 29.92
CA PHE E 115 22.27 -10.26 31.26
C PHE E 115 22.39 -11.77 31.21
N THR E 116 23.35 -12.32 31.96
CA THR E 116 23.50 -13.78 32.08
C THR E 116 23.41 -14.22 33.54
N TYR E 117 22.55 -15.20 33.80
CA TYR E 117 22.27 -15.62 35.16
C TYR E 117 22.73 -17.04 35.45
N SER E 118 23.62 -17.20 36.43
CA SER E 118 24.15 -18.50 36.81
C SER E 118 23.73 -18.88 38.22
N GLY E 119 23.40 -20.16 38.41
CA GLY E 119 23.05 -20.68 39.72
C GLY E 119 21.61 -20.44 40.14
N ILE E 120 20.82 -19.85 39.26
CA ILE E 120 19.42 -19.56 39.56
C ILE E 120 18.47 -19.98 38.45
N ARG E 121 17.19 -20.10 38.80
CA ARG E 121 16.15 -20.28 37.81
C ARG E 121 15.91 -18.93 37.14
N THR E 122 15.41 -18.96 35.91
CA THR E 122 15.26 -17.74 35.12
C THR E 122 13.89 -17.68 34.45
N ASN E 123 13.30 -18.86 34.29
CA ASN E 123 12.09 -19.05 33.51
C ASN E 123 10.80 -19.07 34.33
N GLY E 124 10.60 -18.04 35.14
CA GLY E 124 9.40 -17.94 35.94
C GLY E 124 8.18 -17.66 35.09
N ALA E 125 7.02 -18.19 35.49
CA ALA E 125 5.81 -18.01 34.70
C ALA E 125 4.56 -18.01 35.58
N THR E 126 3.42 -17.71 34.96
CA THR E 126 2.16 -17.59 35.69
C THR E 126 0.96 -17.86 34.80
N SER E 127 -0.13 -18.31 35.41
CA SER E 127 -1.35 -18.62 34.67
C SER E 127 -2.03 -17.35 34.19
N SER E 128 -1.59 -16.21 34.70
CA SER E 128 -2.16 -14.92 34.32
C SER E 128 -1.70 -14.49 32.93
N CYS E 129 -0.43 -14.71 32.62
CA CYS E 129 0.11 -14.42 31.31
C CYS E 129 0.01 -15.64 30.41
N ARG E 130 -1.03 -15.68 29.58
CA ARG E 130 -1.31 -16.86 28.78
C ARG E 130 -0.88 -16.72 27.32
N ARG E 131 -0.02 -17.64 26.89
CA ARG E 131 0.30 -17.76 25.48
C ARG E 131 -0.01 -19.18 25.02
N SER E 132 0.80 -20.13 25.47
CA SER E 132 0.50 -21.55 25.37
C SER E 132 0.49 -22.07 26.80
N GLY E 133 -0.53 -21.69 27.56
CA GLY E 133 -0.54 -21.99 28.98
C GLY E 133 0.20 -20.90 29.73
N SER E 134 0.76 -21.24 30.89
CA SER E 134 1.43 -20.26 31.72
C SER E 134 2.66 -19.66 31.05
N SER E 135 2.85 -18.37 31.25
CA SER E 135 4.01 -17.65 30.72
C SER E 135 4.23 -16.37 31.51
N PHE E 136 4.97 -15.44 30.93
CA PHE E 136 5.30 -14.19 31.60
C PHE E 136 5.46 -13.04 30.61
N TYR E 137 5.82 -11.87 31.11
CA TYR E 137 6.10 -10.71 30.27
C TYR E 137 7.21 -11.00 29.28
N ALA E 138 7.04 -10.56 28.05
CA ALA E 138 7.97 -10.90 26.97
C ALA E 138 9.30 -10.16 27.04
N GLU E 139 9.36 -9.11 27.85
CA GLU E 139 10.54 -8.26 27.93
C GLU E 139 11.24 -8.42 29.27
N MET E 140 10.62 -9.16 30.17
CA MET E 140 11.13 -9.31 31.53
C MET E 140 11.50 -10.76 31.83
N LYS E 141 12.34 -10.94 32.85
CA LYS E 141 12.75 -12.27 33.28
C LYS E 141 12.41 -12.47 34.76
N TRP E 142 11.60 -13.48 35.08
CA TRP E 142 11.22 -13.74 36.45
C TRP E 142 12.28 -14.57 37.16
N LEU E 143 13.32 -13.89 37.66
CA LEU E 143 14.43 -14.56 38.34
C LEU E 143 13.95 -15.27 39.58
N LEU E 144 14.24 -16.55 39.65
CA LEU E 144 13.71 -17.41 40.68
C LEU E 144 14.86 -18.20 41.29
N SER E 145 14.75 -18.51 42.58
CA SER E 145 15.72 -19.37 43.24
C SER E 145 15.76 -20.72 42.53
N ASN E 146 16.94 -21.31 42.45
CA ASN E 146 17.15 -22.53 41.68
C ASN E 146 16.17 -23.64 42.03
N THR E 147 15.77 -23.69 43.29
CA THR E 147 14.70 -24.59 43.74
C THR E 147 13.93 -23.91 44.85
N ASP E 148 12.99 -24.65 45.44
CA ASP E 148 12.20 -24.12 46.55
C ASP E 148 13.08 -23.78 47.76
N ASN E 149 12.98 -22.53 48.21
CA ASN E 149 13.63 -22.07 49.45
C ASN E 149 15.15 -21.92 49.40
N ALA E 150 15.76 -22.42 48.33
CA ALA E 150 17.20 -22.27 48.12
C ALA E 150 17.58 -20.80 48.09
N ALA E 151 18.66 -20.45 48.79
CA ALA E 151 19.08 -19.05 48.89
C ALA E 151 19.36 -18.43 47.52
N PHE E 152 18.98 -17.17 47.36
CA PHE E 152 19.20 -16.46 46.12
C PHE E 152 20.55 -15.74 46.20
N PRO E 153 21.54 -16.22 45.43
CA PRO E 153 22.90 -15.66 45.48
C PRO E 153 22.92 -14.18 45.13
N GLN E 154 23.35 -13.34 46.06
CA GLN E 154 23.42 -11.89 45.86
C GLN E 154 24.15 -11.55 44.55
N MET E 155 23.41 -10.98 43.61
CA MET E 155 23.92 -10.72 42.27
C MET E 155 24.00 -9.23 41.96
N THR E 156 24.72 -8.92 40.89
CA THR E 156 24.81 -7.56 40.37
C THR E 156 24.85 -7.61 38.85
N LYS E 157 24.07 -6.76 38.21
CA LYS E 157 24.06 -6.67 36.75
C LYS E 157 24.32 -5.25 36.31
N SER E 158 24.67 -5.10 35.04
CA SER E 158 25.07 -3.81 34.52
C SER E 158 24.74 -3.69 33.05
N TYR E 159 24.48 -2.46 32.61
CA TYR E 159 24.16 -2.20 31.21
C TYR E 159 24.45 -0.76 30.84
N LYS E 160 25.28 -0.57 29.81
CA LYS E 160 25.64 0.77 29.35
C LYS E 160 24.99 1.13 28.02
N ASN E 161 24.17 2.18 28.05
CA ASN E 161 23.61 2.72 26.81
C ASN E 161 24.70 3.41 26.00
N THR E 162 24.84 3.02 24.74
CA THR E 162 25.90 3.56 23.90
C THR E 162 25.34 4.34 22.72
N ARG E 163 24.03 4.54 22.72
CA ARG E 163 23.39 5.25 21.63
C ARG E 163 23.29 6.75 21.94
N LYS E 164 22.93 7.54 20.94
CA LYS E 164 22.93 8.98 21.11
C LYS E 164 21.71 9.51 21.84
N ASN E 165 20.64 8.75 21.83
CA ASN E 165 19.46 9.07 22.61
C ASN E 165 19.41 8.26 23.91
N PRO E 166 18.76 8.81 24.95
CA PRO E 166 18.73 8.10 26.24
C PRO E 166 17.85 6.84 26.21
N ALA E 167 18.08 5.94 27.17
CA ALA E 167 17.44 4.63 27.19
C ALA E 167 16.45 4.45 28.34
N LEU E 168 15.22 4.08 27.99
CA LEU E 168 14.19 3.80 28.99
C LEU E 168 14.36 2.41 29.59
N ILE E 169 14.81 2.36 30.84
CA ILE E 169 14.97 1.10 31.56
C ILE E 169 13.77 0.85 32.45
N VAL E 170 13.28 -0.39 32.45
CA VAL E 170 12.12 -0.75 33.26
C VAL E 170 12.36 -2.05 33.99
N TRP E 171 12.21 -2.02 35.32
CA TRP E 171 12.26 -3.25 36.11
C TRP E 171 11.04 -3.37 37.00
N GLY E 172 10.97 -4.47 37.73
CA GLY E 172 9.82 -4.74 38.58
C GLY E 172 10.18 -5.38 39.90
N ILE E 173 9.41 -5.06 40.93
CA ILE E 173 9.55 -5.70 42.25
C ILE E 173 8.35 -6.60 42.51
N HIS E 174 8.62 -7.88 42.73
CA HIS E 174 7.54 -8.83 43.01
C HIS E 174 7.20 -8.88 44.49
N HIS E 175 5.97 -8.48 44.81
CA HIS E 175 5.45 -8.59 46.16
C HIS E 175 4.62 -9.86 46.26
N SER E 176 5.04 -10.78 47.13
CA SER E 176 4.35 -12.05 47.28
C SER E 176 3.10 -11.92 48.15
N GLY E 177 2.20 -12.90 48.04
CA GLY E 177 0.96 -12.88 48.80
C GLY E 177 1.13 -13.30 50.25
N SER E 178 2.32 -13.77 50.58
CA SER E 178 2.61 -14.25 51.93
C SER E 178 4.12 -14.41 52.14
N THR E 179 4.52 -14.55 53.39
CA THR E 179 5.93 -14.77 53.71
C THR E 179 6.30 -16.21 53.39
N ALA E 180 5.30 -17.07 53.33
CA ALA E 180 5.49 -18.48 53.03
C ALA E 180 5.98 -18.69 51.60
N GLU E 181 5.28 -18.10 50.64
CA GLU E 181 5.64 -18.24 49.23
C GLU E 181 6.82 -17.35 48.85
N GLN E 182 7.06 -16.30 49.62
CA GLN E 182 8.19 -15.41 49.35
C GLN E 182 9.51 -16.16 49.48
N THR E 183 9.68 -16.87 50.59
CA THR E 183 10.86 -17.67 50.83
C THR E 183 10.89 -18.87 49.88
N LYS E 184 9.70 -19.39 49.59
CA LYS E 184 9.55 -20.51 48.65
C LYS E 184 10.10 -20.17 47.27
N LEU E 185 10.21 -18.88 46.97
CA LEU E 185 10.64 -18.43 45.65
C LEU E 185 12.01 -17.76 45.65
N TYR E 186 12.40 -17.20 46.80
CA TYR E 186 13.66 -16.46 46.88
C TYR E 186 14.47 -16.79 48.11
N GLY E 187 14.05 -17.81 48.87
CA GLY E 187 14.72 -18.18 50.09
C GLY E 187 14.33 -17.25 51.23
N SER E 188 14.68 -17.64 52.44
CA SER E 188 14.37 -16.83 53.61
C SER E 188 15.31 -15.64 53.73
N GLY E 189 15.09 -14.83 54.77
CA GLY E 189 15.87 -13.62 54.95
C GLY E 189 15.30 -12.47 54.14
N ASN E 190 15.63 -11.24 54.54
CA ASN E 190 15.16 -10.04 53.87
C ASN E 190 15.71 -9.91 52.46
N LYS E 191 15.02 -9.12 51.64
CA LYS E 191 15.42 -8.89 50.24
C LYS E 191 15.53 -7.41 49.95
N LEU E 192 16.46 -7.04 49.08
CA LEU E 192 16.64 -5.64 48.70
C LEU E 192 17.00 -5.54 47.22
N VAL E 193 16.38 -4.59 46.53
CA VAL E 193 16.69 -4.32 45.13
C VAL E 193 17.03 -2.85 44.97
N THR E 194 18.33 -2.55 44.93
CA THR E 194 18.80 -1.18 44.74
C THR E 194 19.16 -0.93 43.27
N VAL E 195 18.96 0.30 42.81
CA VAL E 195 19.20 0.65 41.42
C VAL E 195 19.98 1.95 41.32
N GLY E 196 21.10 1.92 40.61
CA GLY E 196 21.97 3.09 40.54
C GLY E 196 22.38 3.50 39.14
N SER E 197 22.72 4.78 38.99
CA SER E 197 23.26 5.32 37.76
C SER E 197 23.82 6.71 38.03
N SER E 198 23.80 7.57 37.02
CA SER E 198 24.20 8.96 37.23
C SER E 198 23.00 9.73 37.78
N ASN E 199 22.00 9.97 36.93
CA ASN E 199 20.78 10.65 37.34
C ASN E 199 20.09 9.95 38.51
N TYR E 200 19.57 8.76 38.24
CA TYR E 200 18.76 8.01 39.22
C TYR E 200 19.54 7.66 40.48
N GLN E 201 18.79 7.42 41.55
CA GLN E 201 19.34 7.07 42.85
C GLN E 201 18.20 6.70 43.79
N GLN E 202 17.97 5.39 43.96
CA GLN E 202 16.93 4.90 44.86
C GLN E 202 17.16 3.43 45.24
N SER E 203 16.16 2.83 45.89
CA SER E 203 16.23 1.45 46.35
C SER E 203 14.83 0.88 46.57
N PHE E 204 14.72 -0.45 46.68
CA PHE E 204 13.41 -1.08 46.85
C PHE E 204 13.42 -2.34 47.71
N VAL E 205 12.39 -2.49 48.53
CA VAL E 205 12.20 -3.68 49.35
C VAL E 205 10.83 -4.28 49.12
N PRO E 206 10.77 -5.60 48.88
CA PRO E 206 9.48 -6.26 48.72
C PRO E 206 8.66 -6.19 50.00
N SER E 207 7.35 -6.39 49.81
CA SER E 207 6.33 -6.24 50.83
C SER E 207 5.41 -7.46 50.73
N PRO E 208 5.82 -8.61 51.28
CA PRO E 208 4.94 -9.78 51.25
C PRO E 208 3.73 -9.60 52.17
N GLY E 209 2.54 -10.01 51.72
CA GLY E 209 1.33 -9.87 52.48
C GLY E 209 0.10 -10.19 51.65
N ALA E 210 -0.99 -10.59 52.29
CA ALA E 210 -2.19 -11.00 51.57
C ALA E 210 -2.93 -9.81 50.95
N ARG E 211 -3.48 -10.04 49.76
CA ARG E 211 -4.25 -9.02 49.06
C ARG E 211 -5.49 -9.62 48.40
N THR E 212 -6.24 -8.80 47.68
CA THR E 212 -7.40 -9.28 46.94
C THR E 212 -6.95 -10.20 45.83
N GLN E 213 -7.87 -11.02 45.35
CA GLN E 213 -7.57 -11.95 44.27
C GLN E 213 -7.84 -11.29 42.93
N VAL E 214 -6.89 -10.47 42.49
CA VAL E 214 -6.96 -9.83 41.17
C VAL E 214 -6.28 -10.72 40.14
N ASN E 215 -7.08 -11.24 39.22
CA ASN E 215 -6.61 -12.11 38.15
C ASN E 215 -6.02 -13.43 38.66
N GLY E 216 -6.59 -13.92 39.76
CA GLY E 216 -6.20 -15.20 40.33
C GLY E 216 -5.05 -15.11 41.33
N GLN E 217 -4.42 -13.95 41.41
CA GLN E 217 -3.23 -13.79 42.22
C GLN E 217 -3.43 -12.88 43.43
N SER E 218 -2.68 -13.15 44.49
CA SER E 218 -2.70 -12.34 45.70
C SER E 218 -1.53 -11.36 45.67
N GLY E 219 -0.46 -11.77 44.99
CA GLY E 219 0.74 -10.96 44.89
C GLY E 219 0.67 -9.91 43.81
N ARG E 220 1.59 -8.95 43.87
CA ARG E 220 1.61 -7.86 42.92
C ARG E 220 3.01 -7.65 42.37
N ILE E 221 3.12 -6.89 41.28
CA ILE E 221 4.43 -6.53 40.73
C ILE E 221 4.54 -5.02 40.54
N ASP E 222 5.38 -4.40 41.35
CA ASP E 222 5.64 -2.97 41.26
C ASP E 222 6.60 -2.68 40.13
N PHE E 223 6.10 -2.12 39.03
CA PHE E 223 6.93 -1.74 37.90
C PHE E 223 7.49 -0.34 38.07
N HIS E 224 8.81 -0.23 38.04
CA HIS E 224 9.46 1.07 38.14
C HIS E 224 10.26 1.33 36.87
N TRP E 225 10.54 2.59 36.59
CA TRP E 225 11.31 2.94 35.41
C TRP E 225 12.28 4.09 35.67
N LEU E 226 13.19 4.31 34.74
CA LEU E 226 14.11 5.44 34.80
C LEU E 226 14.64 5.71 33.40
N MET E 227 15.24 6.87 33.20
CA MET E 227 15.82 7.21 31.91
C MET E 227 17.33 7.17 32.00
N LEU E 228 17.94 6.27 31.25
CA LEU E 228 19.40 6.09 31.28
C LEU E 228 20.07 6.95 30.21
N ASN E 229 21.00 7.80 30.62
CA ASN E 229 21.67 8.72 29.70
C ASN E 229 22.72 8.03 28.83
N PRO E 230 23.04 8.64 27.68
CA PRO E 230 24.16 8.18 26.84
C PRO E 230 25.43 8.02 27.66
N ASN E 231 26.20 6.97 27.41
CA ASN E 231 27.43 6.66 28.15
C ASN E 231 27.22 6.25 29.62
N ASP E 232 26.01 6.41 30.13
CA ASP E 232 25.72 6.07 31.52
C ASP E 232 25.54 4.55 31.66
N THR E 233 25.40 4.05 32.88
CA THR E 233 25.31 2.61 33.09
C THR E 233 24.42 2.21 34.28
N VAL E 234 23.30 1.55 34.01
CA VAL E 234 22.43 1.09 35.08
C VAL E 234 23.14 0.01 35.89
N THR E 235 22.76 -0.14 37.16
CA THR E 235 23.30 -1.22 37.98
C THR E 235 22.24 -1.83 38.91
N PHE E 236 22.00 -3.13 38.74
CA PHE E 236 20.97 -3.83 39.51
C PHE E 236 21.57 -4.77 40.55
N SER E 237 21.50 -4.35 41.81
CA SER E 237 21.92 -5.20 42.92
C SER E 237 20.68 -5.81 43.60
N PHE E 238 20.68 -7.12 43.75
CA PHE E 238 19.48 -7.81 44.24
C PHE E 238 19.76 -9.23 44.75
N ASN E 239 18.78 -9.80 45.43
CA ASN E 239 18.88 -11.15 45.99
C ASN E 239 17.51 -11.80 46.11
N GLY E 240 16.58 -11.36 45.26
CA GLY E 240 15.22 -11.88 45.25
C GLY E 240 14.17 -10.83 44.92
N ALA E 241 12.94 -11.30 44.69
CA ALA E 241 11.80 -10.44 44.40
C ALA E 241 12.05 -9.46 43.25
N PHE E 242 12.95 -9.83 42.36
CA PHE E 242 13.38 -8.94 41.28
C PHE E 242 12.89 -9.45 39.93
N ILE E 243 12.18 -8.59 39.21
CA ILE E 243 11.71 -8.92 37.87
C ILE E 243 12.62 -8.23 36.87
N ALA E 244 13.70 -8.91 36.50
CA ALA E 244 14.71 -8.32 35.64
C ALA E 244 14.19 -8.09 34.23
N PRO E 245 14.73 -7.06 33.56
CA PRO E 245 14.39 -6.82 32.16
C PRO E 245 15.37 -7.52 31.23
N ASP E 246 14.94 -7.78 30.00
CA ASP E 246 15.82 -8.35 29.00
C ASP E 246 16.23 -7.30 27.98
N ARG E 247 15.34 -6.33 27.77
CA ARG E 247 15.52 -5.34 26.73
C ARG E 247 15.22 -3.92 27.18
N ALA E 248 16.03 -2.97 26.73
CA ALA E 248 15.80 -1.56 27.00
C ALA E 248 15.11 -0.91 25.81
N SER E 249 14.30 0.10 26.08
CA SER E 249 13.52 0.73 25.03
C SER E 249 14.13 2.06 24.61
N PHE E 250 13.97 2.39 23.32
CA PHE E 250 14.48 3.62 22.76
C PHE E 250 13.38 4.29 21.97
N LEU E 251 13.27 5.60 22.09
CA LEU E 251 12.21 6.33 21.40
C LEU E 251 12.61 6.62 19.96
N ARG E 252 11.70 6.31 19.05
CA ARG E 252 11.98 6.44 17.62
C ARG E 252 12.01 7.89 17.17
N GLY E 253 10.86 8.55 17.21
CA GLY E 253 10.78 9.91 16.71
C GLY E 253 9.77 10.79 17.43
N LYS E 254 8.71 11.14 16.72
CA LYS E 254 7.70 12.03 17.26
C LYS E 254 6.31 11.54 16.90
N SER E 255 5.42 11.55 17.87
CA SER E 255 4.04 11.15 17.63
C SER E 255 3.11 11.94 18.53
N MET E 256 1.84 11.57 18.51
CA MET E 256 0.84 12.20 19.34
C MET E 256 -0.22 11.18 19.74
N GLY E 257 -0.39 11.00 21.05
CA GLY E 257 -1.31 10.02 21.56
C GLY E 257 -2.66 10.62 21.93
N ILE E 258 -3.72 9.86 21.65
CA ILE E 258 -5.06 10.26 22.03
C ILE E 258 -5.78 9.09 22.69
N GLN E 259 -6.96 9.37 23.25
CA GLN E 259 -7.78 8.33 23.84
C GLN E 259 -9.18 8.41 23.24
N SER E 260 -9.58 7.37 22.51
CA SER E 260 -10.85 7.43 21.79
C SER E 260 -11.61 6.11 21.84
N GLY E 261 -12.91 6.19 21.56
CA GLY E 261 -13.76 5.03 21.51
C GLY E 261 -14.50 4.91 20.19
N VAL E 262 -13.92 5.46 19.13
CA VAL E 262 -14.50 5.38 17.80
C VAL E 262 -13.50 4.81 16.80
N GLN E 263 -14.01 4.18 15.75
CA GLN E 263 -13.17 3.50 14.77
C GLN E 263 -12.26 4.46 14.00
N VAL E 264 -11.17 3.90 13.46
CA VAL E 264 -10.22 4.67 12.67
C VAL E 264 -10.78 4.89 11.27
N ASP E 265 -10.16 5.78 10.50
CA ASP E 265 -10.59 6.06 9.13
C ASP E 265 -9.42 6.67 8.36
N ALA E 266 -8.80 5.87 7.50
CA ALA E 266 -7.63 6.32 6.75
C ALA E 266 -8.02 7.06 5.48
N ASP E 267 -9.30 7.42 5.37
CA ASP E 267 -9.80 8.12 4.19
C ASP E 267 -10.01 9.61 4.43
N CYS E 268 -10.37 9.98 5.65
CA CYS E 268 -10.53 11.40 5.98
C CYS E 268 -9.27 11.94 6.63
N GLU E 269 -8.97 13.20 6.35
CA GLU E 269 -7.80 13.85 6.91
C GLU E 269 -8.22 14.63 8.16
N GLY E 270 -7.39 14.58 9.20
CA GLY E 270 -7.71 15.21 10.46
C GLY E 270 -6.53 15.79 11.20
N ASP E 271 -6.82 16.65 12.19
CA ASP E 271 -5.78 17.32 12.96
C ASP E 271 -6.17 17.55 14.42
N CYS E 272 -7.47 17.74 14.66
CA CYS E 272 -7.99 17.90 16.00
C CYS E 272 -8.73 16.64 16.40
N TYR E 273 -8.29 16.01 17.49
CA TYR E 273 -8.93 14.78 17.94
C TYR E 273 -9.52 14.89 19.33
N TYR E 274 -10.50 14.04 19.61
CA TYR E 274 -11.02 13.88 20.95
C TYR E 274 -11.64 12.48 21.07
N SER E 275 -12.18 12.17 22.25
CA SER E 275 -12.66 10.81 22.50
C SER E 275 -13.74 10.34 21.54
N GLY E 276 -14.51 11.28 21.01
CA GLY E 276 -15.64 10.95 20.17
C GLY E 276 -15.41 11.05 18.67
N GLY E 277 -14.17 11.33 18.27
CA GLY E 277 -13.83 11.39 16.87
C GLY E 277 -12.91 12.55 16.52
N THR E 278 -13.17 13.18 15.37
CA THR E 278 -12.30 14.22 14.84
C THR E 278 -13.08 15.50 14.61
N ILE E 279 -12.47 16.63 14.95
CA ILE E 279 -13.07 17.93 14.69
C ILE E 279 -12.38 18.60 13.52
N ILE E 280 -13.02 18.60 12.36
CA ILE E 280 -12.49 19.25 11.17
C ILE E 280 -13.29 20.51 10.88
N SER E 281 -12.72 21.67 11.19
CA SER E 281 -13.46 22.91 11.08
C SER E 281 -12.53 24.06 10.69
N ASN E 282 -13.11 25.12 10.14
CA ASN E 282 -12.37 26.34 9.87
C ASN E 282 -12.69 27.40 10.92
N LEU E 283 -13.78 27.17 11.63
CA LEU E 283 -14.26 28.12 12.63
C LEU E 283 -13.23 28.26 13.76
N PRO E 284 -13.11 29.47 14.32
CA PRO E 284 -12.14 29.74 15.39
C PRO E 284 -12.45 29.04 16.73
N PHE E 285 -13.71 28.72 16.98
CA PHE E 285 -14.08 28.12 18.26
C PHE E 285 -14.88 26.84 18.12
N GLN E 286 -14.81 26.01 19.15
CA GLN E 286 -15.58 24.76 19.22
C GLN E 286 -16.26 24.60 20.58
N ASN E 287 -17.34 23.82 20.61
CA ASN E 287 -18.11 23.59 21.83
C ASN E 287 -18.37 22.09 21.99
N ILE E 288 -17.42 21.28 21.53
CA ILE E 288 -17.57 19.83 21.53
C ILE E 288 -16.92 19.19 22.74
N ASP E 289 -15.60 19.35 22.87
CA ASP E 289 -14.85 18.75 23.95
C ASP E 289 -13.71 19.66 24.39
N SER E 290 -13.71 20.05 25.66
CA SER E 290 -12.69 20.94 26.20
C SER E 290 -11.30 20.31 26.22
N ARG E 291 -11.24 18.98 26.20
CA ARG E 291 -9.97 18.26 26.29
C ARG E 291 -9.48 17.77 24.94
N ALA E 292 -9.91 18.45 23.88
CA ALA E 292 -9.53 18.10 22.52
C ALA E 292 -8.04 18.35 22.32
N VAL E 293 -7.40 17.49 21.53
CA VAL E 293 -5.95 17.59 21.31
C VAL E 293 -5.58 17.71 19.84
N GLY E 294 -4.36 18.16 19.60
CA GLY E 294 -3.86 18.42 18.27
C GLY E 294 -3.92 19.92 18.00
N LYS E 295 -4.09 20.28 16.74
CA LYS E 295 -4.30 21.67 16.38
C LYS E 295 -5.80 21.94 16.28
N CYS E 296 -6.36 22.57 17.32
CA CYS E 296 -7.81 22.67 17.45
C CYS E 296 -8.32 24.10 17.59
N PRO E 297 -9.61 24.31 17.28
CA PRO E 297 -10.27 25.56 17.60
C PRO E 297 -10.28 25.73 19.12
N ARG E 298 -10.37 26.96 19.58
CA ARG E 298 -10.40 27.23 21.01
C ARG E 298 -11.74 26.80 21.62
N TYR E 299 -11.70 26.11 22.75
CA TYR E 299 -12.93 25.69 23.40
C TYR E 299 -13.60 26.85 24.12
N VAL E 300 -14.89 27.02 23.86
CA VAL E 300 -15.69 28.04 24.52
C VAL E 300 -16.98 27.44 25.09
N LYS E 301 -17.53 28.07 26.12
CA LYS E 301 -18.73 27.61 26.80
C LYS E 301 -19.97 27.70 25.91
N GLN E 302 -20.04 28.74 25.09
CA GLN E 302 -21.23 29.04 24.31
C GLN E 302 -21.52 27.99 23.24
N ARG E 303 -22.81 27.76 23.00
CA ARG E 303 -23.25 26.79 21.99
C ARG E 303 -23.21 27.43 20.62
N SER E 304 -23.43 28.73 20.57
CA SER E 304 -23.44 29.46 19.31
C SER E 304 -23.12 30.94 19.48
N LEU E 305 -22.32 31.46 18.55
CA LEU E 305 -22.00 32.88 18.49
C LEU E 305 -22.00 33.30 17.03
N LEU E 306 -22.97 34.13 16.66
CA LEU E 306 -23.17 34.48 15.26
C LEU E 306 -22.49 35.77 14.84
N LEU E 307 -21.61 35.66 13.85
CA LEU E 307 -20.92 36.80 13.27
C LEU E 307 -21.70 37.29 12.06
N ALA E 308 -22.17 38.53 12.12
CA ALA E 308 -22.93 39.12 11.03
C ALA E 308 -22.07 39.27 9.77
N THR E 309 -22.60 38.85 8.63
CA THR E 309 -21.91 39.06 7.35
C THR E 309 -22.73 39.96 6.43
N GLY E 310 -23.78 40.54 6.98
CA GLY E 310 -24.64 41.46 6.25
C GLY E 310 -24.97 42.69 7.07
N MET E 311 -25.74 43.60 6.48
CA MET E 311 -26.09 44.86 7.13
C MET E 311 -27.33 44.72 8.01
N LYS E 312 -27.60 45.76 8.77
CA LYS E 312 -28.80 45.81 9.61
C LYS E 312 -30.03 45.69 8.71
N ASN E 313 -30.92 44.77 9.05
CA ASN E 313 -32.06 44.46 8.21
C ASN E 313 -33.33 45.25 8.59
N VAL E 314 -33.77 46.10 7.68
CA VAL E 314 -34.98 46.90 7.86
C VAL E 314 -36.02 46.55 6.80
N PRO E 315 -36.97 45.67 7.15
CA PRO E 315 -37.97 45.14 6.21
C PRO E 315 -38.86 46.22 5.60
N GLU E 316 -39.61 45.82 4.57
CA GLU E 316 -40.48 46.74 3.84
C GLU E 316 -41.92 46.60 4.31
N GLY F 1 -26.92 51.46 13.69
CA GLY F 1 -25.65 51.91 13.16
C GLY F 1 -25.32 53.34 13.53
N LEU F 2 -24.05 53.71 13.39
CA LEU F 2 -23.57 55.02 13.82
C LEU F 2 -23.63 56.11 12.76
N PHE F 3 -24.14 55.79 11.57
CA PHE F 3 -24.09 56.74 10.46
C PHE F 3 -25.46 57.17 9.93
N GLY F 4 -26.51 56.83 10.68
CA GLY F 4 -27.85 57.34 10.41
C GLY F 4 -28.49 56.97 9.09
N ALA F 5 -27.82 56.13 8.31
CA ALA F 5 -28.36 55.72 7.02
C ALA F 5 -29.38 54.60 7.20
N ILE F 6 -28.87 53.38 7.38
CA ILE F 6 -29.72 52.23 7.64
C ILE F 6 -30.46 52.45 8.95
N ALA F 7 -31.79 52.30 8.90
CA ALA F 7 -32.66 52.62 10.02
C ALA F 7 -32.55 54.10 10.40
N GLY F 8 -32.61 54.96 9.40
CA GLY F 8 -32.52 56.39 9.61
C GLY F 8 -33.40 57.15 8.64
N PHE F 9 -32.79 57.95 7.76
CA PHE F 9 -33.56 58.70 6.78
C PHE F 9 -34.21 57.77 5.75
N ILE F 10 -33.41 56.87 5.18
CA ILE F 10 -33.96 55.80 4.36
C ILE F 10 -34.78 54.95 5.32
N GLU F 11 -36.08 55.20 5.29
CA GLU F 11 -37.03 54.65 6.25
C GLU F 11 -36.95 53.12 6.32
N ASN F 12 -36.55 52.50 5.21
CA ASN F 12 -36.38 51.06 5.15
C ASN F 12 -35.53 50.56 3.99
N GLY F 13 -35.46 49.24 3.87
CA GLY F 13 -34.71 48.62 2.81
C GLY F 13 -35.60 48.07 1.72
N TRP F 14 -34.99 47.67 0.61
CA TRP F 14 -35.73 47.20 -0.55
C TRP F 14 -35.54 45.69 -0.74
N GLU F 15 -36.62 44.95 -0.50
CA GLU F 15 -36.58 43.49 -0.68
C GLU F 15 -36.47 43.12 -2.15
N GLY F 16 -36.73 44.08 -3.03
CA GLY F 16 -36.64 43.86 -4.46
C GLY F 16 -35.24 44.03 -5.01
N LEU F 17 -34.34 44.54 -4.17
CA LEU F 17 -32.96 44.76 -4.61
C LEU F 17 -32.13 43.47 -4.46
N ILE F 18 -32.30 42.56 -5.42
CA ILE F 18 -31.61 41.28 -5.38
C ILE F 18 -30.31 41.33 -6.18
N ASP F 19 -30.17 42.37 -7.00
CA ASP F 19 -28.98 42.56 -7.83
C ASP F 19 -27.71 42.77 -7.01
N GLY F 20 -27.81 43.57 -5.96
CA GLY F 20 -26.67 43.89 -5.11
C GLY F 20 -27.09 44.40 -3.75
N TRP F 21 -26.14 44.98 -3.02
CA TRP F 21 -26.41 45.47 -1.68
C TRP F 21 -27.01 46.87 -1.69
N TYR F 22 -26.43 47.75 -2.50
CA TYR F 22 -26.95 49.11 -2.63
C TYR F 22 -27.42 49.35 -4.05
N GLY F 23 -28.35 50.29 -4.23
CA GLY F 23 -28.87 50.58 -5.54
C GLY F 23 -29.68 51.85 -5.65
N PHE F 24 -30.07 52.19 -6.89
CA PHE F 24 -30.86 53.38 -7.16
C PHE F 24 -32.29 53.02 -7.53
N ARG F 25 -33.22 53.91 -7.18
CA ARG F 25 -34.61 53.77 -7.60
C ARG F 25 -35.15 55.15 -8.00
N HIS F 26 -35.45 55.29 -9.29
CA HIS F 26 -35.82 56.57 -9.86
C HIS F 26 -37.26 56.55 -10.39
N GLN F 27 -37.86 57.73 -10.48
CA GLN F 27 -39.20 57.84 -11.06
C GLN F 27 -39.28 59.04 -12.00
N ASN F 28 -39.50 58.77 -13.28
CA ASN F 28 -39.53 59.84 -14.27
C ASN F 28 -40.71 59.77 -15.23
N ALA F 29 -40.50 60.29 -16.44
CA ALA F 29 -41.52 60.28 -17.48
C ALA F 29 -41.82 58.86 -17.96
N GLN F 30 -40.78 58.13 -18.35
CA GLN F 30 -40.92 56.77 -18.86
C GLN F 30 -41.34 55.75 -17.79
N GLY F 31 -41.32 56.17 -16.53
CA GLY F 31 -41.80 55.33 -15.46
C GLY F 31 -40.89 55.26 -14.25
N GLU F 32 -40.61 54.03 -13.82
CA GLU F 32 -39.79 53.80 -12.63
C GLU F 32 -38.89 52.58 -12.79
N GLY F 33 -37.64 52.73 -12.37
CA GLY F 33 -36.68 51.64 -12.44
C GLY F 33 -35.92 51.45 -11.14
N THR F 34 -35.25 50.31 -11.03
CA THR F 34 -34.44 49.99 -9.86
C THR F 34 -33.23 49.16 -10.27
N ALA F 35 -32.03 49.73 -10.08
CA ALA F 35 -30.79 49.06 -10.46
C ALA F 35 -29.72 49.22 -9.37
N ALA F 36 -28.96 48.16 -9.14
CA ALA F 36 -27.96 48.16 -8.07
C ALA F 36 -26.61 48.73 -8.48
N ASP F 37 -25.91 49.30 -7.50
CA ASP F 37 -24.57 49.83 -7.70
C ASP F 37 -23.53 48.78 -7.35
N TYR F 38 -22.84 48.27 -8.36
CA TYR F 38 -21.82 47.24 -8.19
C TYR F 38 -20.66 47.71 -7.31
N LYS F 39 -20.15 48.91 -7.59
CA LYS F 39 -18.95 49.42 -6.93
C LYS F 39 -19.06 49.46 -5.40
N SER F 40 -20.19 49.95 -4.90
CA SER F 40 -20.40 50.06 -3.48
C SER F 40 -20.74 48.71 -2.86
N THR F 41 -21.50 47.91 -3.61
CA THR F 41 -21.83 46.55 -3.18
C THR F 41 -20.57 45.72 -2.97
N GLN F 42 -19.64 45.83 -3.90
CA GLN F 42 -18.37 45.09 -3.82
C GLN F 42 -17.51 45.61 -2.67
N SER F 43 -17.53 46.93 -2.46
CA SER F 43 -16.76 47.55 -1.39
C SER F 43 -17.13 46.97 -0.03
N ALA F 44 -18.43 46.87 0.21
CA ALA F 44 -18.92 46.33 1.47
C ALA F 44 -18.63 44.83 1.58
N ILE F 45 -18.82 44.10 0.48
CA ILE F 45 -18.56 42.66 0.44
C ILE F 45 -17.08 42.35 0.69
N ASP F 46 -16.20 43.14 0.09
CA ASP F 46 -14.76 42.93 0.24
C ASP F 46 -14.31 43.12 1.68
N GLN F 47 -14.99 44.00 2.41
CA GLN F 47 -14.65 44.29 3.80
C GLN F 47 -15.20 43.23 4.75
N ILE F 48 -16.34 42.65 4.38
CA ILE F 48 -16.92 41.57 5.16
C ILE F 48 -16.10 40.29 4.95
N THR F 49 -15.63 40.08 3.72
CA THR F 49 -14.75 38.95 3.41
C THR F 49 -13.41 39.11 4.13
N GLY F 50 -12.95 40.35 4.22
CA GLY F 50 -11.71 40.66 4.92
C GLY F 50 -11.81 40.30 6.38
N LYS F 51 -13.01 40.47 6.95
CA LYS F 51 -13.26 40.03 8.32
C LYS F 51 -13.24 38.51 8.39
N LEU F 52 -13.78 37.87 7.36
CA LEU F 52 -13.87 36.42 7.32
C LEU F 52 -12.52 35.74 7.26
N ASN F 53 -11.66 36.21 6.36
CA ASN F 53 -10.35 35.61 6.16
C ASN F 53 -9.50 35.63 7.41
N ARG F 54 -9.61 36.73 8.15
CA ARG F 54 -8.80 36.96 9.35
C ARG F 54 -9.37 36.19 10.54
N LEU F 55 -10.68 36.00 10.56
CA LEU F 55 -11.34 35.28 11.66
C LEU F 55 -11.37 33.77 11.45
N ILE F 56 -11.22 33.33 10.20
CA ILE F 56 -11.04 31.90 9.94
C ILE F 56 -9.53 31.66 10.07
N GLU F 57 -9.13 31.52 11.33
CA GLU F 57 -7.72 31.50 11.70
C GLU F 57 -7.32 30.12 12.17
N LYS F 58 -6.13 29.68 11.76
CA LYS F 58 -5.61 28.40 12.20
C LYS F 58 -4.33 28.61 12.99
N THR F 59 -4.29 28.08 14.19
CA THR F 59 -3.06 28.14 14.99
C THR F 59 -2.23 26.89 14.73
N ASN F 60 -0.92 27.08 14.57
CA ASN F 60 -0.01 25.95 14.37
C ASN F 60 0.42 25.39 15.71
N GLN F 61 -0.21 25.88 16.78
CA GLN F 61 0.10 25.45 18.13
C GLN F 61 -0.58 24.13 18.46
N GLN F 62 0.23 23.11 18.75
CA GLN F 62 -0.30 21.80 19.09
C GLN F 62 -0.33 21.60 20.59
N PHE F 63 -1.47 21.15 21.10
CA PHE F 63 -1.62 20.82 22.50
C PHE F 63 -1.85 19.33 22.67
N GLU F 64 -1.15 18.73 23.64
CA GLU F 64 -1.31 17.30 23.89
C GLU F 64 -1.95 17.03 25.24
N LEU F 65 -2.14 15.76 25.56
CA LEU F 65 -2.80 15.35 26.79
C LEU F 65 -1.95 15.62 28.03
N ILE F 66 -2.59 16.20 29.05
CA ILE F 66 -1.99 16.27 30.38
C ILE F 66 -2.94 15.58 31.37
N ASP F 67 -4.14 15.29 30.88
CA ASP F 67 -5.14 14.52 31.62
C ASP F 67 -5.11 13.05 31.20
N ASN F 68 -5.96 12.27 31.86
CA ASN F 68 -6.20 10.89 31.46
C ASN F 68 -7.66 10.55 31.72
N GLU F 69 -8.33 10.04 30.68
CA GLU F 69 -9.76 9.78 30.73
C GLU F 69 -10.10 8.39 31.26
N PHE F 70 -9.16 7.46 31.11
CA PHE F 70 -9.40 6.07 31.48
C PHE F 70 -8.87 5.74 32.87
N THR F 71 -7.78 6.40 33.27
CA THR F 71 -7.22 6.20 34.60
C THR F 71 -6.90 7.54 35.25
N GLU F 72 -7.80 8.02 36.09
CA GLU F 72 -7.73 9.36 36.65
C GLU F 72 -6.40 9.63 37.34
N VAL F 73 -5.84 10.81 37.08
CA VAL F 73 -4.55 11.20 37.65
C VAL F 73 -4.68 11.50 39.13
N GLU F 74 -3.57 11.84 39.77
CA GLU F 74 -3.58 12.13 41.21
C GLU F 74 -4.44 13.35 41.51
N LYS F 75 -5.18 13.28 42.60
CA LYS F 75 -6.22 14.26 42.91
C LYS F 75 -5.76 15.71 42.91
N GLN F 76 -4.59 15.97 43.50
CA GLN F 76 -4.13 17.35 43.62
C GLN F 76 -3.70 17.93 42.28
N ILE F 77 -2.87 17.19 41.55
CA ILE F 77 -2.42 17.63 40.24
C ILE F 77 -3.58 17.69 39.25
N GLY F 78 -4.60 16.86 39.48
CA GLY F 78 -5.77 16.84 38.62
C GLY F 78 -6.65 18.05 38.85
N ASN F 79 -6.74 18.48 40.10
CA ASN F 79 -7.52 19.65 40.47
C ASN F 79 -6.88 20.95 39.97
N VAL F 80 -5.54 20.98 39.95
CA VAL F 80 -4.82 22.13 39.41
C VAL F 80 -5.02 22.24 37.90
N ILE F 81 -4.89 21.10 37.23
CA ILE F 81 -5.14 21.00 35.79
C ILE F 81 -6.57 21.39 35.44
N ASN F 82 -7.54 20.86 36.18
CA ASN F 82 -8.95 21.18 35.98
C ASN F 82 -9.23 22.66 36.25
N TRP F 83 -8.54 23.21 37.24
CA TRP F 83 -8.68 24.61 37.60
C TRP F 83 -8.07 25.53 36.53
N THR F 84 -6.91 25.12 36.01
CA THR F 84 -6.23 25.91 34.98
C THR F 84 -7.04 25.96 33.68
N ARG F 85 -7.50 24.79 33.24
CA ARG F 85 -8.30 24.68 32.02
C ARG F 85 -9.60 25.47 32.13
N ASP F 86 -10.25 25.38 33.29
CA ASP F 86 -11.49 26.11 33.53
C ASP F 86 -11.29 27.62 33.45
N SER F 87 -10.18 28.10 34.00
CA SER F 87 -9.89 29.53 33.99
C SER F 87 -9.58 30.04 32.59
N ILE F 88 -9.06 29.17 31.74
CA ILE F 88 -8.71 29.52 30.37
C ILE F 88 -9.93 29.43 29.44
N THR F 89 -10.79 28.44 29.68
CA THR F 89 -12.05 28.33 28.98
C THR F 89 -12.89 29.59 29.21
N GLU F 90 -12.87 30.09 30.45
CA GLU F 90 -13.52 31.34 30.78
C GLU F 90 -12.97 32.51 29.96
N VAL F 91 -11.65 32.51 29.72
CA VAL F 91 -11.02 33.58 28.95
C VAL F 91 -11.41 33.56 27.47
N TRP F 92 -11.32 32.40 26.84
CA TRP F 92 -11.69 32.26 25.44
C TRP F 92 -13.20 32.41 25.20
N SER F 93 -14.00 32.04 26.20
CA SER F 93 -15.44 32.22 26.11
C SER F 93 -15.78 33.71 26.15
N TYR F 94 -15.01 34.46 26.93
CA TYR F 94 -15.14 35.91 26.99
C TYR F 94 -14.66 36.54 25.67
N ASN F 95 -13.45 36.17 25.26
CA ASN F 95 -12.86 36.70 24.03
C ASN F 95 -13.76 36.50 22.82
N ALA F 96 -14.32 35.30 22.71
CA ALA F 96 -15.19 34.98 21.58
C ALA F 96 -16.47 35.81 21.62
N GLU F 97 -17.05 35.93 22.82
CA GLU F 97 -18.26 36.70 23.02
C GLU F 97 -18.06 38.18 22.65
N LEU F 98 -16.92 38.72 23.07
CA LEU F 98 -16.58 40.13 22.83
C LEU F 98 -16.23 40.36 21.37
N LEU F 99 -15.43 39.46 20.81
CA LEU F 99 -14.95 39.56 19.43
C LEU F 99 -16.10 39.69 18.44
N VAL F 100 -17.06 38.78 18.56
CA VAL F 100 -18.20 38.75 17.67
C VAL F 100 -19.09 39.99 17.84
N ALA F 101 -19.38 40.34 19.09
CA ALA F 101 -20.23 41.49 19.38
C ALA F 101 -19.60 42.78 18.88
N MET F 102 -18.28 42.81 18.87
CA MET F 102 -17.52 43.98 18.43
C MET F 102 -17.49 44.07 16.91
N GLU F 103 -17.20 42.95 16.27
CA GLU F 103 -17.18 42.89 14.82
C GLU F 103 -18.57 43.13 14.24
N ASN F 104 -19.58 42.55 14.87
CA ASN F 104 -20.96 42.77 14.43
C ASN F 104 -21.32 44.25 14.51
N GLN F 105 -20.88 44.90 15.58
CA GLN F 105 -21.13 46.33 15.76
C GLN F 105 -20.44 47.09 14.66
N HIS F 106 -19.24 46.63 14.30
CA HIS F 106 -18.46 47.29 13.27
C HIS F 106 -19.04 47.05 11.87
N THR F 107 -19.50 45.82 11.63
CA THR F 107 -20.07 45.45 10.34
C THR F 107 -21.32 46.27 10.01
N ILE F 108 -22.22 46.37 10.98
CA ILE F 108 -23.43 47.19 10.83
C ILE F 108 -23.06 48.65 10.50
N ASP F 109 -22.21 49.23 11.34
CA ASP F 109 -21.79 50.62 11.16
C ASP F 109 -21.06 50.83 9.83
N LEU F 110 -20.32 49.82 9.39
CA LEU F 110 -19.57 49.89 8.15
C LEU F 110 -20.48 49.99 6.93
N ALA F 111 -21.45 49.08 6.85
CA ALA F 111 -22.38 49.06 5.73
C ALA F 111 -23.26 50.30 5.77
N ASP F 112 -23.55 50.76 6.99
CA ASP F 112 -24.30 51.98 7.21
C ASP F 112 -23.60 53.18 6.59
N SER F 113 -22.28 53.23 6.73
CA SER F 113 -21.50 54.36 6.21
C SER F 113 -21.30 54.29 4.69
N GLU F 114 -21.22 53.08 4.15
CA GLU F 114 -21.04 52.89 2.70
C GLU F 114 -22.26 53.40 1.94
N MET F 115 -23.43 53.24 2.54
CA MET F 115 -24.65 53.77 1.95
C MET F 115 -24.63 55.30 1.97
N ASP F 116 -24.31 55.85 3.15
CA ASP F 116 -24.27 57.29 3.33
C ASP F 116 -23.29 57.94 2.36
N LYS F 117 -22.11 57.33 2.24
CA LYS F 117 -21.07 57.78 1.30
C LYS F 117 -21.64 57.94 -0.10
N LEU F 118 -22.32 56.91 -0.56
CA LEU F 118 -22.92 56.88 -1.90
C LEU F 118 -23.95 58.00 -2.05
N TYR F 119 -24.76 58.20 -1.02
CA TYR F 119 -25.76 59.26 -1.01
C TYR F 119 -25.09 60.62 -1.12
N GLU F 120 -23.95 60.77 -0.44
CA GLU F 120 -23.20 62.03 -0.48
C GLU F 120 -22.58 62.22 -1.86
N ARG F 121 -22.23 61.12 -2.52
CA ARG F 121 -21.56 61.20 -3.81
C ARG F 121 -22.50 61.68 -4.91
N VAL F 122 -23.71 61.13 -4.93
CA VAL F 122 -24.74 61.56 -5.87
C VAL F 122 -25.08 63.03 -5.63
N LYS F 123 -25.15 63.40 -4.35
CA LYS F 123 -25.40 64.78 -3.96
C LYS F 123 -24.36 65.74 -4.56
N ARG F 124 -23.10 65.31 -4.59
CA ARG F 124 -22.03 66.13 -5.16
C ARG F 124 -22.13 66.25 -6.68
N GLN F 125 -22.73 65.24 -7.32
CA GLN F 125 -22.87 65.23 -8.78
C GLN F 125 -23.92 66.24 -9.26
N LEU F 126 -25.09 66.19 -8.65
CA LEU F 126 -26.23 67.01 -9.07
C LEU F 126 -26.04 68.48 -8.73
N ARG F 127 -25.27 68.73 -7.67
CA ARG F 127 -24.93 70.08 -7.23
C ARG F 127 -26.16 70.98 -6.99
N GLU F 128 -26.48 71.81 -7.97
CA GLU F 128 -27.57 72.79 -7.83
C GLU F 128 -28.87 72.34 -8.48
N ASN F 129 -28.83 71.22 -9.19
CA ASN F 129 -29.98 70.80 -9.98
C ASN F 129 -31.06 70.05 -9.19
N ALA F 130 -30.73 69.64 -7.97
CA ALA F 130 -31.69 68.89 -7.16
C ALA F 130 -31.67 69.29 -5.68
N GLU F 131 -32.62 68.74 -4.92
CA GLU F 131 -32.71 69.01 -3.48
C GLU F 131 -33.11 67.75 -2.71
N GLU F 132 -32.78 67.73 -1.42
CA GLU F 132 -33.03 66.55 -0.58
C GLU F 132 -34.49 66.41 -0.15
N ASP F 133 -35.07 65.24 -0.40
CA ASP F 133 -36.45 64.97 -0.01
C ASP F 133 -36.55 64.63 1.47
N GLY F 134 -35.41 64.29 2.07
CA GLY F 134 -35.36 63.92 3.47
C GLY F 134 -35.57 62.43 3.72
N THR F 135 -35.75 61.66 2.65
CA THR F 135 -35.97 60.23 2.79
C THR F 135 -34.94 59.42 2.02
N GLY F 136 -33.86 60.10 1.61
CA GLY F 136 -32.80 59.44 0.88
C GLY F 136 -32.93 59.59 -0.63
N CYS F 137 -33.84 60.47 -1.06
CA CYS F 137 -34.03 60.72 -2.49
C CYS F 137 -33.74 62.16 -2.86
N PHE F 138 -33.43 62.38 -4.13
CA PHE F 138 -33.19 63.71 -4.65
C PHE F 138 -34.29 64.10 -5.63
N GLU F 139 -34.93 65.24 -5.38
CA GLU F 139 -35.91 65.77 -6.30
C GLU F 139 -35.24 66.62 -7.37
N ILE F 140 -35.18 66.07 -8.58
CA ILE F 140 -34.50 66.71 -9.69
C ILE F 140 -35.38 67.80 -10.29
N PHE F 141 -34.88 69.04 -10.32
CA PHE F 141 -35.68 70.13 -10.88
C PHE F 141 -35.47 70.37 -12.37
N HIS F 142 -35.16 69.30 -13.09
CA HIS F 142 -35.29 69.28 -14.54
C HIS F 142 -35.93 67.95 -14.95
N LYS F 143 -36.00 67.69 -16.24
CA LYS F 143 -36.56 66.44 -16.71
C LYS F 143 -35.47 65.39 -16.94
N CYS F 144 -35.66 64.22 -16.34
CA CYS F 144 -34.62 63.20 -16.35
C CYS F 144 -35.11 61.88 -16.96
N ASP F 145 -34.87 61.73 -18.26
CA ASP F 145 -35.20 60.51 -18.98
C ASP F 145 -34.31 59.36 -18.49
N ASP F 146 -34.59 58.15 -18.97
CA ASP F 146 -33.86 56.97 -18.53
C ASP F 146 -32.34 57.06 -18.79
N ASP F 147 -31.96 57.75 -19.87
CA ASP F 147 -30.55 57.95 -20.17
C ASP F 147 -29.94 58.98 -19.24
N CYS F 148 -30.76 59.91 -18.77
CA CYS F 148 -30.33 60.89 -17.79
C CYS F 148 -30.11 60.20 -16.44
N MET F 149 -31.03 59.32 -16.05
CA MET F 149 -30.89 58.55 -14.83
C MET F 149 -29.62 57.70 -14.86
N ALA F 150 -29.43 57.02 -15.99
CA ALA F 150 -28.24 56.18 -16.20
C ALA F 150 -26.95 56.97 -16.05
N SER F 151 -26.93 58.21 -16.56
CA SER F 151 -25.76 59.06 -16.49
C SER F 151 -25.41 59.41 -15.04
N ILE F 152 -26.45 59.49 -14.20
CA ILE F 152 -26.25 59.72 -12.77
C ILE F 152 -25.72 58.45 -12.12
N ARG F 153 -26.31 57.32 -12.47
CA ARG F 153 -25.92 56.03 -11.90
C ARG F 153 -24.50 55.63 -12.28
N ASN F 154 -24.11 55.88 -13.53
CA ASN F 154 -22.76 55.51 -13.97
C ASN F 154 -21.76 56.67 -13.92
N ASN F 155 -22.12 57.68 -13.14
CA ASN F 155 -21.21 58.76 -12.75
C ASN F 155 -20.75 59.68 -13.89
N THR F 156 -21.52 59.74 -14.97
CA THR F 156 -21.15 60.56 -16.12
C THR F 156 -22.06 61.78 -16.29
N TYR F 157 -23.05 61.90 -15.40
CA TYR F 157 -23.98 63.03 -15.42
C TYR F 157 -23.27 64.39 -15.33
N ASP F 158 -23.52 65.26 -16.30
CA ASP F 158 -23.04 66.64 -16.25
C ASP F 158 -24.15 67.57 -15.75
N HIS F 159 -23.89 68.35 -14.69
CA HIS F 159 -24.93 69.26 -14.17
C HIS F 159 -25.01 70.59 -14.89
N SER F 160 -23.96 70.99 -15.60
CA SER F 160 -23.97 72.28 -16.29
C SER F 160 -25.05 72.29 -17.38
N LYS F 161 -25.19 71.14 -18.04
CA LYS F 161 -26.17 70.96 -19.10
C LYS F 161 -27.59 71.30 -18.66
N TYR F 162 -27.90 71.05 -17.40
CA TYR F 162 -29.24 71.26 -16.87
C TYR F 162 -29.29 72.34 -15.79
N ARG F 163 -28.13 72.94 -15.51
CA ARG F 163 -28.01 73.93 -14.44
C ARG F 163 -28.98 75.10 -14.61
N GLU F 164 -28.90 75.76 -15.77
CA GLU F 164 -29.73 76.94 -16.06
C GLU F 164 -31.22 76.63 -15.88
N GLU F 165 -31.65 75.51 -16.45
CA GLU F 165 -33.05 75.09 -16.38
C GLU F 165 -33.48 74.71 -14.96
N ALA F 166 -32.66 73.91 -14.29
CA ALA F 166 -32.97 73.43 -12.95
C ALA F 166 -33.06 74.56 -11.94
N MET F 167 -32.14 75.52 -12.04
CA MET F 167 -32.16 76.69 -11.17
C MET F 167 -33.36 77.57 -11.46
N GLN F 168 -33.80 77.54 -12.72
CA GLN F 168 -34.93 78.34 -13.14
C GLN F 168 -36.20 77.87 -12.43
N ASN F 169 -36.35 76.56 -12.27
CA ASN F 169 -37.44 75.99 -11.48
C ASN F 169 -37.14 76.14 -9.98
N ARG F 170 -36.98 77.39 -9.54
CA ARG F 170 -36.64 77.68 -8.16
C ARG F 170 -37.76 77.28 -7.22
#